data_3SBF
#
_entry.id   3SBF
#
_cell.length_a   163.372
_cell.length_b   163.372
_cell.length_c   110.412
_cell.angle_alpha   90.00
_cell.angle_beta   90.00
_cell.angle_gamma   90.00
#
_symmetry.space_group_name_H-M   'P 42 21 2'
#
loop_
_entity.id
_entity.type
_entity.pdbx_description
1 polymer 'mandelate racemase / muconate lactonizing enzyme'
2 non-polymer 'MAGNESIUM ION'
3 non-polymer '4-(2-HYDROXYETHYL)-1-PIPERAZINE ETHANESULFONIC ACID'
4 non-polymer 'D-arabinonic acid'
5 water water
#
_entity_poly.entity_id   1
_entity_poly.type   'polypeptide(L)'
_entity_poly.pdbx_seq_one_letter_code
;MSLKETIISDIHCIITKPDRHNLITVVVETNEGVTGFGCATFQQRPLAVKTMVDEYLKPILIGKNANNIEDLWQMMMVNA
YWRNGPVINNAISGVDMALWDIKAKLAGMPLHQLFGGKSRDAIPVYTHATSDTMEGIYDLVEGFLEKGYKHIRCQLGFYG
GVPTDLHTTQNPTEGSYYDQDQYMDNTLTMFKSLREKYGNQFHILHDVHERLFPNQAIQFAKEVEQYKPYFIEDILPPNQ
TEWLDNIRSQSSVSLGLGELFNNPEEWKSLIANRRIDFIRCHVSQIGGITPALKLGHLCQNFGVRIAWHCAPDMTPIGAA
VNTHLNVHLHNAAIQEHVEYNGNTHKVFPNAAEPINGYLYASEIAGIGVEIDREAAAEFPVMYRPHEWTQSRLPDGAIHT
P
;
_entity_poly.pdbx_strand_id   A,B,C,D
#
loop_
_chem_comp.id
_chem_comp.type
_chem_comp.name
_chem_comp.formula
D8T non-polymer 'D-arabinonic acid' 'C5 H10 O6'
EPE non-polymer '4-(2-HYDROXYETHYL)-1-PIPERAZINE ETHANESULFONIC ACID' 'C8 H18 N2 O4 S'
MG non-polymer 'MAGNESIUM ION' 'Mg 2'
#
# COMPACT_ATOMS: atom_id res chain seq x y z
N GLU A 5 -2.49 24.83 19.60
CA GLU A 5 -3.63 24.56 18.71
C GLU A 5 -3.79 25.70 17.72
N THR A 6 -4.20 25.35 16.50
CA THR A 6 -4.56 26.37 15.51
C THR A 6 -6.05 26.27 15.23
N ILE A 7 -6.83 27.15 15.83
CA ILE A 7 -8.28 27.03 15.78
C ILE A 7 -8.86 27.64 14.51
N ILE A 8 -9.67 26.86 13.82
CA ILE A 8 -10.33 27.33 12.61
C ILE A 8 -11.42 28.35 12.94
N SER A 9 -11.36 29.52 12.30
CA SER A 9 -12.30 30.59 12.63
C SER A 9 -13.39 30.76 11.58
N ASP A 10 -13.10 30.42 10.34
CA ASP A 10 -14.08 30.53 9.27
C ASP A 10 -13.64 29.71 8.07
N ILE A 11 -14.61 29.41 7.20
CA ILE A 11 -14.39 28.66 5.97
C ILE A 11 -15.11 29.40 4.84
N HIS A 12 -14.40 29.67 3.76
CA HIS A 12 -15.02 30.22 2.55
C HIS A 12 -14.81 29.28 1.37
N CYS A 13 -15.73 29.34 0.42
CA CYS A 13 -15.62 28.59 -0.82
C CYS A 13 -15.91 29.55 -1.95
N ILE A 14 -14.90 29.81 -2.77
CA ILE A 14 -14.98 30.78 -3.84
C ILE A 14 -14.96 30.10 -5.19
N ILE A 15 -15.96 30.36 -6.02
CA ILE A 15 -15.95 29.94 -7.41
C ILE A 15 -15.51 31.13 -8.26
N THR A 16 -14.55 30.91 -9.15
CA THR A 16 -14.08 31.97 -10.04
C THR A 16 -13.79 31.42 -11.43
N LYS A 17 -14.05 32.23 -12.46
CA LYS A 17 -13.91 31.77 -13.84
C LYS A 17 -13.06 32.71 -14.67
N PRO A 18 -11.74 32.76 -14.38
CA PRO A 18 -10.89 33.70 -15.14
C PRO A 18 -10.68 33.28 -16.60
N ASP A 19 -10.90 32.01 -16.89
CA ASP A 19 -10.69 31.47 -18.23
C ASP A 19 -11.96 30.70 -18.59
N ARG A 20 -11.80 29.52 -19.17
CA ARG A 20 -12.95 28.73 -19.60
C ARG A 20 -13.63 27.98 -18.45
N HIS A 21 -12.96 27.91 -17.30
CA HIS A 21 -13.32 26.94 -16.30
C HIS A 21 -13.73 27.51 -14.95
N ASN A 22 -14.83 27.01 -14.44
CA ASN A 22 -15.24 27.37 -13.09
C ASN A 22 -14.30 26.71 -12.09
N LEU A 23 -13.45 27.52 -11.47
CA LEU A 23 -12.45 27.00 -10.53
C LEU A 23 -12.98 27.19 -9.12
N ILE A 24 -12.60 26.30 -8.21
CA ILE A 24 -13.17 26.34 -6.88
C ILE A 24 -12.05 26.29 -5.85
N THR A 25 -12.02 27.28 -4.98
CA THR A 25 -11.00 27.41 -3.95
C THR A 25 -11.64 27.43 -2.58
N VAL A 26 -11.08 26.67 -1.64
CA VAL A 26 -11.52 26.75 -0.26
C VAL A 26 -10.51 27.56 0.54
N VAL A 27 -11.01 28.48 1.36
CA VAL A 27 -10.17 29.28 2.24
C VAL A 27 -10.47 28.91 3.68
N VAL A 28 -9.44 28.55 4.44
CA VAL A 28 -9.60 28.27 5.86
C VAL A 28 -8.92 29.38 6.67
N GLU A 29 -9.71 30.10 7.45
CA GLU A 29 -9.18 31.18 8.28
C GLU A 29 -8.96 30.70 9.70
N THR A 30 -8.02 31.32 10.41
CA THR A 30 -7.67 30.89 11.76
C THR A 30 -7.54 32.09 12.68
N ASN A 31 -7.53 31.82 13.98
CA ASN A 31 -7.30 32.84 14.99
C ASN A 31 -5.81 33.15 15.16
N GLU A 32 -4.96 32.37 14.50
CA GLU A 32 -3.51 32.57 14.55
C GLU A 32 -3.05 33.45 13.40
N GLY A 33 -3.99 34.15 12.79
CA GLY A 33 -3.72 35.03 11.66
C GLY A 33 -3.37 34.28 10.38
N VAL A 34 -3.06 32.98 10.52
CA VAL A 34 -2.60 32.18 9.39
C VAL A 34 -3.77 31.79 8.51
N THR A 35 -3.60 31.84 7.19
CA THR A 35 -4.70 31.51 6.30
C THR A 35 -4.32 30.43 5.30
N GLY A 36 -5.22 29.44 5.15
CA GLY A 36 -4.96 28.33 4.25
C GLY A 36 -5.81 28.36 2.99
N PHE A 37 -5.22 27.92 1.87
CA PHE A 37 -5.92 27.88 0.59
C PHE A 37 -5.83 26.47 -0.04
N GLY A 38 -6.92 25.99 -0.61
CA GLY A 38 -6.93 24.68 -1.21
C GLY A 38 -7.83 24.58 -2.44
N CYS A 39 -7.62 23.56 -3.26
CA CYS A 39 -8.40 23.36 -4.47
C CYS A 39 -9.51 22.34 -4.28
N ALA A 40 -10.73 22.73 -4.66
CA ALA A 40 -11.89 21.86 -4.60
C ALA A 40 -12.56 21.74 -5.97
N THR A 41 -11.76 21.83 -7.04
CA THR A 41 -12.34 22.08 -8.34
C THR A 41 -12.92 20.83 -9.00
N PHE A 42 -14.24 20.79 -9.05
CA PHE A 42 -15.02 19.87 -9.88
C PHE A 42 -15.74 20.81 -10.85
N GLN A 43 -15.11 21.09 -11.99
CA GLN A 43 -15.52 22.20 -12.84
C GLN A 43 -16.97 22.09 -13.37
N GLN A 44 -17.42 20.87 -13.62
CA GLN A 44 -18.73 20.66 -14.24
C GLN A 44 -19.90 20.88 -13.28
N ARG A 45 -19.63 20.84 -11.98
CA ARG A 45 -20.69 20.96 -10.98
C ARG A 45 -20.30 21.86 -9.81
N PRO A 46 -19.80 23.07 -10.09
CA PRO A 46 -19.21 23.89 -9.03
C PRO A 46 -20.17 24.28 -7.92
N LEU A 47 -21.43 24.56 -8.24
CA LEU A 47 -22.36 24.99 -7.22
C LEU A 47 -22.65 23.88 -6.22
N ALA A 48 -22.56 22.62 -6.65
CA ALA A 48 -22.80 21.52 -5.75
C ALA A 48 -21.65 21.41 -4.75
N VAL A 49 -20.42 21.57 -5.23
CA VAL A 49 -19.28 21.60 -4.32
C VAL A 49 -19.39 22.74 -3.33
N LYS A 50 -19.75 23.93 -3.81
CA LYS A 50 -19.87 25.10 -2.92
C LYS A 50 -20.95 24.88 -1.87
N THR A 51 -22.08 24.32 -2.27
CA THR A 51 -23.14 23.97 -1.33
C THR A 51 -22.59 23.03 -0.26
N MET A 52 -21.84 22.03 -0.71
CA MET A 52 -21.26 21.06 0.21
C MET A 52 -20.35 21.73 1.22
N VAL A 53 -19.47 22.63 0.76
CA VAL A 53 -18.55 23.29 1.69
C VAL A 53 -19.29 24.22 2.64
N ASP A 54 -20.14 25.07 2.09
CA ASP A 54 -20.79 26.13 2.85
C ASP A 54 -21.81 25.61 3.86
N GLU A 55 -22.63 24.65 3.45
CA GLU A 55 -23.73 24.20 4.30
C GLU A 55 -23.33 23.05 5.21
N TYR A 56 -22.33 22.26 4.81
CA TYR A 56 -22.10 20.98 5.47
C TYR A 56 -20.72 20.79 6.10
N LEU A 57 -19.66 21.19 5.41
CA LEU A 57 -18.32 21.06 6.00
C LEU A 57 -18.06 22.19 6.99
N LYS A 58 -18.43 23.42 6.65
CA LYS A 58 -18.16 24.54 7.54
C LYS A 58 -18.57 24.29 9.00
N PRO A 59 -19.83 23.87 9.22
CA PRO A 59 -20.26 23.69 10.62
C PRO A 59 -19.47 22.61 11.37
N ILE A 60 -18.92 21.62 10.68
CA ILE A 60 -18.16 20.59 11.38
C ILE A 60 -16.67 20.94 11.50
N LEU A 61 -16.28 22.11 11.01
CA LEU A 61 -14.89 22.52 11.04
C LEU A 61 -14.64 23.73 11.96
N ILE A 62 -15.62 24.63 12.07
CA ILE A 62 -15.42 25.84 12.86
C ILE A 62 -15.11 25.48 14.31
N GLY A 63 -14.01 26.04 14.83
CA GLY A 63 -13.63 25.84 16.22
C GLY A 63 -12.71 24.66 16.46
N LYS A 64 -12.45 23.88 15.42
CA LYS A 64 -11.60 22.70 15.54
C LYS A 64 -10.13 23.05 15.32
N ASN A 65 -9.26 22.19 15.84
CA ASN A 65 -7.81 22.37 15.73
C ASN A 65 -7.28 21.91 14.37
N ALA A 66 -6.86 22.87 13.55
CA ALA A 66 -6.40 22.60 12.20
C ALA A 66 -5.12 21.76 12.15
N ASN A 67 -4.37 21.75 13.23
CA ASN A 67 -3.12 20.99 13.25
C ASN A 67 -3.33 19.51 12.94
N ASN A 68 -4.44 18.97 13.42
CA ASN A 68 -4.67 17.53 13.27
C ASN A 68 -5.38 17.18 11.98
N ILE A 69 -4.65 17.37 10.88
CA ILE A 69 -5.19 17.17 9.55
C ILE A 69 -5.73 15.76 9.38
N GLU A 70 -4.99 14.78 9.87
CA GLU A 70 -5.35 13.37 9.67
C GLU A 70 -6.70 13.08 10.34
N ASP A 71 -6.87 13.53 11.58
CA ASP A 71 -8.17 13.33 12.24
C ASP A 71 -9.28 13.99 11.47
N LEU A 72 -9.06 15.25 11.08
CA LEU A 72 -10.10 16.00 10.41
C LEU A 72 -10.45 15.35 9.07
N TRP A 73 -9.46 14.78 8.40
CA TRP A 73 -9.71 14.10 7.15
C TRP A 73 -10.55 12.86 7.37
N GLN A 74 -10.14 12.03 8.33
CA GLN A 74 -10.90 10.80 8.59
C GLN A 74 -12.34 11.12 8.99
N MET A 75 -12.50 12.19 9.77
CA MET A 75 -13.81 12.61 10.25
C MET A 75 -14.65 13.13 9.09
N MET A 76 -14.10 14.04 8.30
CA MET A 76 -14.86 14.55 7.15
C MET A 76 -15.29 13.44 6.21
N MET A 77 -14.39 12.50 5.94
CA MET A 77 -14.67 11.50 4.90
C MET A 77 -15.92 10.67 5.16
N VAL A 78 -16.22 10.40 6.43
CA VAL A 78 -17.39 9.59 6.76
C VAL A 78 -18.55 10.41 7.33
N ASN A 79 -18.39 11.73 7.38
CA ASN A 79 -19.36 12.56 8.08
C ASN A 79 -20.79 12.53 7.53
N ALA A 80 -20.94 12.22 6.24
CA ALA A 80 -22.26 12.17 5.63
C ALA A 80 -22.81 10.75 5.60
N TYR A 81 -22.10 9.85 6.28
CA TYR A 81 -22.37 8.40 6.25
C TYR A 81 -22.07 7.83 4.86
N TRP A 82 -22.93 8.11 3.89
CA TRP A 82 -22.55 7.83 2.51
C TRP A 82 -21.36 8.70 2.16
N ARG A 83 -20.52 8.18 1.27
CA ARG A 83 -19.21 8.77 1.08
C ARG A 83 -18.65 8.48 -0.30
N ASN A 84 -17.42 8.95 -0.51
CA ASN A 84 -16.77 8.92 -1.81
C ASN A 84 -17.53 9.79 -2.82
N GLY A 85 -17.12 9.77 -4.08
CA GLY A 85 -17.81 10.58 -5.06
C GLY A 85 -17.19 11.95 -5.22
N PRO A 86 -17.39 12.55 -6.39
CA PRO A 86 -16.71 13.79 -6.76
C PRO A 86 -17.17 15.02 -5.99
N VAL A 87 -18.44 15.10 -5.60
CA VAL A 87 -18.88 16.29 -4.89
C VAL A 87 -18.31 16.37 -3.48
N ILE A 88 -18.51 15.31 -2.69
CA ILE A 88 -17.98 15.29 -1.34
C ILE A 88 -16.46 15.35 -1.33
N ASN A 89 -15.81 14.51 -2.15
CA ASN A 89 -14.37 14.47 -2.11
C ASN A 89 -13.69 15.77 -2.47
N ASN A 90 -14.22 16.47 -3.47
CA ASN A 90 -13.65 17.75 -3.84
C ASN A 90 -13.80 18.79 -2.74
N ALA A 91 -14.97 18.83 -2.12
CA ALA A 91 -15.17 19.71 -0.97
C ALA A 91 -14.12 19.45 0.11
N ILE A 92 -13.95 18.18 0.45
CA ILE A 92 -13.00 17.77 1.47
C ILE A 92 -11.58 18.13 1.05
N SER A 93 -11.25 17.89 -0.22
CA SER A 93 -9.93 18.23 -0.74
C SER A 93 -9.59 19.70 -0.49
N GLY A 94 -10.53 20.59 -0.77
CA GLY A 94 -10.27 22.02 -0.59
C GLY A 94 -9.85 22.30 0.84
N VAL A 95 -10.57 21.72 1.78
CA VAL A 95 -10.23 21.87 3.19
C VAL A 95 -8.88 21.22 3.49
N ASP A 96 -8.72 19.96 3.09
CA ASP A 96 -7.47 19.23 3.34
C ASP A 96 -6.23 19.99 2.86
N MET A 97 -6.28 20.47 1.62
CA MET A 97 -5.16 21.22 1.09
C MET A 97 -4.92 22.49 1.86
N ALA A 98 -5.99 23.18 2.25
CA ALA A 98 -5.85 24.41 3.00
C ALA A 98 -5.26 24.16 4.38
N LEU A 99 -5.59 23.02 4.99
CA LEU A 99 -4.98 22.68 6.27
C LEU A 99 -3.50 22.37 6.12
N TRP A 100 -3.15 21.65 5.07
CA TRP A 100 -1.74 21.45 4.75
C TRP A 100 -1.00 22.78 4.52
N ASP A 101 -1.67 23.72 3.85
CA ASP A 101 -1.09 25.03 3.57
C ASP A 101 -0.79 25.74 4.89
N ILE A 102 -1.76 25.72 5.81
CA ILE A 102 -1.60 26.28 7.15
C ILE A 102 -0.42 25.66 7.91
N LYS A 103 -0.33 24.34 7.90
CA LYS A 103 0.74 23.63 8.60
C LYS A 103 2.09 24.04 8.05
N ALA A 104 2.19 24.07 6.72
CA ALA A 104 3.45 24.44 6.08
C ALA A 104 3.81 25.89 6.39
N LYS A 105 2.82 26.77 6.38
CA LYS A 105 3.07 28.16 6.76
C LYS A 105 3.55 28.27 8.22
N LEU A 106 2.95 27.51 9.13
CA LEU A 106 3.37 27.58 10.53
C LEU A 106 4.79 27.05 10.72
N ALA A 107 5.15 26.06 9.92
CA ALA A 107 6.51 25.48 9.91
C ALA A 107 7.51 26.39 9.22
N GLY A 108 7.00 27.37 8.47
CA GLY A 108 7.85 28.22 7.65
C GLY A 108 8.55 27.46 6.53
N MET A 109 7.91 26.40 6.03
CA MET A 109 8.51 25.52 5.04
C MET A 109 7.61 25.39 3.80
N PRO A 110 8.24 25.16 2.63
CA PRO A 110 7.47 24.75 1.46
C PRO A 110 6.76 23.42 1.77
N LEU A 111 5.58 23.22 1.19
CA LEU A 111 4.79 22.04 1.48
C LEU A 111 5.59 20.73 1.38
N HIS A 112 6.36 20.57 0.30
CA HIS A 112 7.04 19.30 0.11
C HIS A 112 8.04 19.02 1.22
N GLN A 113 8.54 20.07 1.87
CA GLN A 113 9.48 19.86 2.97
C GLN A 113 8.83 19.22 4.21
N LEU A 114 7.55 19.52 4.47
CA LEU A 114 6.83 18.83 5.54
C LEU A 114 6.84 17.32 5.35
N PHE A 115 6.66 16.89 4.09
CA PHE A 115 6.49 15.47 3.74
C PHE A 115 7.74 14.65 3.98
N GLY A 116 8.89 15.31 4.04
CA GLY A 116 10.17 14.63 4.10
C GLY A 116 11.15 15.17 3.07
N GLY A 117 10.76 16.22 2.33
CA GLY A 117 11.70 16.87 1.43
C GLY A 117 11.76 16.25 0.05
N LYS A 118 12.74 16.67 -0.75
CA LYS A 118 12.78 16.25 -2.15
C LYS A 118 13.40 14.85 -2.32
N SER A 119 12.92 14.12 -3.33
CA SER A 119 13.62 12.93 -3.77
C SER A 119 13.94 13.05 -5.26
N ARG A 120 13.70 14.23 -5.82
CA ARG A 120 14.20 14.60 -7.15
C ARG A 120 14.38 16.11 -7.18
N ASP A 121 15.07 16.62 -8.19
CA ASP A 121 15.36 18.06 -8.21
C ASP A 121 14.18 18.86 -8.76
N ALA A 122 13.45 18.26 -9.69
CA ALA A 122 12.27 18.88 -10.28
C ALA A 122 11.54 17.77 -11.01
N ILE A 123 10.29 18.01 -11.39
CA ILE A 123 9.53 16.97 -12.07
C ILE A 123 9.40 17.27 -13.56
N PRO A 124 9.65 16.25 -14.40
CA PRO A 124 9.49 16.48 -15.84
C PRO A 124 8.05 16.80 -16.17
N VAL A 125 7.84 17.44 -17.32
CA VAL A 125 6.50 17.87 -17.72
C VAL A 125 6.16 17.33 -19.10
N TYR A 126 4.92 16.91 -19.30
CA TYR A 126 4.44 16.64 -20.65
C TYR A 126 3.38 17.63 -21.07
N THR A 127 3.47 18.07 -22.33
CA THR A 127 2.54 19.04 -22.92
C THR A 127 1.56 18.35 -23.86
N HIS A 128 0.73 19.15 -24.52
CA HIS A 128 -0.35 18.62 -25.36
C HIS A 128 -0.28 19.16 -26.78
N ALA A 129 -0.28 18.26 -27.75
CA ALA A 129 -0.29 18.65 -29.16
C ALA A 129 -1.42 17.93 -29.88
N THR A 130 -2.52 18.65 -30.08
CA THR A 130 -3.68 18.12 -30.79
C THR A 130 -3.92 18.95 -32.03
N SER A 131 -4.08 18.29 -33.17
CA SER A 131 -4.35 19.02 -34.40
C SER A 131 -5.12 18.12 -35.38
N ASP A 132 -5.79 18.75 -36.35
CA ASP A 132 -6.51 17.99 -37.36
C ASP A 132 -5.62 17.41 -38.46
N THR A 133 -4.36 17.86 -38.52
CA THR A 133 -3.40 17.31 -39.48
C THR A 133 -2.06 16.97 -38.83
N MET A 134 -1.35 16.04 -39.45
CA MET A 134 0.00 15.75 -38.98
C MET A 134 0.89 16.98 -39.01
N GLU A 135 0.79 17.79 -40.06
CA GLU A 135 1.57 19.02 -40.14
C GLU A 135 1.31 19.94 -38.95
N GLY A 136 0.04 20.03 -38.54
CA GLY A 136 -0.32 20.83 -37.39
C GLY A 136 0.34 20.28 -36.13
N ILE A 137 0.37 18.96 -36.00
CA ILE A 137 1.06 18.34 -34.86
C ILE A 137 2.55 18.62 -34.91
N TYR A 138 3.16 18.47 -36.08
CA TYR A 138 4.60 18.73 -36.21
C TYR A 138 4.97 20.13 -35.75
N ASP A 139 4.14 21.11 -36.12
CA ASP A 139 4.41 22.51 -35.77
C ASP A 139 4.36 22.71 -34.26
N LEU A 140 3.37 22.10 -33.62
CA LEU A 140 3.22 22.18 -32.17
C LEU A 140 4.37 21.48 -31.46
N VAL A 141 4.66 20.27 -31.91
CA VAL A 141 5.77 19.48 -31.38
C VAL A 141 7.08 20.26 -31.45
N GLU A 142 7.38 20.82 -32.60
CA GLU A 142 8.63 21.53 -32.75
C GLU A 142 8.76 22.74 -31.81
N GLY A 143 7.66 23.45 -31.60
CA GLY A 143 7.64 24.53 -30.63
C GLY A 143 7.92 24.05 -29.22
N PHE A 144 7.38 22.89 -28.87
CA PHE A 144 7.61 22.32 -27.54
C PHE A 144 9.04 21.82 -27.38
N LEU A 145 9.57 21.15 -28.40
CA LEU A 145 10.94 20.67 -28.34
C LEU A 145 11.92 21.82 -28.17
N GLU A 146 11.64 22.92 -28.87
CA GLU A 146 12.49 24.11 -28.77
C GLU A 146 12.51 24.66 -27.35
N LYS A 147 11.41 24.45 -26.62
CA LYS A 147 11.30 24.94 -25.24
C LYS A 147 11.87 23.95 -24.21
N GLY A 148 12.36 22.81 -24.68
CA GLY A 148 12.98 21.86 -23.78
C GLY A 148 12.11 20.70 -23.29
N TYR A 149 10.86 20.62 -23.75
CA TYR A 149 10.02 19.47 -23.42
C TYR A 149 10.52 18.19 -24.12
N LYS A 150 10.43 17.07 -23.43
CA LYS A 150 10.88 15.78 -23.97
C LYS A 150 9.75 14.76 -23.98
N HIS A 151 8.55 15.20 -23.58
CA HIS A 151 7.38 14.35 -23.50
C HIS A 151 6.17 15.12 -24.00
N ILE A 152 5.46 14.57 -24.98
CA ILE A 152 4.32 15.28 -25.54
C ILE A 152 3.15 14.34 -25.81
N ARG A 153 1.97 14.67 -25.28
CA ARG A 153 0.76 13.93 -25.58
C ARG A 153 0.23 14.40 -26.93
N CYS A 154 0.20 13.49 -27.89
CA CYS A 154 -0.18 13.87 -29.26
C CYS A 154 -1.50 13.25 -29.63
N GLN A 155 -2.32 14.00 -30.36
CA GLN A 155 -3.58 13.49 -30.87
C GLN A 155 -3.84 14.02 -32.27
N LEU A 156 -4.10 13.12 -33.22
CA LEU A 156 -4.50 13.51 -34.57
C LEU A 156 -6.01 13.43 -34.72
N GLY A 157 -6.63 14.55 -35.09
CA GLY A 157 -8.06 14.60 -35.27
C GLY A 157 -8.83 15.15 -34.07
N PHE A 158 -10.02 15.67 -34.32
CA PHE A 158 -10.95 16.05 -33.27
C PHE A 158 -12.14 15.11 -33.31
N TYR A 159 -12.67 14.72 -32.14
CA TYR A 159 -13.67 13.65 -32.07
C TYR A 159 -14.94 14.02 -31.33
N GLY A 160 -15.88 14.61 -32.06
CA GLY A 160 -17.13 15.07 -31.49
C GLY A 160 -17.88 15.91 -32.51
N GLY A 161 -18.99 16.51 -32.11
CA GLY A 161 -19.78 17.34 -33.01
C GLY A 161 -20.75 16.58 -33.90
N VAL A 162 -21.12 17.19 -35.02
CA VAL A 162 -22.18 16.66 -35.88
C VAL A 162 -21.78 15.36 -36.57
N PRO A 163 -22.72 14.40 -36.64
CA PRO A 163 -22.52 13.05 -37.18
C PRO A 163 -22.75 12.96 -38.69
N THR A 164 -22.90 14.11 -39.35
CA THR A 164 -23.16 14.13 -40.78
C THR A 164 -22.09 13.39 -41.59
N ASP A 165 -20.85 13.48 -41.12
CA ASP A 165 -19.70 12.92 -41.84
C ASP A 165 -19.55 11.43 -41.59
N LEU A 166 -20.26 10.93 -40.58
CA LEU A 166 -20.15 9.54 -40.17
C LEU A 166 -21.26 8.71 -40.80
N HIS A 167 -21.15 7.40 -40.66
CA HIS A 167 -22.19 6.50 -41.14
C HIS A 167 -23.28 6.35 -40.07
N THR A 168 -24.14 7.35 -39.98
CA THR A 168 -25.09 7.39 -38.88
C THR A 168 -26.48 7.00 -39.39
N THR A 169 -27.47 7.04 -38.49
CA THR A 169 -28.82 6.66 -38.84
C THR A 169 -29.55 7.83 -39.49
N GLN A 170 -30.81 7.61 -39.83
CA GLN A 170 -31.59 8.59 -40.60
C GLN A 170 -31.83 9.88 -39.81
N ASN A 171 -32.12 9.73 -38.51
CA ASN A 171 -32.42 10.87 -37.65
C ASN A 171 -31.70 10.75 -36.32
N PRO A 172 -30.39 11.03 -36.31
CA PRO A 172 -29.54 10.84 -35.12
C PRO A 172 -30.01 11.67 -33.94
N THR A 173 -29.98 11.05 -32.76
CA THR A 173 -30.25 11.74 -31.51
C THR A 173 -29.18 12.80 -31.25
N GLU A 174 -29.60 13.99 -30.79
CA GLU A 174 -28.67 15.09 -30.52
C GLU A 174 -27.50 14.63 -29.66
N GLY A 175 -26.28 15.02 -30.02
CA GLY A 175 -25.12 14.61 -29.27
C GLY A 175 -23.82 14.95 -29.98
N SER A 176 -22.70 14.64 -29.34
CA SER A 176 -21.37 14.86 -29.88
C SER A 176 -20.83 13.53 -30.40
N TYR A 177 -20.79 13.37 -31.73
CA TYR A 177 -20.56 12.06 -32.34
C TYR A 177 -19.11 11.79 -32.74
N TYR A 178 -18.72 10.53 -32.65
CA TYR A 178 -17.45 10.08 -33.23
C TYR A 178 -17.54 8.61 -33.62
N ASP A 179 -16.55 8.18 -34.38
CA ASP A 179 -16.45 6.80 -34.83
C ASP A 179 -15.19 6.20 -34.25
N GLN A 180 -15.33 5.09 -33.53
CA GLN A 180 -14.19 4.49 -32.83
C GLN A 180 -13.10 3.99 -33.77
N ASP A 181 -13.51 3.48 -34.92
CA ASP A 181 -12.56 2.89 -35.87
C ASP A 181 -11.76 3.98 -36.56
N GLN A 182 -12.43 5.07 -36.92
CA GLN A 182 -11.73 6.23 -37.49
C GLN A 182 -10.74 6.80 -36.48
N TYR A 183 -11.17 6.88 -35.21
CA TYR A 183 -10.30 7.36 -34.15
C TYR A 183 -9.07 6.44 -33.99
N MET A 184 -9.29 5.13 -33.93
CA MET A 184 -8.14 4.24 -33.75
C MET A 184 -7.20 4.30 -34.95
N ASP A 185 -7.76 4.30 -36.16
CA ASP A 185 -6.93 4.35 -37.36
C ASP A 185 -6.10 5.64 -37.43
N ASN A 186 -6.74 6.76 -37.13
CA ASN A 186 -6.03 8.04 -37.12
C ASN A 186 -4.90 8.05 -36.09
N THR A 187 -5.14 7.45 -34.94
CA THR A 187 -4.15 7.47 -33.86
C THR A 187 -2.94 6.62 -34.23
N LEU A 188 -3.20 5.46 -34.83
CA LEU A 188 -2.11 4.61 -35.29
C LEU A 188 -1.32 5.30 -36.40
N THR A 189 -2.00 5.97 -37.31
CA THR A 189 -1.33 6.68 -38.38
C THR A 189 -0.45 7.78 -37.77
N MET A 190 -0.99 8.43 -36.75
CA MET A 190 -0.25 9.48 -36.05
C MET A 190 1.04 8.94 -35.42
N PHE A 191 0.95 7.83 -34.69
CA PHE A 191 2.15 7.27 -34.07
C PHE A 191 3.18 6.90 -35.12
N LYS A 192 2.72 6.24 -36.18
CA LYS A 192 3.61 5.80 -37.23
C LYS A 192 4.33 6.99 -37.84
N SER A 193 3.57 8.03 -38.13
CA SER A 193 4.12 9.23 -38.76
C SER A 193 5.10 9.95 -37.85
N LEU A 194 4.75 10.06 -36.57
CA LEU A 194 5.65 10.72 -35.62
C LEU A 194 6.96 9.96 -35.48
N ARG A 195 6.90 8.63 -35.44
CA ARG A 195 8.14 7.87 -35.30
C ARG A 195 8.98 7.96 -36.58
N GLU A 196 8.34 7.99 -37.74
CA GLU A 196 9.08 8.11 -39.00
C GLU A 196 9.82 9.44 -39.08
N LYS A 197 9.22 10.48 -38.53
CA LYS A 197 9.79 11.82 -38.61
C LYS A 197 10.77 12.14 -37.50
N TYR A 198 10.44 11.73 -36.27
CA TYR A 198 11.23 12.14 -35.10
C TYR A 198 11.97 11.00 -34.43
N GLY A 199 11.69 9.77 -34.80
CA GLY A 199 12.33 8.63 -34.16
C GLY A 199 12.14 8.73 -32.65
N ASN A 200 13.24 8.60 -31.90
CA ASN A 200 13.17 8.65 -30.44
C ASN A 200 13.54 10.02 -29.86
N GLN A 201 13.41 11.07 -30.66
CA GLN A 201 13.71 12.42 -30.18
C GLN A 201 12.89 12.83 -28.95
N PHE A 202 11.66 12.34 -28.86
CA PHE A 202 10.86 12.64 -27.68
C PHE A 202 9.88 11.51 -27.37
N HIS A 203 9.40 11.50 -26.14
CA HIS A 203 8.39 10.54 -25.71
C HIS A 203 7.01 10.97 -26.13
N ILE A 204 6.25 10.02 -26.67
CA ILE A 204 4.91 10.31 -27.17
C ILE A 204 3.88 9.67 -26.25
N LEU A 205 2.98 10.50 -25.70
CA LEU A 205 1.87 9.99 -24.92
C LEU A 205 0.60 10.11 -25.75
N HIS A 206 -0.40 9.32 -25.41
CA HIS A 206 -1.69 9.46 -26.05
C HIS A 206 -2.81 9.07 -25.11
N ASP A 207 -3.89 9.84 -25.14
CA ASP A 207 -5.02 9.65 -24.22
C ASP A 207 -6.21 9.07 -24.98
N VAL A 208 -6.47 7.79 -24.75
CA VAL A 208 -7.58 7.09 -25.40
C VAL A 208 -8.91 7.59 -24.84
N HIS A 209 -8.89 8.12 -23.61
CA HIS A 209 -10.04 8.84 -23.10
C HIS A 209 -11.30 7.98 -23.07
N GLU A 210 -11.13 6.71 -22.70
CA GLU A 210 -12.21 5.72 -22.60
C GLU A 210 -13.12 5.64 -23.83
N ARG A 211 -12.54 5.89 -25.00
CA ARG A 211 -13.31 5.94 -26.23
C ARG A 211 -13.71 4.56 -26.74
N LEU A 212 -13.10 3.51 -26.20
CA LEU A 212 -13.19 2.18 -26.81
C LEU A 212 -13.95 1.17 -25.96
N PHE A 213 -14.50 0.16 -26.63
CA PHE A 213 -14.97 -1.04 -25.94
C PHE A 213 -13.77 -1.91 -25.64
N PRO A 214 -13.88 -2.77 -24.62
CA PRO A 214 -12.75 -3.63 -24.26
C PRO A 214 -12.12 -4.38 -25.44
N ASN A 215 -12.90 -5.00 -26.32
CA ASN A 215 -12.26 -5.74 -27.40
C ASN A 215 -11.45 -4.84 -28.32
N GLN A 216 -11.92 -3.61 -28.52
CA GLN A 216 -11.16 -2.64 -29.30
C GLN A 216 -9.89 -2.21 -28.61
N ALA A 217 -9.99 -2.02 -27.29
CA ALA A 217 -8.84 -1.61 -26.47
C ALA A 217 -7.71 -2.62 -26.54
N ILE A 218 -8.06 -3.90 -26.40
CA ILE A 218 -7.08 -4.96 -26.45
C ILE A 218 -6.36 -4.95 -27.80
N GLN A 219 -7.13 -4.80 -28.88
CA GLN A 219 -6.54 -4.82 -30.22
C GLN A 219 -5.64 -3.59 -30.41
N PHE A 220 -6.11 -2.43 -29.95
CA PHE A 220 -5.36 -1.19 -30.06
C PHE A 220 -4.05 -1.26 -29.28
N ALA A 221 -4.11 -1.81 -28.07
CA ALA A 221 -2.92 -1.95 -27.25
C ALA A 221 -1.83 -2.73 -27.96
N LYS A 222 -2.22 -3.82 -28.61
CA LYS A 222 -1.24 -4.65 -29.28
C LYS A 222 -0.64 -3.97 -30.52
N GLU A 223 -1.46 -3.20 -31.22
CA GLU A 223 -1.02 -2.53 -32.43
C GLU A 223 -0.11 -1.34 -32.14
N VAL A 224 -0.42 -0.63 -31.05
CA VAL A 224 0.28 0.62 -30.77
C VAL A 224 1.62 0.35 -30.09
N GLU A 225 1.75 -0.86 -29.53
CA GLU A 225 2.94 -1.26 -28.79
C GLU A 225 4.24 -0.97 -29.54
N GLN A 226 4.25 -1.24 -30.85
CA GLN A 226 5.46 -1.10 -31.64
C GLN A 226 5.99 0.33 -31.65
N TYR A 227 5.11 1.29 -31.37
CA TYR A 227 5.49 2.70 -31.41
C TYR A 227 5.97 3.21 -30.05
N LYS A 228 5.95 2.33 -29.05
CA LYS A 228 6.58 2.61 -27.76
C LYS A 228 6.12 3.89 -27.08
N PRO A 229 4.81 4.05 -26.92
CA PRO A 229 4.31 5.22 -26.18
C PRO A 229 4.82 5.25 -24.74
N TYR A 230 5.05 6.45 -24.23
CA TYR A 230 5.52 6.61 -22.85
C TYR A 230 4.42 6.10 -21.93
N PHE A 231 3.20 6.51 -22.20
CA PHE A 231 2.02 5.74 -21.81
C PHE A 231 0.83 6.01 -22.69
N ILE A 232 -0.05 5.01 -22.73
CA ILE A 232 -1.38 5.12 -23.29
C ILE A 232 -2.34 5.29 -22.13
N GLU A 233 -3.10 6.37 -22.15
CA GLU A 233 -3.91 6.77 -21.02
C GLU A 233 -5.39 6.37 -21.19
N ASP A 234 -6.01 5.94 -20.09
CA ASP A 234 -7.44 5.61 -20.06
C ASP A 234 -7.91 4.78 -21.25
N ILE A 235 -7.22 3.66 -21.46
CA ILE A 235 -7.55 2.73 -22.53
C ILE A 235 -8.91 2.04 -22.29
N LEU A 236 -9.37 2.09 -21.03
CA LEU A 236 -10.65 1.52 -20.63
C LEU A 236 -11.32 2.46 -19.64
N PRO A 237 -12.65 2.40 -19.54
CA PRO A 237 -13.41 3.13 -18.52
C PRO A 237 -13.20 2.51 -17.15
N PRO A 238 -13.49 3.26 -16.08
CA PRO A 238 -13.11 2.76 -14.74
C PRO A 238 -13.86 1.51 -14.29
N ASN A 239 -14.93 1.12 -14.99
CA ASN A 239 -15.68 -0.07 -14.62
C ASN A 239 -15.35 -1.28 -15.49
N GLN A 240 -14.32 -1.21 -16.31
CA GLN A 240 -13.95 -2.36 -17.13
C GLN A 240 -12.45 -2.66 -17.03
N THR A 241 -11.83 -2.26 -15.93
CA THR A 241 -10.39 -2.41 -15.82
C THR A 241 -9.93 -3.84 -15.55
N GLU A 242 -10.88 -4.72 -15.27
CA GLU A 242 -10.58 -6.15 -15.20
C GLU A 242 -9.97 -6.61 -16.53
N TRP A 243 -10.38 -5.95 -17.63
CA TRP A 243 -9.91 -6.33 -18.96
C TRP A 243 -8.43 -5.98 -19.16
N LEU A 244 -7.85 -5.24 -18.23
CA LEU A 244 -6.40 -5.00 -18.31
C LEU A 244 -5.59 -6.30 -18.24
N ASP A 245 -6.12 -7.32 -17.56
CA ASP A 245 -5.42 -8.59 -17.53
C ASP A 245 -5.21 -9.18 -18.91
N ASN A 246 -6.21 -9.05 -19.76
CA ASN A 246 -6.10 -9.48 -21.15
C ASN A 246 -4.94 -8.78 -21.85
N ILE A 247 -4.85 -7.46 -21.71
CA ILE A 247 -3.78 -6.69 -22.31
C ILE A 247 -2.42 -7.06 -21.71
N ARG A 248 -2.35 -7.16 -20.39
CA ARG A 248 -1.06 -7.33 -19.70
C ARG A 248 -0.43 -8.68 -20.02
N SER A 249 -1.25 -9.63 -20.47
CA SER A 249 -0.78 -10.97 -20.77
C SER A 249 -0.13 -11.06 -22.15
N GLN A 250 -0.40 -10.09 -23.02
CA GLN A 250 0.14 -10.20 -24.38
C GLN A 250 0.74 -8.94 -24.98
N SER A 251 0.65 -7.82 -24.29
CA SER A 251 1.25 -6.60 -24.80
C SER A 251 2.14 -5.95 -23.74
N SER A 252 3.24 -5.35 -24.20
CA SER A 252 4.17 -4.64 -23.34
C SER A 252 3.86 -3.15 -23.24
N VAL A 253 2.73 -2.74 -23.77
CA VAL A 253 2.38 -1.31 -23.79
C VAL A 253 2.30 -0.74 -22.37
N SER A 254 2.83 0.46 -22.17
CA SER A 254 2.77 1.13 -20.87
C SER A 254 1.44 1.86 -20.72
N LEU A 255 0.82 1.69 -19.56
CA LEU A 255 -0.53 2.18 -19.36
C LEU A 255 -0.66 3.10 -18.16
N GLY A 256 -1.40 4.18 -18.37
CA GLY A 256 -1.76 5.10 -17.31
C GLY A 256 -3.27 5.11 -17.21
N LEU A 257 -3.80 5.16 -15.99
CA LEU A 257 -5.25 5.16 -15.80
C LEU A 257 -5.59 5.77 -14.44
N GLY A 258 -6.74 6.43 -14.37
CA GLY A 258 -7.32 6.76 -13.08
C GLY A 258 -7.78 8.18 -12.84
N GLU A 259 -7.71 9.06 -13.84
CA GLU A 259 -8.18 10.41 -13.59
C GLU A 259 -9.65 10.41 -13.16
N LEU A 260 -10.42 9.42 -13.58
CA LEU A 260 -11.85 9.32 -13.24
C LEU A 260 -12.13 8.74 -11.84
N PHE A 261 -11.11 8.23 -11.15
CA PHE A 261 -11.34 7.54 -9.88
C PHE A 261 -11.76 8.45 -8.73
N ASN A 262 -12.77 8.04 -7.99
CA ASN A 262 -13.12 8.74 -6.75
C ASN A 262 -13.38 7.78 -5.59
N ASN A 263 -13.20 6.48 -5.85
CA ASN A 263 -13.47 5.44 -4.84
C ASN A 263 -12.29 4.49 -4.77
N PRO A 264 -11.77 4.20 -3.55
CA PRO A 264 -10.58 3.34 -3.46
C PRO A 264 -10.78 1.98 -4.11
N GLU A 265 -12.02 1.49 -4.13
CA GLU A 265 -12.29 0.20 -4.76
C GLU A 265 -11.98 0.21 -6.27
N GLU A 266 -11.92 1.38 -6.87
CA GLU A 266 -11.57 1.48 -8.29
C GLU A 266 -10.09 1.21 -8.54
N TRP A 267 -9.22 1.50 -7.57
CA TRP A 267 -7.78 1.36 -7.80
C TRP A 267 -7.10 0.22 -7.04
N LYS A 268 -7.73 -0.26 -5.97
CA LYS A 268 -7.07 -1.23 -5.11
C LYS A 268 -6.64 -2.50 -5.83
N SER A 269 -7.57 -3.21 -6.46
CA SER A 269 -7.21 -4.43 -7.17
C SER A 269 -6.30 -4.12 -8.35
N LEU A 270 -6.59 -3.01 -9.02
CA LEU A 270 -5.81 -2.57 -10.16
C LEU A 270 -4.33 -2.47 -9.84
N ILE A 271 -4.03 -1.82 -8.73
CA ILE A 271 -2.64 -1.60 -8.33
C ILE A 271 -2.01 -2.87 -7.75
N ALA A 272 -2.72 -3.54 -6.85
CA ALA A 272 -2.17 -4.75 -6.24
C ALA A 272 -1.84 -5.82 -7.29
N ASN A 273 -2.54 -5.77 -8.42
CA ASN A 273 -2.30 -6.73 -9.50
C ASN A 273 -1.48 -6.16 -10.65
N ARG A 274 -0.88 -4.99 -10.42
CA ARG A 274 0.09 -4.44 -11.35
C ARG A 274 -0.51 -4.24 -12.74
N ARG A 275 -1.78 -3.84 -12.78
CA ARG A 275 -2.48 -3.70 -14.06
C ARG A 275 -2.22 -2.39 -14.78
N ILE A 276 -1.57 -1.45 -14.12
CA ILE A 276 -1.19 -0.19 -14.76
C ILE A 276 0.24 0.16 -14.37
N ASP A 277 0.79 1.14 -15.09
CA ASP A 277 2.15 1.58 -14.86
C ASP A 277 2.23 2.97 -14.27
N PHE A 278 1.20 3.77 -14.49
CA PHE A 278 1.13 5.15 -14.00
C PHE A 278 -0.28 5.38 -13.44
N ILE A 279 -0.37 5.70 -12.17
CA ILE A 279 -1.65 6.10 -11.59
C ILE A 279 -1.94 7.56 -12.00
N ARG A 280 -3.18 7.86 -12.37
CA ARG A 280 -3.50 9.16 -12.96
C ARG A 280 -4.52 9.97 -12.15
N CYS A 281 -4.77 9.60 -10.90
CA CYS A 281 -5.88 10.20 -10.18
C CYS A 281 -5.75 11.71 -10.14
N HIS A 282 -6.91 12.36 -10.02
CA HIS A 282 -6.94 13.78 -9.80
C HIS A 282 -7.01 13.94 -8.29
N VAL A 283 -6.01 14.63 -7.74
CA VAL A 283 -5.83 14.67 -6.29
C VAL A 283 -7.10 15.15 -5.58
N SER A 284 -7.73 16.20 -6.07
CA SER A 284 -8.92 16.69 -5.37
C SER A 284 -10.07 15.68 -5.44
N GLN A 285 -10.12 14.87 -6.49
CA GLN A 285 -11.24 13.93 -6.59
C GLN A 285 -11.12 12.73 -5.64
N ILE A 286 -9.92 12.50 -5.14
CA ILE A 286 -9.70 11.41 -4.17
C ILE A 286 -9.68 11.95 -2.74
N GLY A 287 -9.85 13.26 -2.58
CA GLY A 287 -9.98 13.86 -1.27
C GLY A 287 -8.81 14.66 -0.72
N GLY A 288 -7.83 14.96 -1.59
CA GLY A 288 -6.76 15.86 -1.20
C GLY A 288 -5.38 15.26 -1.02
N ILE A 289 -4.52 16.02 -0.36
CA ILE A 289 -3.14 15.62 -0.13
C ILE A 289 -3.03 14.39 0.75
N THR A 290 -3.83 14.37 1.82
CA THR A 290 -3.78 13.28 2.79
C THR A 290 -3.91 11.91 2.11
N PRO A 291 -4.97 11.70 1.32
CA PRO A 291 -5.07 10.38 0.64
C PRO A 291 -4.08 10.22 -0.53
N ALA A 292 -3.63 11.32 -1.12
CA ALA A 292 -2.66 11.22 -2.21
C ALA A 292 -1.30 10.64 -1.73
N LEU A 293 -0.89 11.05 -0.54
CA LEU A 293 0.33 10.49 0.05
C LEU A 293 0.20 8.98 0.22
N LYS A 294 -0.92 8.54 0.77
CA LYS A 294 -1.11 7.10 1.01
C LYS A 294 -1.18 6.33 -0.30
N LEU A 295 -1.90 6.88 -1.27
CA LEU A 295 -2.03 6.21 -2.56
C LEU A 295 -0.67 6.18 -3.28
N GLY A 296 0.08 7.28 -3.20
CA GLY A 296 1.43 7.27 -3.76
C GLY A 296 2.29 6.16 -3.16
N HIS A 297 2.18 5.98 -1.85
CA HIS A 297 2.95 4.96 -1.14
C HIS A 297 2.50 3.56 -1.52
N LEU A 298 1.19 3.41 -1.68
CA LEU A 298 0.64 2.12 -2.09
C LEU A 298 1.21 1.75 -3.44
N CYS A 299 1.17 2.69 -4.38
CA CYS A 299 1.76 2.45 -5.70
C CYS A 299 3.23 2.13 -5.62
N GLN A 300 3.97 2.83 -4.76
CA GLN A 300 5.40 2.59 -4.61
C GLN A 300 5.63 1.12 -4.24
N ASN A 301 4.83 0.60 -3.32
CA ASN A 301 5.01 -0.80 -2.93
C ASN A 301 4.91 -1.73 -4.14
N PHE A 302 3.99 -1.40 -5.05
CA PHE A 302 3.67 -2.29 -6.16
C PHE A 302 4.43 -1.98 -7.47
N GLY A 303 5.32 -1.00 -7.44
CA GLY A 303 6.11 -0.68 -8.62
C GLY A 303 5.36 0.14 -9.64
N VAL A 304 4.31 0.82 -9.19
CA VAL A 304 3.54 1.72 -10.06
C VAL A 304 4.02 3.16 -9.86
N ARG A 305 4.20 3.90 -10.95
CA ARG A 305 4.62 5.29 -10.87
C ARG A 305 3.43 6.25 -10.90
N ILE A 306 3.68 7.53 -10.66
CA ILE A 306 2.61 8.50 -10.47
C ILE A 306 2.60 9.59 -11.53
N ALA A 307 1.44 9.77 -12.13
CA ALA A 307 1.24 10.87 -13.06
C ALA A 307 -0.11 11.52 -12.76
N TRP A 308 -0.18 12.25 -11.65
CA TRP A 308 -1.46 12.83 -11.26
C TRP A 308 -2.01 13.66 -12.41
N HIS A 309 -3.32 13.59 -12.61
CA HIS A 309 -3.99 14.40 -13.61
C HIS A 309 -3.93 15.90 -13.29
N CYS A 310 -3.54 16.69 -14.28
CA CYS A 310 -3.48 18.14 -14.13
C CYS A 310 -4.14 18.75 -15.36
N ALA A 311 -4.88 19.83 -15.18
CA ALA A 311 -5.55 20.44 -16.34
C ALA A 311 -5.91 21.89 -16.03
N PRO A 312 -6.30 22.65 -17.06
CA PRO A 312 -6.59 24.07 -16.81
C PRO A 312 -7.78 24.27 -15.87
N ASP A 313 -8.66 23.27 -15.78
CA ASP A 313 -9.79 23.34 -14.87
C ASP A 313 -9.47 22.86 -13.43
N MET A 314 -8.24 23.12 -13.00
CA MET A 314 -7.81 22.92 -11.61
C MET A 314 -7.15 24.24 -11.28
N THR A 315 -7.30 24.75 -10.06
CA THR A 315 -6.62 26.00 -9.70
C THR A 315 -5.12 25.84 -9.75
N PRO A 316 -4.38 26.94 -10.00
CA PRO A 316 -2.93 26.88 -9.87
C PRO A 316 -2.49 26.47 -8.46
N ILE A 317 -3.36 26.61 -7.46
CA ILE A 317 -3.05 26.13 -6.11
C ILE A 317 -2.94 24.61 -6.17
N GLY A 318 -3.91 23.98 -6.83
CA GLY A 318 -3.90 22.54 -7.06
C GLY A 318 -2.67 22.11 -7.85
N ALA A 319 -2.31 22.87 -8.89
CA ALA A 319 -1.11 22.55 -9.65
C ALA A 319 0.15 22.56 -8.79
N ALA A 320 0.27 23.58 -7.94
CA ALA A 320 1.42 23.77 -7.08
C ALA A 320 1.49 22.60 -6.11
N VAL A 321 0.34 22.22 -5.59
CA VAL A 321 0.30 21.07 -4.69
C VAL A 321 0.85 19.82 -5.38
N ASN A 322 0.45 19.61 -6.63
CA ASN A 322 0.93 18.42 -7.35
C ASN A 322 2.44 18.44 -7.57
N THR A 323 2.99 19.63 -7.80
CA THR A 323 4.44 19.73 -7.96
C THR A 323 5.15 19.43 -6.63
N HIS A 324 4.61 19.91 -5.52
CA HIS A 324 5.14 19.51 -4.20
C HIS A 324 5.08 17.99 -4.01
N LEU A 325 3.93 17.38 -4.27
CA LEU A 325 3.81 15.92 -4.20
C LEU A 325 4.80 15.24 -5.14
N ASN A 326 5.01 15.83 -6.30
CA ASN A 326 5.86 15.23 -7.33
C ASN A 326 7.36 15.30 -7.05
N VAL A 327 7.83 16.35 -6.38
CA VAL A 327 9.26 16.39 -6.06
C VAL A 327 9.54 15.59 -4.80
N HIS A 328 8.50 15.33 -4.00
CA HIS A 328 8.69 14.53 -2.80
C HIS A 328 8.58 13.00 -3.02
N LEU A 329 7.47 12.55 -3.59
CA LEU A 329 7.23 11.12 -3.71
C LEU A 329 8.20 10.47 -4.71
N HIS A 330 8.95 9.49 -4.23
CA HIS A 330 10.04 8.93 -5.03
C HIS A 330 9.54 8.31 -6.34
N ASN A 331 8.33 7.77 -6.32
CA ASN A 331 7.79 7.10 -7.51
C ASN A 331 7.01 8.02 -8.43
N ALA A 332 7.05 9.33 -8.19
CA ALA A 332 6.43 10.26 -9.13
C ALA A 332 7.22 10.26 -10.44
N ALA A 333 6.52 10.41 -11.54
CA ALA A 333 7.16 10.31 -12.85
C ALA A 333 7.10 11.58 -13.69
N ILE A 334 5.91 12.15 -13.80
CA ILE A 334 5.73 13.23 -14.74
C ILE A 334 4.49 14.08 -14.38
N GLN A 335 4.56 15.38 -14.66
CA GLN A 335 3.45 16.28 -14.42
C GLN A 335 2.86 16.80 -15.72
N GLU A 336 1.59 16.52 -15.93
CA GLU A 336 0.83 17.02 -17.06
C GLU A 336 0.83 18.54 -17.03
N HIS A 337 1.19 19.16 -18.17
CA HIS A 337 1.30 20.59 -18.31
C HIS A 337 -0.05 21.28 -18.32
N VAL A 338 -0.10 22.45 -17.69
CA VAL A 338 -1.27 23.29 -17.74
C VAL A 338 -0.85 24.72 -18.05
N GLU A 339 -0.93 25.11 -19.33
CA GLU A 339 -0.56 26.47 -19.69
C GLU A 339 -1.68 27.40 -19.22
N TYR A 340 -1.48 28.03 -18.06
CA TYR A 340 -2.48 28.97 -17.53
C TYR A 340 -2.41 30.29 -18.27
N ASN A 341 -3.58 30.84 -18.58
CA ASN A 341 -3.64 32.14 -19.25
C ASN A 341 -3.58 33.31 -18.29
N GLY A 342 -3.40 34.52 -18.83
CA GLY A 342 -3.14 35.71 -18.04
C GLY A 342 -4.09 36.03 -16.91
N ASN A 343 -5.40 35.91 -17.15
CA ASN A 343 -6.39 36.19 -16.10
C ASN A 343 -6.22 35.26 -14.94
N THR A 344 -5.95 33.99 -15.22
CA THR A 344 -5.81 32.99 -14.18
C THR A 344 -4.58 33.31 -13.35
N HIS A 345 -3.51 33.76 -14.00
CA HIS A 345 -2.32 34.17 -13.28
C HIS A 345 -2.60 35.37 -12.39
N LYS A 346 -3.50 36.24 -12.82
CA LYS A 346 -3.89 37.39 -12.00
C LYS A 346 -4.64 36.99 -10.75
N VAL A 347 -5.51 35.99 -10.88
CA VAL A 347 -6.35 35.59 -9.75
C VAL A 347 -5.57 34.70 -8.78
N PHE A 348 -4.58 33.99 -9.30
CA PHE A 348 -3.74 33.10 -8.49
C PHE A 348 -2.28 33.44 -8.72
N PRO A 349 -1.76 34.43 -7.97
CA PRO A 349 -0.41 34.91 -8.25
C PRO A 349 0.71 33.92 -7.97
N ASN A 350 1.82 34.11 -8.68
CA ASN A 350 3.05 33.35 -8.46
C ASN A 350 3.02 31.89 -8.90
N ALA A 351 2.13 31.55 -9.83
CA ALA A 351 2.05 30.19 -10.37
C ALA A 351 3.26 29.86 -11.23
N ALA A 352 3.88 28.70 -10.96
CA ALA A 352 5.08 28.31 -11.69
C ALA A 352 4.75 27.83 -13.10
N GLU A 353 5.66 28.11 -14.03
CA GLU A 353 5.57 27.55 -15.38
C GLU A 353 6.81 26.70 -15.62
N PRO A 354 6.72 25.73 -16.55
CA PRO A 354 7.89 24.86 -16.74
C PRO A 354 9.09 25.63 -17.27
N ILE A 355 10.27 25.17 -16.88
CA ILE A 355 11.53 25.73 -17.36
C ILE A 355 12.32 24.57 -17.95
N ASN A 356 12.61 24.63 -19.25
CA ASN A 356 13.34 23.56 -19.94
C ASN A 356 12.75 22.17 -19.67
N GLY A 357 11.42 22.09 -19.69
CA GLY A 357 10.74 20.82 -19.55
C GLY A 357 10.57 20.31 -18.13
N TYR A 358 10.84 21.16 -17.14
CA TYR A 358 10.75 20.77 -15.73
C TYR A 358 9.88 21.74 -14.93
N LEU A 359 9.09 21.22 -14.00
CA LEU A 359 8.42 22.08 -13.02
C LEU A 359 9.14 21.99 -11.69
N TYR A 360 9.48 23.17 -11.17
CA TYR A 360 10.14 23.30 -9.89
C TYR A 360 9.13 23.63 -8.82
N ALA A 361 9.23 22.93 -7.71
CA ALA A 361 8.34 23.20 -6.59
C ALA A 361 8.58 24.59 -6.02
N SER A 362 7.51 25.18 -5.50
CA SER A 362 7.61 26.45 -4.79
C SER A 362 8.52 26.30 -3.57
N GLU A 363 9.22 27.37 -3.23
CA GLU A 363 10.19 27.33 -2.14
C GLU A 363 9.84 28.31 -1.02
N ILE A 364 8.74 29.05 -1.16
CA ILE A 364 8.28 29.87 -0.04
C ILE A 364 7.47 29.00 0.93
N ALA A 365 7.20 29.52 2.12
CA ALA A 365 6.38 28.76 3.07
C ALA A 365 4.95 28.54 2.54
N GLY A 366 4.42 27.35 2.79
CA GLY A 366 3.07 27.02 2.38
C GLY A 366 3.05 26.30 1.05
N ILE A 367 1.87 26.23 0.44
CA ILE A 367 1.73 25.72 -0.92
C ILE A 367 2.46 26.63 -1.90
N GLY A 368 2.40 27.94 -1.66
CA GLY A 368 3.15 28.89 -2.45
C GLY A 368 2.28 29.72 -3.38
N VAL A 369 1.01 29.33 -3.51
CA VAL A 369 0.05 30.03 -4.34
C VAL A 369 -1.23 30.20 -3.53
N GLU A 370 -1.84 31.37 -3.65
CA GLU A 370 -3.07 31.67 -2.93
C GLU A 370 -4.06 32.21 -3.95
N ILE A 371 -5.28 32.52 -3.50
CA ILE A 371 -6.21 33.24 -4.37
C ILE A 371 -6.27 34.70 -3.96
N ASP A 372 -6.34 35.59 -4.95
CA ASP A 372 -6.53 37.01 -4.73
C ASP A 372 -8.02 37.20 -4.78
N ARG A 373 -8.64 37.44 -3.63
CA ARG A 373 -10.09 37.42 -3.55
C ARG A 373 -10.76 38.55 -4.33
N GLU A 374 -10.16 39.72 -4.35
CA GLU A 374 -10.71 40.80 -5.16
C GLU A 374 -10.63 40.44 -6.64
N ALA A 375 -9.48 39.93 -7.07
CA ALA A 375 -9.31 39.57 -8.47
C ALA A 375 -10.34 38.51 -8.84
N ALA A 376 -10.53 37.54 -7.95
CA ALA A 376 -11.44 36.43 -8.22
C ALA A 376 -12.87 36.92 -8.44
N ALA A 377 -13.25 37.96 -7.71
CA ALA A 377 -14.60 38.52 -7.79
C ALA A 377 -14.94 39.15 -9.14
N GLU A 378 -13.92 39.47 -9.94
CA GLU A 378 -14.14 39.98 -11.29
C GLU A 378 -14.69 38.91 -12.24
N PHE A 379 -14.53 37.64 -11.87
CA PHE A 379 -14.96 36.52 -12.69
C PHE A 379 -15.87 35.55 -11.92
N PRO A 380 -17.15 35.91 -11.77
CA PRO A 380 -18.13 35.06 -11.06
C PRO A 380 -18.43 33.78 -11.82
N VAL A 381 -18.93 32.78 -11.09
CA VAL A 381 -19.36 31.53 -11.71
C VAL A 381 -20.28 31.80 -12.91
N MET A 382 -20.13 30.97 -13.95
CA MET A 382 -20.99 31.05 -15.13
C MET A 382 -21.38 29.65 -15.54
N TYR A 383 -22.67 29.41 -15.75
CA TYR A 383 -23.12 28.10 -16.18
C TYR A 383 -22.53 27.68 -17.54
N ARG A 384 -22.08 26.44 -17.62
CA ARG A 384 -21.63 25.83 -18.86
C ARG A 384 -22.26 24.45 -18.99
N PRO A 385 -22.73 24.10 -20.18
CA PRO A 385 -23.38 22.79 -20.36
C PRO A 385 -22.41 21.62 -20.57
N HIS A 386 -21.20 21.89 -21.03
CA HIS A 386 -20.21 20.85 -21.31
C HIS A 386 -20.75 19.81 -22.30
N GLU A 387 -21.26 20.30 -23.43
CA GLU A 387 -21.97 19.44 -24.39
C GLU A 387 -21.16 18.24 -24.85
N TRP A 388 -19.84 18.32 -24.78
CA TRP A 388 -19.00 17.21 -25.19
C TRP A 388 -19.24 15.93 -24.37
N THR A 389 -19.81 16.07 -23.18
CA THR A 389 -20.00 14.89 -22.33
C THR A 389 -21.17 14.02 -22.79
N GLN A 390 -21.97 14.52 -23.73
N GLN A 390 -21.97 14.56 -23.71
CA GLN A 390 -23.05 13.69 -24.33
CA GLN A 390 -23.00 13.76 -24.34
C GLN A 390 -22.54 12.98 -25.59
C GLN A 390 -22.36 13.17 -25.60
N SER A 391 -21.51 12.17 -25.40
CA SER A 391 -20.76 11.57 -26.48
C SER A 391 -21.48 10.35 -27.04
N ARG A 392 -21.62 10.30 -28.37
CA ARG A 392 -22.37 9.24 -29.03
C ARG A 392 -21.62 8.56 -30.16
N LEU A 393 -21.90 7.28 -30.34
CA LEU A 393 -21.37 6.50 -31.45
C LEU A 393 -22.34 6.60 -32.61
N PRO A 394 -21.93 6.17 -33.80
CA PRO A 394 -22.77 6.49 -34.97
C PRO A 394 -24.18 5.92 -34.93
N ASP A 395 -24.39 4.81 -34.21
CA ASP A 395 -25.75 4.28 -34.09
C ASP A 395 -26.61 5.04 -33.08
N GLY A 396 -26.02 6.06 -32.45
CA GLY A 396 -26.74 6.92 -31.52
C GLY A 396 -26.56 6.58 -30.05
N ALA A 397 -25.77 5.56 -29.73
CA ALA A 397 -25.59 5.17 -28.33
C ALA A 397 -24.63 6.08 -27.59
N ILE A 398 -24.93 6.36 -26.33
CA ILE A 398 -23.99 7.04 -25.46
C ILE A 398 -22.76 6.16 -25.29
N HIS A 399 -21.58 6.79 -25.29
CA HIS A 399 -20.38 6.11 -24.83
C HIS A 399 -19.75 6.95 -23.75
N THR A 400 -19.09 6.31 -22.78
CA THR A 400 -18.35 7.06 -21.76
C THR A 400 -17.41 8.06 -22.42
N PRO A 401 -17.49 9.34 -22.02
CA PRO A 401 -16.86 10.44 -22.74
C PRO A 401 -15.39 10.70 -22.40
N LYS B 4 35.97 -38.74 16.76
CA LYS B 4 36.72 -37.63 16.20
C LYS B 4 35.94 -36.31 16.26
N GLU B 5 36.56 -35.30 16.86
CA GLU B 5 36.04 -33.94 16.80
C GLU B 5 37.16 -33.06 16.28
N THR B 6 36.80 -31.96 15.65
CA THR B 6 37.79 -31.00 15.19
C THR B 6 37.42 -29.70 15.85
N ILE B 7 38.22 -29.29 16.83
CA ILE B 7 37.87 -28.17 17.67
C ILE B 7 38.45 -26.86 17.17
N ILE B 8 37.60 -25.84 17.04
CA ILE B 8 38.04 -24.53 16.59
C ILE B 8 38.89 -23.84 17.66
N SER B 9 40.11 -23.44 17.27
CA SER B 9 41.02 -22.79 18.21
C SER B 9 41.13 -21.28 18.02
N ASP B 10 40.97 -20.81 16.79
CA ASP B 10 41.05 -19.37 16.55
C ASP B 10 40.36 -19.00 15.23
N ILE B 11 39.97 -17.74 15.11
CA ILE B 11 39.33 -17.22 13.90
C ILE B 11 39.98 -15.89 13.56
N HIS B 12 40.35 -15.72 12.30
CA HIS B 12 40.92 -14.45 11.86
C HIS B 12 40.13 -13.94 10.68
N CYS B 13 40.07 -12.62 10.55
CA CYS B 13 39.43 -12.01 9.40
C CYS B 13 40.41 -11.03 8.79
N ILE B 14 40.85 -11.34 7.57
CA ILE B 14 41.86 -10.55 6.89
C ILE B 14 41.26 -9.79 5.72
N ILE B 15 41.41 -8.47 5.74
CA ILE B 15 41.07 -7.65 4.60
C ILE B 15 42.36 -7.32 3.87
N THR B 16 42.38 -7.61 2.57
CA THR B 16 43.55 -7.32 1.76
C THR B 16 43.12 -6.73 0.43
N LYS B 17 43.93 -5.81 -0.08
CA LYS B 17 43.61 -5.13 -1.32
C LYS B 17 44.78 -5.20 -2.30
N PRO B 18 45.09 -6.39 -2.80
CA PRO B 18 46.20 -6.58 -3.75
C PRO B 18 46.01 -5.77 -5.03
N ASP B 19 44.76 -5.60 -5.45
CA ASP B 19 44.46 -4.91 -6.70
C ASP B 19 43.54 -3.72 -6.43
N ARG B 20 42.34 -3.74 -7.00
CA ARG B 20 41.40 -2.62 -6.89
C ARG B 20 40.44 -2.76 -5.71
N HIS B 21 40.22 -3.99 -5.26
CA HIS B 21 39.10 -4.29 -4.37
C HIS B 21 39.52 -4.78 -2.98
N ASN B 22 38.78 -4.34 -1.97
CA ASN B 22 38.98 -4.86 -0.61
C ASN B 22 38.39 -6.26 -0.49
N LEU B 23 39.26 -7.26 -0.45
CA LEU B 23 38.85 -8.67 -0.36
C LEU B 23 38.89 -9.12 1.09
N ILE B 24 37.99 -10.03 1.47
CA ILE B 24 37.86 -10.42 2.87
C ILE B 24 37.94 -11.93 3.02
N THR B 25 38.91 -12.39 3.83
CA THR B 25 39.12 -13.83 4.00
C THR B 25 38.96 -14.18 5.47
N VAL B 26 38.23 -15.25 5.75
CA VAL B 26 38.16 -15.77 7.11
C VAL B 26 39.06 -17.00 7.19
N VAL B 27 39.87 -17.03 8.25
CA VAL B 27 40.72 -18.17 8.53
C VAL B 27 40.25 -18.85 9.81
N VAL B 28 40.01 -20.16 9.73
CA VAL B 28 39.59 -20.92 10.90
C VAL B 28 40.71 -21.89 11.24
N GLU B 29 41.31 -21.71 12.42
CA GLU B 29 42.34 -22.60 12.91
C GLU B 29 41.71 -23.61 13.87
N THR B 30 42.28 -24.81 13.90
CA THR B 30 41.75 -25.86 14.77
C THR B 30 42.83 -26.36 15.71
N ASN B 31 42.42 -26.92 16.83
CA ASN B 31 43.35 -27.45 17.82
C ASN B 31 44.38 -28.39 17.17
N GLU B 32 43.91 -29.27 16.30
CA GLU B 32 44.81 -30.28 15.74
C GLU B 32 45.70 -29.77 14.61
N GLY B 33 45.45 -28.55 14.16
CA GLY B 33 46.36 -27.91 13.23
C GLY B 33 45.93 -27.93 11.77
N VAL B 34 44.68 -28.29 11.51
CA VAL B 34 44.13 -28.18 10.17
C VAL B 34 43.46 -26.83 10.01
N THR B 35 43.87 -26.07 9.00
CA THR B 35 43.38 -24.71 8.82
C THR B 35 42.49 -24.56 7.59
N GLY B 36 41.37 -23.86 7.79
CA GLY B 36 40.41 -23.62 6.72
C GLY B 36 40.37 -22.17 6.29
N PHE B 37 40.03 -21.93 5.03
CA PHE B 37 39.98 -20.59 4.47
C PHE B 37 38.65 -20.38 3.76
N GLY B 38 38.07 -19.19 3.93
CA GLY B 38 36.76 -18.90 3.38
C GLY B 38 36.62 -17.46 2.93
N CYS B 39 35.67 -17.22 2.03
CA CYS B 39 35.45 -15.89 1.49
C CYS B 39 34.28 -15.20 2.20
N ALA B 40 34.51 -13.97 2.65
CA ALA B 40 33.48 -13.18 3.31
C ALA B 40 33.34 -11.82 2.63
N THR B 41 33.70 -11.77 1.35
CA THR B 41 33.89 -10.47 0.70
C THR B 41 32.60 -9.71 0.38
N PHE B 42 32.38 -8.65 1.16
CA PHE B 42 31.38 -7.63 0.91
C PHE B 42 32.23 -6.39 0.71
N GLN B 43 32.63 -6.13 -0.53
CA GLN B 43 33.73 -5.19 -0.78
C GLN B 43 33.43 -3.76 -0.35
N GLN B 44 32.15 -3.39 -0.36
CA GLN B 44 31.76 -2.02 -0.06
C GLN B 44 31.78 -1.70 1.44
N ARG B 45 31.74 -2.74 2.27
CA ARG B 45 31.65 -2.53 3.72
C ARG B 45 32.57 -3.48 4.49
N PRO B 46 33.84 -3.56 4.10
CA PRO B 46 34.71 -4.62 4.64
C PRO B 46 34.99 -4.50 6.13
N LEU B 47 35.06 -3.29 6.67
CA LEU B 47 35.29 -3.14 8.11
C LEU B 47 34.10 -3.61 8.93
N ALA B 48 32.90 -3.53 8.36
CA ALA B 48 31.70 -3.98 9.06
C ALA B 48 31.69 -5.51 9.15
N VAL B 49 32.08 -6.18 8.07
CA VAL B 49 32.20 -7.63 8.10
C VAL B 49 33.31 -8.07 9.06
N LYS B 50 34.43 -7.35 9.08
CA LYS B 50 35.51 -7.73 9.97
C LYS B 50 35.10 -7.57 11.43
N THR B 51 34.44 -6.45 11.75
CA THR B 51 33.89 -6.29 13.09
C THR B 51 32.97 -7.47 13.43
N MET B 52 32.14 -7.85 12.49
CA MET B 52 31.18 -8.94 12.72
C MET B 52 31.92 -10.25 13.05
N VAL B 53 32.97 -10.58 12.29
CA VAL B 53 33.72 -11.81 12.55
C VAL B 53 34.47 -11.76 13.88
N ASP B 54 35.24 -10.69 14.07
CA ASP B 54 36.16 -10.55 15.20
C ASP B 54 35.44 -10.40 16.53
N GLU B 55 34.38 -9.60 16.55
CA GLU B 55 33.75 -9.24 17.81
C GLU B 55 32.58 -10.17 18.16
N TYR B 56 31.98 -10.81 17.16
CA TYR B 56 30.71 -11.51 17.38
C TYR B 56 30.72 -12.99 17.00
N LEU B 57 31.27 -13.35 15.84
CA LEU B 57 31.32 -14.76 15.49
C LEU B 57 32.42 -15.49 16.27
N LYS B 58 33.58 -14.86 16.39
CA LYS B 58 34.70 -15.55 17.07
C LYS B 58 34.32 -16.09 18.45
N PRO B 59 33.71 -15.26 19.31
CA PRO B 59 33.42 -15.72 20.67
C PRO B 59 32.47 -16.91 20.74
N ILE B 60 31.58 -17.05 19.76
CA ILE B 60 30.63 -18.17 19.78
C ILE B 60 31.15 -19.38 19.03
N LEU B 61 32.34 -19.27 18.44
CA LEU B 61 32.86 -20.37 17.66
C LEU B 61 34.02 -21.11 18.35
N ILE B 62 34.82 -20.37 19.09
CA ILE B 62 35.99 -20.96 19.73
C ILE B 62 35.56 -22.11 20.64
N GLY B 63 36.22 -23.25 20.46
CA GLY B 63 35.95 -24.43 21.27
C GLY B 63 34.88 -25.35 20.73
N LYS B 64 34.22 -24.95 19.65
CA LYS B 64 33.15 -25.77 19.08
C LYS B 64 33.70 -26.78 18.05
N ASN B 65 32.92 -27.82 17.79
CA ASN B 65 33.31 -28.87 16.86
C ASN B 65 33.00 -28.49 15.43
N ALA B 66 34.06 -28.23 14.66
CA ALA B 66 33.96 -27.78 13.27
C ALA B 66 33.31 -28.82 12.37
N ASN B 67 33.34 -30.08 12.78
CA ASN B 67 32.79 -31.15 11.97
C ASN B 67 31.33 -30.93 11.66
N ASN B 68 30.60 -30.40 12.63
CA ASN B 68 29.16 -30.22 12.50
C ASN B 68 28.82 -28.89 11.86
N ILE B 69 29.18 -28.77 10.59
CA ILE B 69 28.97 -27.55 9.84
C ILE B 69 27.50 -27.13 9.84
N GLU B 70 26.60 -28.10 9.61
CA GLU B 70 25.18 -27.81 9.58
C GLU B 70 24.69 -27.17 10.88
N ASP B 71 25.03 -27.76 12.02
CA ASP B 71 24.63 -27.16 13.29
C ASP B 71 25.22 -25.76 13.48
N LEU B 72 26.50 -25.60 13.18
CA LEU B 72 27.12 -24.30 13.40
C LEU B 72 26.47 -23.27 12.47
N TRP B 73 26.09 -23.68 11.28
CA TRP B 73 25.46 -22.74 10.35
C TRP B 73 24.09 -22.31 10.89
N GLN B 74 23.27 -23.28 11.26
CA GLN B 74 21.95 -22.99 11.79
C GLN B 74 22.07 -22.12 13.04
N MET B 75 23.06 -22.40 13.88
CA MET B 75 23.30 -21.64 15.10
C MET B 75 23.75 -20.20 14.77
N MET B 76 24.76 -20.06 13.93
CA MET B 76 25.25 -18.74 13.56
C MET B 76 24.14 -17.87 12.95
N MET B 77 23.34 -18.46 12.07
CA MET B 77 22.37 -17.66 11.33
C MET B 77 21.37 -16.93 12.23
N VAL B 78 21.03 -17.53 13.37
CA VAL B 78 20.02 -16.97 14.27
C VAL B 78 20.62 -16.35 15.51
N ASN B 79 21.94 -16.35 15.58
CA ASN B 79 22.61 -16.00 16.84
C ASN B 79 22.41 -14.55 17.31
N ALA B 80 22.17 -13.65 16.35
CA ALA B 80 21.97 -12.25 16.70
C ALA B 80 20.48 -11.92 16.84
N TYR B 81 19.66 -12.96 16.83
CA TYR B 81 18.18 -12.85 16.86
C TYR B 81 17.67 -12.30 15.53
N TRP B 82 17.87 -11.01 15.30
CA TRP B 82 17.70 -10.46 13.95
C TRP B 82 18.74 -11.09 13.05
N ARG B 83 18.38 -11.26 11.77
CA ARG B 83 19.14 -12.12 10.87
C ARG B 83 18.93 -11.76 9.39
N ASN B 84 19.57 -12.50 8.49
CA ASN B 84 19.43 -12.27 7.04
C ASN B 84 19.87 -10.89 6.57
N GLY B 85 21.14 -10.73 6.27
CA GLY B 85 21.61 -9.46 5.78
C GLY B 85 23.00 -9.66 5.22
N PRO B 86 23.51 -8.68 4.49
CA PRO B 86 24.82 -8.88 3.84
C PRO B 86 25.99 -8.86 4.82
N VAL B 87 25.89 -8.14 5.93
CA VAL B 87 27.02 -8.09 6.85
C VAL B 87 27.12 -9.39 7.65
N ILE B 88 26.02 -9.79 8.26
CA ILE B 88 25.99 -11.08 8.96
C ILE B 88 26.29 -12.25 8.03
N ASN B 89 25.62 -12.30 6.88
CA ASN B 89 25.72 -13.48 6.02
C ASN B 89 27.14 -13.66 5.47
N ASN B 90 27.79 -12.55 5.13
CA ASN B 90 29.13 -12.63 4.61
C ASN B 90 30.10 -13.15 5.67
N ALA B 91 29.97 -12.63 6.90
CA ALA B 91 30.77 -13.12 8.02
C ALA B 91 30.56 -14.63 8.17
N ILE B 92 29.30 -15.04 8.22
CA ILE B 92 28.98 -16.46 8.35
C ILE B 92 29.56 -17.26 7.18
N SER B 93 29.45 -16.73 5.96
CA SER B 93 30.02 -17.41 4.81
C SER B 93 31.51 -17.72 4.96
N GLY B 94 32.26 -16.75 5.48
CA GLY B 94 33.69 -16.92 5.62
C GLY B 94 33.96 -18.13 6.50
N VAL B 95 33.22 -18.23 7.59
CA VAL B 95 33.36 -19.35 8.51
C VAL B 95 32.90 -20.64 7.86
N ASP B 96 31.71 -20.63 7.29
CA ASP B 96 31.14 -21.83 6.66
C ASP B 96 32.07 -22.44 5.60
N MET B 97 32.61 -21.60 4.71
CA MET B 97 33.49 -22.09 3.66
C MET B 97 34.76 -22.68 4.26
N ALA B 98 35.28 -22.00 5.28
CA ALA B 98 36.48 -22.49 5.95
C ALA B 98 36.23 -23.84 6.63
N LEU B 99 35.02 -24.02 7.17
CA LEU B 99 34.69 -25.29 7.82
C LEU B 99 34.61 -26.41 6.79
N TRP B 100 34.05 -26.09 5.62
CA TRP B 100 34.00 -27.06 4.52
C TRP B 100 35.43 -27.39 4.04
N ASP B 101 36.29 -26.38 4.04
CA ASP B 101 37.69 -26.55 3.66
C ASP B 101 38.37 -27.55 4.59
N ILE B 102 38.18 -27.34 5.88
CA ILE B 102 38.72 -28.24 6.89
C ILE B 102 38.21 -29.67 6.70
N LYS B 103 36.91 -29.81 6.49
CA LYS B 103 36.32 -31.15 6.30
C LYS B 103 36.94 -31.83 5.08
N ALA B 104 37.06 -31.11 3.98
CA ALA B 104 37.65 -31.69 2.78
C ALA B 104 39.12 -32.06 2.99
N LYS B 105 39.86 -31.21 3.69
CA LYS B 105 41.24 -31.51 4.04
C LYS B 105 41.34 -32.78 4.90
N LEU B 106 40.47 -32.89 5.90
CA LEU B 106 40.48 -34.08 6.76
C LEU B 106 40.14 -35.33 5.95
N ALA B 107 39.29 -35.17 4.94
CA ALA B 107 38.87 -36.30 4.13
C ALA B 107 39.90 -36.68 3.09
N GLY B 108 40.90 -35.80 2.92
CA GLY B 108 41.88 -35.96 1.84
C GLY B 108 41.25 -35.84 0.46
N MET B 109 40.21 -35.02 0.35
CA MET B 109 39.42 -34.94 -0.88
C MET B 109 39.26 -33.50 -1.36
N PRO B 110 39.18 -33.31 -2.67
CA PRO B 110 38.73 -31.99 -3.14
C PRO B 110 37.33 -31.71 -2.64
N LEU B 111 37.00 -30.43 -2.41
CA LEU B 111 35.70 -30.07 -1.84
C LEU B 111 34.53 -30.71 -2.57
N HIS B 112 34.53 -30.66 -3.90
CA HIS B 112 33.36 -31.18 -4.63
C HIS B 112 33.16 -32.66 -4.43
N GLN B 113 34.22 -33.36 -4.02
CA GLN B 113 34.10 -34.79 -3.83
C GLN B 113 33.31 -35.12 -2.55
N LEU B 114 33.35 -34.22 -1.56
CA LEU B 114 32.54 -34.41 -0.36
C LEU B 114 31.07 -34.41 -0.70
N PHE B 115 30.71 -33.55 -1.65
CA PHE B 115 29.30 -33.27 -1.99
C PHE B 115 28.63 -34.45 -2.66
N GLY B 116 29.43 -35.34 -3.23
CA GLY B 116 28.91 -36.42 -4.05
C GLY B 116 29.66 -36.54 -5.36
N GLY B 117 30.68 -35.70 -5.54
CA GLY B 117 31.54 -35.80 -6.70
C GLY B 117 31.01 -35.03 -7.89
N LYS B 118 31.61 -35.26 -9.06
CA LYS B 118 31.28 -34.50 -10.26
C LYS B 118 30.01 -34.99 -10.94
N SER B 119 29.25 -34.05 -11.50
CA SER B 119 28.20 -34.40 -12.47
C SER B 119 28.46 -33.76 -13.83
N ARG B 120 29.60 -33.08 -13.96
CA ARG B 120 30.12 -32.67 -15.26
C ARG B 120 31.66 -32.66 -15.19
N ASP B 121 32.30 -32.55 -16.35
CA ASP B 121 33.76 -32.61 -16.39
C ASP B 121 34.42 -31.29 -16.03
N ALA B 122 33.75 -30.20 -16.38
CA ALA B 122 34.22 -28.85 -16.08
C ALA B 122 33.05 -27.91 -16.37
N ILE B 123 33.14 -26.66 -15.94
CA ILE B 123 32.03 -25.74 -16.12
C ILE B 123 32.36 -24.70 -17.19
N PRO B 124 31.42 -24.46 -18.12
CA PRO B 124 31.66 -23.41 -19.11
C PRO B 124 31.81 -22.05 -18.45
N VAL B 125 32.48 -21.13 -19.12
CA VAL B 125 32.74 -19.80 -18.56
C VAL B 125 32.24 -18.73 -19.53
N TYR B 126 31.65 -17.67 -19.00
CA TYR B 126 31.40 -16.48 -19.82
C TYR B 126 32.25 -15.31 -19.40
N THR B 127 32.69 -14.53 -20.38
CA THR B 127 33.56 -13.39 -20.15
C THR B 127 32.79 -12.09 -20.38
N HIS B 128 33.51 -10.98 -20.29
CA HIS B 128 32.89 -9.66 -20.33
C HIS B 128 33.44 -8.79 -21.45
N ALA B 129 32.55 -8.28 -22.29
CA ALA B 129 32.92 -7.31 -23.30
C ALA B 129 32.09 -6.05 -23.08
N THR B 130 32.71 -5.05 -22.47
CA THR B 130 32.02 -3.80 -22.18
C THR B 130 32.73 -2.72 -22.95
N SER B 131 31.97 -1.90 -23.69
CA SER B 131 32.57 -0.84 -24.48
C SER B 131 31.54 0.20 -24.88
N ASP B 132 32.03 1.37 -25.31
CA ASP B 132 31.17 2.48 -25.66
C ASP B 132 30.88 2.57 -27.17
N THR B 133 31.50 1.68 -27.95
CA THR B 133 31.19 1.55 -29.37
C THR B 133 31.12 0.09 -29.77
N MET B 134 30.45 -0.19 -30.89
CA MET B 134 30.39 -1.56 -31.38
C MET B 134 31.77 -2.06 -31.77
N GLU B 135 32.58 -1.19 -32.37
CA GLU B 135 33.94 -1.57 -32.74
C GLU B 135 34.73 -2.06 -31.53
N GLY B 136 34.54 -1.38 -30.40
CA GLY B 136 35.19 -1.79 -29.16
C GLY B 136 34.72 -3.16 -28.73
N ILE B 137 33.41 -3.39 -28.82
CA ILE B 137 32.86 -4.71 -28.50
C ILE B 137 33.38 -5.80 -29.44
N TYR B 138 33.37 -5.54 -30.75
CA TYR B 138 33.90 -6.54 -31.69
C TYR B 138 35.34 -6.93 -31.36
N ASP B 139 36.18 -5.94 -31.04
CA ASP B 139 37.56 -6.21 -30.68
C ASP B 139 37.65 -7.21 -29.51
N LEU B 140 36.85 -6.98 -28.48
CA LEU B 140 36.86 -7.85 -27.30
C LEU B 140 36.31 -9.24 -27.62
N VAL B 141 35.17 -9.27 -28.29
CA VAL B 141 34.53 -10.53 -28.68
C VAL B 141 35.48 -11.43 -29.44
N GLU B 142 36.17 -10.89 -30.43
CA GLU B 142 37.03 -11.71 -31.28
C GLU B 142 38.24 -12.24 -30.53
N GLY B 143 38.74 -11.47 -29.56
CA GLY B 143 39.79 -11.98 -28.69
C GLY B 143 39.32 -13.14 -27.84
N PHE B 144 38.10 -13.03 -27.32
CA PHE B 144 37.54 -14.08 -26.48
C PHE B 144 37.28 -15.36 -27.29
N LEU B 145 36.81 -15.20 -28.52
CA LEU B 145 36.54 -16.37 -29.37
C LEU B 145 37.83 -17.11 -29.68
N GLU B 146 38.91 -16.35 -29.85
CA GLU B 146 40.23 -16.93 -30.13
C GLU B 146 40.68 -17.81 -28.97
N LYS B 147 40.27 -17.45 -27.77
CA LYS B 147 40.69 -18.18 -26.57
C LYS B 147 39.77 -19.35 -26.24
N GLY B 148 38.70 -19.49 -27.01
CA GLY B 148 37.82 -20.63 -26.86
C GLY B 148 36.54 -20.37 -26.07
N TYR B 149 36.30 -19.13 -25.66
CA TYR B 149 35.01 -18.80 -25.02
C TYR B 149 33.86 -18.87 -26.01
N LYS B 150 32.69 -19.29 -25.55
CA LYS B 150 31.52 -19.42 -26.41
C LYS B 150 30.36 -18.62 -25.84
N HIS B 151 30.61 -17.90 -24.74
CA HIS B 151 29.55 -17.13 -24.06
C HIS B 151 30.17 -15.82 -23.66
N ILE B 152 29.56 -14.71 -24.06
CA ILE B 152 30.13 -13.40 -23.74
C ILE B 152 29.04 -12.45 -23.28
N ARG B 153 29.23 -11.84 -22.12
CA ARG B 153 28.35 -10.78 -21.63
C ARG B 153 28.74 -9.44 -22.25
N CYS B 154 27.84 -8.88 -23.02
CA CYS B 154 28.13 -7.70 -23.82
C CYS B 154 27.34 -6.48 -23.36
N GLN B 155 28.05 -5.40 -23.10
CA GLN B 155 27.44 -4.15 -22.64
C GLN B 155 27.92 -2.99 -23.53
N LEU B 156 26.97 -2.29 -24.17
CA LEU B 156 27.28 -1.11 -24.98
C LEU B 156 26.85 0.14 -24.23
N GLY B 157 27.82 0.99 -23.91
CA GLY B 157 27.57 2.19 -23.14
C GLY B 157 27.31 3.42 -23.99
N LEU B 166 22.48 14.56 -21.63
CA LEU B 166 21.43 14.31 -20.64
C LEU B 166 20.57 15.55 -20.36
N HIS B 167 19.26 15.34 -20.36
CA HIS B 167 18.32 16.43 -20.11
C HIS B 167 18.07 16.58 -18.61
N THR B 168 19.02 17.14 -17.89
CA THR B 168 18.90 17.31 -16.44
C THR B 168 18.31 18.67 -16.06
N THR B 169 18.11 18.87 -14.77
CA THR B 169 17.56 20.11 -14.26
C THR B 169 18.65 21.17 -14.17
N GLN B 170 18.28 22.35 -13.67
CA GLN B 170 19.19 23.49 -13.64
C GLN B 170 20.43 23.27 -12.77
N ASN B 171 20.22 22.67 -11.60
CA ASN B 171 21.30 22.44 -10.64
C ASN B 171 21.17 21.02 -10.10
N PRO B 172 21.60 20.03 -10.88
CA PRO B 172 21.37 18.63 -10.51
C PRO B 172 22.09 18.25 -9.22
N THR B 173 21.44 17.43 -8.41
CA THR B 173 22.07 16.86 -7.21
C THR B 173 23.23 15.96 -7.63
N GLU B 174 24.33 16.00 -6.88
CA GLU B 174 25.49 15.17 -7.18
C GLU B 174 25.12 13.69 -7.32
N GLY B 175 25.71 13.01 -8.29
CA GLY B 175 25.54 11.57 -8.47
C GLY B 175 26.03 11.09 -9.82
N SER B 176 25.83 9.79 -10.09
CA SER B 176 26.20 9.19 -11.37
C SER B 176 24.97 9.06 -12.25
N TYR B 177 24.86 9.95 -13.24
CA TYR B 177 23.64 10.05 -14.03
C TYR B 177 23.61 9.15 -15.24
N TYR B 178 22.42 8.71 -15.61
CA TYR B 178 22.24 7.94 -16.84
C TYR B 178 20.84 8.13 -17.38
N ASP B 179 20.60 7.68 -18.61
CA ASP B 179 19.28 7.79 -19.21
C ASP B 179 18.81 6.38 -19.57
N GLN B 180 17.68 5.99 -19.00
CA GLN B 180 17.14 4.64 -19.19
C GLN B 180 16.78 4.36 -20.64
N ASP B 181 16.24 5.36 -21.32
CA ASP B 181 15.78 5.16 -22.68
C ASP B 181 16.94 5.01 -23.65
N GLN B 182 17.95 5.86 -23.50
CA GLN B 182 19.15 5.76 -24.31
C GLN B 182 19.82 4.41 -24.07
N TYR B 183 19.86 3.99 -22.81
CA TYR B 183 20.46 2.71 -22.47
C TYR B 183 19.72 1.55 -23.17
N MET B 184 18.40 1.56 -23.13
CA MET B 184 17.65 0.47 -23.78
C MET B 184 17.85 0.49 -25.30
N ASP B 185 17.82 1.67 -25.90
CA ASP B 185 18.04 1.77 -27.34
C ASP B 185 19.42 1.25 -27.74
N ASN B 186 20.44 1.69 -27.01
CA ASN B 186 21.80 1.23 -27.24
C ASN B 186 21.95 -0.30 -27.12
N THR B 187 21.28 -0.87 -26.14
CA THR B 187 21.43 -2.29 -25.87
C THR B 187 20.77 -3.09 -26.99
N LEU B 188 19.63 -2.62 -27.48
CA LEU B 188 18.97 -3.32 -28.57
C LEU B 188 19.77 -3.20 -29.87
N THR B 189 20.31 -2.02 -30.12
CA THR B 189 21.22 -1.82 -31.25
C THR B 189 22.42 -2.78 -31.16
N MET B 190 22.95 -2.93 -29.96
CA MET B 190 24.08 -3.83 -29.71
C MET B 190 23.73 -5.27 -30.11
N PHE B 191 22.59 -5.75 -29.62
CA PHE B 191 22.17 -7.12 -29.93
C PHE B 191 21.97 -7.31 -31.43
N LYS B 192 21.32 -6.34 -32.04
CA LYS B 192 21.02 -6.45 -33.47
C LYS B 192 22.33 -6.48 -34.25
N SER B 193 23.28 -5.64 -33.87
CA SER B 193 24.54 -5.56 -34.59
C SER B 193 25.38 -6.81 -34.40
N LEU B 194 25.38 -7.34 -33.18
CA LEU B 194 26.14 -8.57 -32.89
C LEU B 194 25.60 -9.75 -33.70
N ARG B 195 24.28 -9.88 -33.77
CA ARG B 195 23.71 -11.01 -34.50
C ARG B 195 23.97 -10.86 -36.01
N GLU B 196 23.96 -9.62 -36.48
CA GLU B 196 24.26 -9.37 -37.89
C GLU B 196 25.69 -9.76 -38.22
N LYS B 197 26.62 -9.47 -37.31
CA LYS B 197 28.02 -9.74 -37.58
C LYS B 197 28.42 -11.19 -37.31
N TYR B 198 27.93 -11.78 -36.21
CA TYR B 198 28.41 -13.08 -35.77
C TYR B 198 27.34 -14.18 -35.81
N GLY B 199 26.09 -13.80 -36.04
CA GLY B 199 25.02 -14.79 -36.03
C GLY B 199 25.05 -15.62 -34.76
N ASN B 200 25.11 -16.95 -34.89
CA ASN B 200 25.09 -17.85 -33.74
C ASN B 200 26.46 -18.34 -33.30
N GLN B 201 27.51 -17.60 -33.65
CA GLN B 201 28.87 -18.04 -33.31
C GLN B 201 29.09 -18.12 -31.81
N PHE B 202 28.42 -17.27 -31.06
CA PHE B 202 28.55 -17.33 -29.60
C PHE B 202 27.26 -16.88 -28.93
N HIS B 203 27.12 -17.28 -27.66
CA HIS B 203 26.00 -16.86 -26.82
C HIS B 203 26.25 -15.49 -26.25
N ILE B 204 25.24 -14.63 -26.32
CA ILE B 204 25.34 -13.26 -25.85
C ILE B 204 24.55 -13.11 -24.55
N LEU B 205 25.24 -12.67 -23.49
CA LEU B 205 24.58 -12.35 -22.24
C LEU B 205 24.49 -10.84 -22.10
N HIS B 206 23.57 -10.36 -21.30
CA HIS B 206 23.55 -8.92 -21.00
C HIS B 206 22.98 -8.67 -19.63
N ASP B 207 23.59 -7.73 -18.92
CA ASP B 207 23.21 -7.41 -17.55
C ASP B 207 22.51 -6.05 -17.49
N VAL B 208 21.20 -6.08 -17.25
CA VAL B 208 20.40 -4.86 -17.10
C VAL B 208 20.71 -4.13 -15.79
N HIS B 209 21.21 -4.87 -14.82
CA HIS B 209 21.73 -4.25 -13.60
C HIS B 209 20.68 -3.38 -12.90
N GLU B 210 19.45 -3.87 -12.87
CA GLU B 210 18.30 -3.20 -12.24
C GLU B 210 18.14 -1.73 -12.62
N ARG B 211 18.51 -1.39 -13.84
CA ARG B 211 18.51 0.00 -14.27
C ARG B 211 17.13 0.55 -14.68
N LEU B 212 16.14 -0.33 -14.78
CA LEU B 212 14.84 0.00 -15.38
C LEU B 212 13.68 -0.01 -14.40
N PHE B 213 12.62 0.72 -14.73
CA PHE B 213 11.35 0.56 -14.06
C PHE B 213 10.66 -0.64 -14.66
N PRO B 214 9.70 -1.23 -13.94
CA PRO B 214 9.07 -2.46 -14.44
C PRO B 214 8.44 -2.31 -15.83
N ASN B 215 7.82 -1.17 -16.12
CA ASN B 215 7.21 -1.00 -17.45
C ASN B 215 8.25 -1.01 -18.58
N GLN B 216 9.43 -0.43 -18.31
CA GLN B 216 10.54 -0.46 -19.27
C GLN B 216 11.11 -1.86 -19.41
N ALA B 217 11.25 -2.56 -18.29
CA ALA B 217 11.77 -3.92 -18.28
C ALA B 217 10.91 -4.84 -19.15
N ILE B 218 9.60 -4.69 -19.01
CA ILE B 218 8.66 -5.47 -19.79
C ILE B 218 8.83 -5.21 -21.29
N GLN B 219 8.96 -3.93 -21.65
CA GLN B 219 9.16 -3.53 -23.05
C GLN B 219 10.46 -4.10 -23.58
N PHE B 220 11.53 -3.92 -22.81
CA PHE B 220 12.83 -4.39 -23.23
C PHE B 220 12.85 -5.91 -23.45
N ALA B 221 12.22 -6.65 -22.53
CA ALA B 221 12.22 -8.11 -22.59
C ALA B 221 11.57 -8.59 -23.87
N LYS B 222 10.48 -7.94 -24.26
CA LYS B 222 9.81 -8.32 -25.47
C LYS B 222 10.62 -7.95 -26.72
N GLU B 223 11.28 -6.79 -26.71
CA GLU B 223 12.05 -6.37 -27.87
C GLU B 223 13.34 -7.16 -28.07
N VAL B 224 13.91 -7.67 -26.98
CA VAL B 224 15.21 -8.33 -27.08
C VAL B 224 15.06 -9.81 -27.39
N GLU B 225 13.85 -10.33 -27.18
CA GLU B 225 13.53 -11.75 -27.38
C GLU B 225 14.12 -12.29 -28.69
N GLN B 226 13.94 -11.53 -29.76
CA GLN B 226 14.33 -11.99 -31.10
C GLN B 226 15.83 -12.29 -31.18
N TYR B 227 16.63 -11.69 -30.30
CA TYR B 227 18.07 -11.82 -30.40
C TYR B 227 18.61 -12.98 -29.56
N LYS B 228 17.70 -13.70 -28.92
CA LYS B 228 18.01 -14.95 -28.23
C LYS B 228 19.19 -14.88 -27.26
N PRO B 229 19.14 -13.93 -26.32
CA PRO B 229 20.20 -13.85 -25.30
C PRO B 229 20.27 -15.13 -24.47
N TYR B 230 21.49 -15.53 -24.11
CA TYR B 230 21.69 -16.70 -23.29
C TYR B 230 20.98 -16.47 -21.95
N PHE B 231 21.16 -15.28 -21.40
CA PHE B 231 20.18 -14.74 -20.46
C PHE B 231 20.31 -13.24 -20.35
N ILE B 232 19.21 -12.60 -19.96
CA ILE B 232 19.19 -11.21 -19.56
C ILE B 232 19.18 -11.19 -18.04
N GLU B 233 20.15 -10.48 -17.48
CA GLU B 233 20.41 -10.52 -16.05
C GLU B 233 19.80 -9.31 -15.36
N ASP B 234 19.20 -9.55 -14.20
CA ASP B 234 18.71 -8.50 -13.30
C ASP B 234 17.86 -7.45 -14.00
N ILE B 235 16.83 -7.93 -14.70
CA ILE B 235 15.97 -7.05 -15.49
C ILE B 235 15.10 -6.19 -14.56
N LEU B 236 15.01 -6.60 -13.29
CA LEU B 236 14.25 -5.91 -12.24
C LEU B 236 15.06 -5.95 -10.95
N PRO B 237 14.84 -4.98 -10.04
CA PRO B 237 15.42 -5.04 -8.70
C PRO B 237 14.73 -6.12 -7.86
N PRO B 238 15.36 -6.53 -6.75
CA PRO B 238 14.85 -7.66 -5.96
C PRO B 238 13.47 -7.43 -5.35
N ASN B 239 13.04 -6.18 -5.24
CA ASN B 239 11.73 -5.89 -4.64
C ASN B 239 10.62 -5.65 -5.65
N GLN B 240 10.87 -5.92 -6.93
CA GLN B 240 9.83 -5.81 -7.95
C GLN B 240 9.75 -7.05 -8.83
N THR B 241 10.20 -8.19 -8.32
CA THR B 241 10.22 -9.42 -9.13
C THR B 241 8.85 -10.03 -9.40
N GLU B 242 7.81 -9.56 -8.70
CA GLU B 242 6.46 -9.99 -9.04
C GLU B 242 6.11 -9.59 -10.48
N TRP B 243 6.76 -8.54 -10.98
CA TRP B 243 6.53 -8.09 -12.33
C TRP B 243 7.03 -9.07 -13.40
N LEU B 244 7.77 -10.09 -12.97
CA LEU B 244 8.27 -11.09 -13.92
C LEU B 244 7.12 -11.86 -14.54
N ASP B 245 6.00 -11.96 -13.84
CA ASP B 245 4.85 -12.69 -14.39
C ASP B 245 4.41 -12.09 -15.71
N ASN B 246 4.42 -10.77 -15.78
CA ASN B 246 4.06 -10.06 -17.01
C ASN B 246 5.01 -10.45 -18.15
N ILE B 247 6.30 -10.49 -17.82
CA ILE B 247 7.31 -10.86 -18.80
C ILE B 247 7.15 -12.31 -19.27
N ARG B 248 7.01 -13.22 -18.31
CA ARG B 248 6.88 -14.65 -18.61
C ARG B 248 5.65 -14.98 -19.43
N SER B 249 4.62 -14.15 -19.36
CA SER B 249 3.41 -14.41 -20.11
C SER B 249 3.50 -14.00 -21.57
N GLN B 250 4.48 -13.18 -21.93
CA GLN B 250 4.50 -12.73 -23.32
C GLN B 250 5.84 -12.73 -24.03
N SER B 251 6.90 -13.11 -23.33
CA SER B 251 8.21 -13.18 -23.93
C SER B 251 8.88 -14.50 -23.56
N SER B 252 9.67 -15.04 -24.49
CA SER B 252 10.38 -16.29 -24.27
C SER B 252 11.82 -16.03 -23.81
N VAL B 253 12.13 -14.77 -23.49
CA VAL B 253 13.49 -14.40 -23.14
C VAL B 253 13.97 -15.14 -21.88
N SER B 254 15.21 -15.60 -21.91
CA SER B 254 15.79 -16.28 -20.77
C SER B 254 16.26 -15.25 -19.77
N LEU B 255 16.02 -15.51 -18.49
CA LEU B 255 16.32 -14.53 -17.43
C LEU B 255 17.21 -15.09 -16.34
N GLY B 256 18.19 -14.29 -15.90
CA GLY B 256 18.95 -14.65 -14.71
C GLY B 256 18.73 -13.54 -13.69
N LEU B 257 18.69 -13.88 -12.40
CA LEU B 257 18.49 -12.87 -11.40
C LEU B 257 18.97 -13.38 -10.07
N GLY B 258 19.46 -12.46 -9.23
CA GLY B 258 19.67 -12.82 -7.84
C GLY B 258 20.98 -12.47 -7.18
N GLU B 259 21.91 -11.82 -7.86
CA GLU B 259 23.18 -11.54 -7.21
C GLU B 259 23.00 -10.66 -5.99
N LEU B 260 21.92 -9.89 -5.94
CA LEU B 260 21.66 -9.01 -4.81
C LEU B 260 21.03 -9.71 -3.60
N PHE B 261 20.56 -10.94 -3.78
CA PHE B 261 19.74 -11.58 -2.73
C PHE B 261 20.50 -11.90 -1.45
N ASN B 262 19.88 -11.63 -0.31
CA ASN B 262 20.42 -12.10 0.97
C ASN B 262 19.36 -12.55 1.97
N ASN B 263 18.15 -12.79 1.46
CA ASN B 263 17.04 -13.23 2.28
C ASN B 263 16.25 -14.22 1.45
N PRO B 264 15.96 -15.40 1.99
CA PRO B 264 15.31 -16.43 1.18
C PRO B 264 13.96 -16.00 0.61
N GLU B 265 13.28 -15.06 1.26
CA GLU B 265 11.99 -14.60 0.74
C GLU B 265 12.15 -13.89 -0.59
N GLU B 266 13.37 -13.50 -0.92
CA GLU B 266 13.62 -12.84 -2.19
C GLU B 266 13.57 -13.84 -3.34
N TRP B 267 13.90 -15.11 -3.08
CA TRP B 267 13.99 -16.09 -4.16
C TRP B 267 12.92 -17.19 -4.15
N LYS B 268 12.29 -17.39 -3.01
CA LYS B 268 11.39 -18.54 -2.87
C LYS B 268 10.22 -18.52 -3.87
N SER B 269 9.44 -17.45 -3.87
CA SER B 269 8.32 -17.36 -4.80
C SER B 269 8.78 -17.31 -6.26
N LEU B 270 9.84 -16.54 -6.48
CA LEU B 270 10.51 -16.43 -7.77
C LEU B 270 10.81 -17.80 -8.40
N ILE B 271 11.39 -18.69 -7.61
CA ILE B 271 11.79 -19.98 -8.12
C ILE B 271 10.59 -20.93 -8.25
N ALA B 272 9.72 -20.95 -7.24
CA ALA B 272 8.61 -21.88 -7.24
C ALA B 272 7.64 -21.60 -8.39
N ASN B 273 7.62 -20.35 -8.83
CA ASN B 273 6.75 -19.93 -9.92
C ASN B 273 7.46 -19.85 -11.27
N ARG B 274 8.69 -20.36 -11.32
CA ARG B 274 9.42 -20.48 -12.57
C ARG B 274 9.60 -19.14 -13.27
N ARG B 275 9.82 -18.09 -12.47
CA ARG B 275 9.93 -16.73 -12.98
C ARG B 275 11.32 -16.38 -13.52
N ILE B 276 12.30 -17.24 -13.26
CA ILE B 276 13.63 -17.08 -13.83
C ILE B 276 14.16 -18.41 -14.36
N ASP B 277 15.26 -18.33 -15.10
CA ASP B 277 15.87 -19.52 -15.68
C ASP B 277 17.25 -19.80 -15.09
N PHE B 278 17.89 -18.76 -14.54
CA PHE B 278 19.20 -18.92 -13.92
C PHE B 278 19.23 -18.15 -12.61
N ILE B 279 19.50 -18.86 -11.52
CA ILE B 279 19.68 -18.19 -10.24
C ILE B 279 21.11 -17.63 -10.18
N ARG B 280 21.27 -16.40 -9.68
CA ARG B 280 22.52 -15.64 -9.82
C ARG B 280 23.16 -15.27 -8.49
N CYS B 281 22.71 -15.90 -7.40
CA CYS B 281 23.14 -15.46 -6.08
C CYS B 281 24.65 -15.42 -5.91
N HIS B 282 25.11 -14.50 -5.07
CA HIS B 282 26.48 -14.45 -4.66
C HIS B 282 26.58 -15.34 -3.42
N VAL B 283 27.34 -16.43 -3.52
CA VAL B 283 27.34 -17.44 -2.46
C VAL B 283 27.61 -16.87 -1.05
N SER B 284 28.57 -15.95 -0.92
CA SER B 284 28.85 -15.41 0.41
C SER B 284 27.69 -14.55 0.96
N GLN B 285 26.93 -13.93 0.07
CA GLN B 285 25.78 -13.13 0.47
C GLN B 285 24.62 -13.94 1.04
N ILE B 286 24.51 -15.21 0.64
CA ILE B 286 23.43 -16.05 1.15
C ILE B 286 23.90 -16.91 2.33
N GLY B 287 25.18 -16.78 2.69
CA GLY B 287 25.70 -17.45 3.88
C GLY B 287 26.62 -18.64 3.67
N GLY B 288 27.12 -18.84 2.45
CA GLY B 288 28.14 -19.85 2.21
C GLY B 288 27.72 -21.09 1.43
N ILE B 289 28.57 -22.11 1.47
CA ILE B 289 28.32 -23.38 0.78
C ILE B 289 27.05 -24.08 1.28
N THR B 290 26.87 -24.13 2.60
CA THR B 290 25.72 -24.80 3.20
C THR B 290 24.36 -24.37 2.58
N PRO B 291 24.04 -23.07 2.60
CA PRO B 291 22.79 -22.69 1.93
C PRO B 291 22.86 -22.78 0.41
N ALA B 292 24.04 -22.66 -0.18
CA ALA B 292 24.15 -22.77 -1.63
C ALA B 292 23.74 -24.17 -2.14
N LEU B 293 24.13 -25.21 -1.41
CA LEU B 293 23.71 -26.56 -1.78
C LEU B 293 22.20 -26.68 -1.77
N LYS B 294 21.57 -26.17 -0.70
CA LYS B 294 20.13 -26.26 -0.58
C LYS B 294 19.43 -25.48 -1.68
N LEU B 295 19.92 -24.29 -1.98
CA LEU B 295 19.33 -23.46 -3.01
C LEU B 295 19.50 -24.09 -4.39
N GLY B 296 20.66 -24.67 -4.66
CA GLY B 296 20.84 -25.35 -5.92
C GLY B 296 19.83 -26.49 -6.06
N HIS B 297 19.64 -27.25 -4.99
CA HIS B 297 18.68 -28.35 -5.03
C HIS B 297 17.27 -27.86 -5.24
N LEU B 298 16.92 -26.75 -4.58
CA LEU B 298 15.60 -26.12 -4.75
C LEU B 298 15.38 -25.76 -6.22
N CYS B 299 16.37 -25.10 -6.81
CA CYS B 299 16.30 -24.78 -8.23
C CYS B 299 16.15 -26.04 -9.10
N GLN B 300 16.88 -27.10 -8.76
CA GLN B 300 16.80 -28.34 -9.52
C GLN B 300 15.37 -28.85 -9.53
N ASN B 301 14.69 -28.79 -8.39
CA ASN B 301 13.30 -29.25 -8.35
C ASN B 301 12.45 -28.51 -9.37
N PHE B 302 12.69 -27.21 -9.46
CA PHE B 302 11.83 -26.34 -10.26
C PHE B 302 12.31 -26.09 -11.68
N GLY B 303 13.43 -26.73 -12.05
CA GLY B 303 13.92 -26.64 -13.41
C GLY B 303 14.70 -25.35 -13.70
N VAL B 304 15.23 -24.74 -12.65
CA VAL B 304 16.02 -23.51 -12.77
C VAL B 304 17.50 -23.89 -12.72
N ARG B 305 18.30 -23.32 -13.62
CA ARG B 305 19.74 -23.62 -13.64
C ARG B 305 20.56 -22.62 -12.80
N ILE B 306 21.85 -22.89 -12.63
CA ILE B 306 22.67 -22.09 -11.70
C ILE B 306 23.80 -21.32 -12.40
N ALA B 307 23.87 -20.02 -12.12
CA ALA B 307 24.96 -19.15 -12.57
C ALA B 307 25.35 -18.24 -11.42
N TRP B 308 26.00 -18.80 -10.39
CA TRP B 308 26.38 -18.00 -9.22
C TRP B 308 27.19 -16.79 -9.68
N HIS B 309 26.96 -15.65 -9.04
CA HIS B 309 27.67 -14.42 -9.34
C HIS B 309 29.15 -14.53 -8.95
N CYS B 310 30.04 -14.22 -9.91
CA CYS B 310 31.48 -14.18 -9.66
C CYS B 310 32.04 -12.85 -10.15
N ALA B 311 32.85 -12.19 -9.34
CA ALA B 311 33.38 -10.90 -9.73
C ALA B 311 34.77 -10.69 -9.15
N PRO B 312 35.47 -9.65 -9.62
CA PRO B 312 36.81 -9.42 -9.08
C PRO B 312 36.80 -9.05 -7.60
N ASP B 313 35.67 -8.58 -7.09
CA ASP B 313 35.56 -8.26 -5.67
C ASP B 313 35.10 -9.49 -4.89
N MET B 314 35.69 -10.63 -5.22
CA MET B 314 35.53 -11.89 -4.47
C MET B 314 36.91 -12.49 -4.45
N THR B 315 37.28 -13.16 -3.37
CA THR B 315 38.58 -13.80 -3.31
C THR B 315 38.65 -14.98 -4.29
N PRO B 316 39.85 -15.32 -4.78
CA PRO B 316 40.02 -16.52 -5.58
C PRO B 316 39.61 -17.79 -4.82
N ILE B 317 39.56 -17.70 -3.49
CA ILE B 317 39.04 -18.80 -2.68
C ILE B 317 37.56 -18.96 -2.98
N GLY B 318 36.85 -17.84 -2.98
CA GLY B 318 35.44 -17.84 -3.32
C GLY B 318 35.19 -18.37 -4.72
N ALA B 319 36.05 -17.97 -5.67
CA ALA B 319 35.93 -18.45 -7.04
C ALA B 319 36.12 -19.96 -7.13
N ALA B 320 37.11 -20.49 -6.42
CA ALA B 320 37.36 -21.92 -6.42
C ALA B 320 36.18 -22.68 -5.82
N VAL B 321 35.63 -22.15 -4.74
CA VAL B 321 34.44 -22.77 -4.14
C VAL B 321 33.32 -22.87 -5.16
N ASN B 322 33.08 -21.79 -5.90
CA ASN B 322 32.03 -21.84 -6.91
C ASN B 322 32.31 -22.89 -8.00
N THR B 323 33.57 -23.06 -8.40
CA THR B 323 33.85 -24.10 -9.38
C THR B 323 33.57 -25.51 -8.82
N HIS B 324 33.87 -25.72 -7.54
CA HIS B 324 33.53 -26.99 -6.89
C HIS B 324 32.01 -27.19 -6.93
N LEU B 325 31.26 -26.17 -6.54
CA LEU B 325 29.80 -26.25 -6.56
C LEU B 325 29.31 -26.51 -7.98
N ASN B 326 30.02 -25.93 -8.96
CA ASN B 326 29.58 -25.97 -10.35
C ASN B 326 29.83 -27.29 -11.06
N VAL B 327 30.88 -28.00 -10.66
CA VAL B 327 31.11 -29.33 -11.23
C VAL B 327 30.29 -30.39 -10.52
N HIS B 328 29.85 -30.08 -9.30
CA HIS B 328 29.03 -31.03 -8.55
C HIS B 328 27.52 -30.93 -8.84
N LEU B 329 26.97 -29.74 -8.71
CA LEU B 329 25.52 -29.60 -8.81
C LEU B 329 25.06 -29.78 -10.25
N HIS B 330 24.16 -30.73 -10.47
CA HIS B 330 23.80 -31.16 -11.82
C HIS B 330 23.17 -30.04 -12.65
N ASN B 331 22.46 -29.13 -11.98
CA ASN B 331 21.84 -28.01 -12.67
C ASN B 331 22.70 -26.74 -12.80
N ALA B 332 23.99 -26.82 -12.49
CA ALA B 332 24.89 -25.69 -12.73
C ALA B 332 25.04 -25.47 -14.23
N ALA B 333 25.08 -24.21 -14.65
CA ALA B 333 25.12 -23.87 -16.07
C ALA B 333 26.44 -23.27 -16.53
N ILE B 334 26.89 -22.26 -15.81
CA ILE B 334 28.01 -21.47 -16.30
C ILE B 334 28.63 -20.65 -15.17
N GLN B 335 29.93 -20.38 -15.28
CA GLN B 335 30.63 -19.58 -14.28
C GLN B 335 31.14 -18.28 -14.89
N GLU B 336 30.85 -17.19 -14.21
CA GLU B 336 31.25 -15.86 -14.64
C GLU B 336 32.77 -15.73 -14.48
N HIS B 337 33.44 -15.28 -15.54
CA HIS B 337 34.89 -15.19 -15.58
C HIS B 337 35.39 -14.07 -14.68
N VAL B 338 36.50 -14.30 -14.00
CA VAL B 338 37.16 -13.26 -13.22
C VAL B 338 38.66 -13.28 -13.48
N GLU B 339 39.17 -12.17 -14.00
CA GLU B 339 40.59 -12.03 -14.27
C GLU B 339 41.27 -11.50 -13.03
N TYR B 340 42.33 -12.16 -12.60
CA TYR B 340 43.06 -11.72 -11.42
C TYR B 340 44.46 -11.24 -11.79
N ASN B 341 44.91 -10.15 -11.16
CA ASN B 341 46.21 -9.55 -11.46
C ASN B 341 47.34 -10.19 -10.69
N GLY B 342 48.56 -9.71 -10.94
CA GLY B 342 49.76 -10.29 -10.38
C GLY B 342 49.75 -10.33 -8.86
N ASN B 343 49.44 -9.20 -8.24
CA ASN B 343 49.45 -9.13 -6.78
C ASN B 343 48.44 -10.11 -6.18
N THR B 344 47.26 -10.16 -6.78
CA THR B 344 46.21 -11.05 -6.29
C THR B 344 46.67 -12.50 -6.34
N HIS B 345 47.30 -12.88 -7.44
CA HIS B 345 47.83 -14.24 -7.56
C HIS B 345 48.91 -14.52 -6.52
N LYS B 346 49.65 -13.48 -6.12
CA LYS B 346 50.64 -13.65 -5.06
C LYS B 346 49.99 -13.90 -3.70
N VAL B 347 48.88 -13.21 -3.44
CA VAL B 347 48.21 -13.30 -2.15
C VAL B 347 47.36 -14.58 -2.07
N PHE B 348 46.87 -15.04 -3.21
CA PHE B 348 46.07 -16.27 -3.28
C PHE B 348 46.61 -17.21 -4.36
N PRO B 349 47.65 -17.99 -4.03
CA PRO B 349 48.30 -18.83 -5.04
C PRO B 349 47.41 -19.93 -5.62
N ASN B 350 47.74 -20.33 -6.84
CA ASN B 350 47.15 -21.51 -7.47
C ASN B 350 45.71 -21.34 -7.94
N ALA B 351 45.29 -20.10 -8.14
CA ALA B 351 43.94 -19.84 -8.63
C ALA B 351 43.82 -20.31 -10.08
N ALA B 352 42.81 -21.13 -10.37
CA ALA B 352 42.62 -21.62 -11.73
C ALA B 352 42.17 -20.52 -12.68
N GLU B 353 42.55 -20.65 -13.95
CA GLU B 353 42.05 -19.79 -15.02
C GLU B 353 41.38 -20.66 -16.07
N PRO B 354 40.44 -20.07 -16.84
CA PRO B 354 39.77 -20.90 -17.83
C PRO B 354 40.71 -21.44 -18.89
N ILE B 355 40.42 -22.65 -19.35
CA ILE B 355 41.16 -23.29 -20.43
C ILE B 355 40.17 -23.68 -21.52
N ASN B 356 40.34 -23.09 -22.69
CA ASN B 356 39.40 -23.27 -23.79
C ASN B 356 37.94 -23.11 -23.38
N GLY B 357 37.67 -22.09 -22.56
CA GLY B 357 36.31 -21.74 -22.20
C GLY B 357 35.74 -22.52 -21.04
N TYR B 358 36.58 -23.31 -20.37
CA TYR B 358 36.15 -24.12 -19.23
C TYR B 358 36.97 -23.85 -17.98
N LEU B 359 36.30 -23.84 -16.82
CA LEU B 359 37.01 -23.86 -15.55
C LEU B 359 36.96 -25.24 -14.94
N TYR B 360 38.15 -25.74 -14.55
CA TYR B 360 38.27 -27.05 -13.92
C TYR B 360 38.39 -26.91 -12.42
N ALA B 361 37.70 -27.78 -11.70
CA ALA B 361 37.75 -27.74 -10.25
C ALA B 361 39.13 -28.16 -9.79
N SER B 362 39.54 -27.63 -8.63
CA SER B 362 40.81 -28.01 -8.03
C SER B 362 40.73 -29.49 -7.64
N GLU B 363 41.87 -30.17 -7.69
CA GLU B 363 41.93 -31.61 -7.43
C GLU B 363 42.77 -32.00 -6.23
N ILE B 364 43.30 -31.03 -5.50
CA ILE B 364 44.00 -31.36 -4.25
C ILE B 364 42.99 -31.36 -3.11
N ALA B 365 43.45 -31.72 -1.91
CA ALA B 365 42.54 -31.77 -0.77
C ALA B 365 42.13 -30.37 -0.36
N GLY B 366 40.87 -30.21 0.02
CA GLY B 366 40.37 -28.91 0.45
C GLY B 366 39.75 -28.12 -0.68
N ILE B 367 39.58 -26.82 -0.45
CA ILE B 367 39.13 -25.93 -1.51
C ILE B 367 40.17 -25.84 -2.63
N GLY B 368 41.45 -25.81 -2.25
CA GLY B 368 42.53 -25.81 -3.23
C GLY B 368 43.24 -24.47 -3.35
N VAL B 369 42.69 -23.45 -2.70
CA VAL B 369 43.28 -22.10 -2.71
C VAL B 369 43.20 -21.56 -1.30
N GLU B 370 44.30 -20.98 -0.84
CA GLU B 370 44.42 -20.40 0.50
C GLU B 370 44.85 -18.95 0.39
N ILE B 371 45.04 -18.30 1.54
CA ILE B 371 45.61 -16.96 1.53
C ILE B 371 47.02 -17.03 2.12
N ASP B 372 47.95 -16.33 1.47
CA ASP B 372 49.29 -16.14 2.01
C ASP B 372 49.25 -14.94 2.95
N ARG B 373 49.26 -15.21 4.25
CA ARG B 373 49.00 -14.17 5.24
C ARG B 373 50.07 -13.07 5.27
N GLU B 374 51.33 -13.42 5.08
CA GLU B 374 52.37 -12.42 5.05
C GLU B 374 52.22 -11.54 3.81
N ALA B 375 51.93 -12.16 2.67
CA ALA B 375 51.73 -11.40 1.43
C ALA B 375 50.51 -10.49 1.53
N ALA B 376 49.44 -10.98 2.16
CA ALA B 376 48.23 -10.18 2.29
C ALA B 376 48.47 -8.90 3.09
N ALA B 377 49.32 -9.00 4.10
CA ALA B 377 49.61 -7.85 4.95
C ALA B 377 50.29 -6.69 4.21
N GLU B 378 50.81 -6.95 3.02
CA GLU B 378 51.44 -5.90 2.22
C GLU B 378 50.39 -4.97 1.60
N PHE B 379 49.14 -5.39 1.61
CA PHE B 379 48.08 -4.64 0.97
C PHE B 379 46.90 -4.42 1.92
N PRO B 380 47.04 -3.47 2.84
CA PRO B 380 46.01 -3.21 3.86
C PRO B 380 44.73 -2.66 3.25
N VAL B 381 43.65 -2.75 4.01
CA VAL B 381 42.37 -2.17 3.60
C VAL B 381 42.54 -0.68 3.27
N MET B 382 41.81 -0.20 2.27
CA MET B 382 41.81 1.22 1.95
C MET B 382 40.40 1.71 1.63
N TYR B 383 39.98 2.80 2.24
CA TYR B 383 38.61 3.29 2.03
C TYR B 383 38.32 3.65 0.58
N ARG B 384 37.17 3.22 0.09
CA ARG B 384 36.66 3.57 -1.25
C ARG B 384 35.21 4.04 -1.13
N PRO B 385 34.86 5.15 -1.82
CA PRO B 385 33.51 5.70 -1.70
C PRO B 385 32.46 5.01 -2.58
N HIS B 386 32.91 4.35 -3.66
CA HIS B 386 32.01 3.68 -4.59
C HIS B 386 30.92 4.61 -5.12
N GLU B 387 31.33 5.72 -5.72
CA GLU B 387 30.38 6.76 -6.16
C GLU B 387 29.28 6.25 -7.09
N TRP B 388 29.55 5.18 -7.84
CA TRP B 388 28.57 4.66 -8.78
C TRP B 388 27.29 4.19 -8.10
N THR B 389 27.33 3.91 -6.80
CA THR B 389 26.12 3.45 -6.13
C THR B 389 25.12 4.58 -5.88
N GLN B 390 25.56 5.82 -6.08
CA GLN B 390 24.65 6.98 -6.05
C GLN B 390 24.14 7.27 -7.47
N SER B 391 23.39 6.31 -8.00
CA SER B 391 22.93 6.36 -9.38
C SER B 391 21.65 7.18 -9.48
N ARG B 392 21.61 8.09 -10.46
CA ARG B 392 20.51 9.03 -10.59
C ARG B 392 19.98 9.15 -12.00
N LEU B 393 18.67 9.35 -12.11
CA LEU B 393 18.03 9.59 -13.39
C LEU B 393 18.05 11.09 -13.68
N PRO B 394 17.74 11.48 -14.92
CA PRO B 394 17.92 12.90 -15.29
C PRO B 394 17.21 13.88 -14.36
N ASP B 395 16.06 13.50 -13.82
CA ASP B 395 15.32 14.40 -12.91
C ASP B 395 15.95 14.53 -11.51
N GLY B 396 17.00 13.74 -11.26
CA GLY B 396 17.77 13.85 -10.04
C GLY B 396 17.42 12.78 -9.02
N ALA B 397 16.46 11.92 -9.37
CA ALA B 397 16.05 10.85 -8.45
C ALA B 397 17.03 9.68 -8.42
N ILE B 398 17.25 9.13 -7.23
CA ILE B 398 17.99 7.87 -7.08
C ILE B 398 17.28 6.76 -7.83
N HIS B 399 18.06 5.89 -8.48
CA HIS B 399 17.51 4.62 -8.95
C HIS B 399 18.40 3.51 -8.40
N THR B 400 17.85 2.31 -8.20
CA THR B 400 18.67 1.20 -7.71
C THR B 400 19.84 1.01 -8.67
N PRO B 401 21.07 0.91 -8.14
CA PRO B 401 22.29 0.93 -8.98
C PRO B 401 22.70 -0.40 -9.59
N GLU C 5 19.08 25.39 2.76
CA GLU C 5 19.68 24.07 2.97
C GLU C 5 20.14 23.93 4.40
N THR C 6 20.10 22.70 4.91
CA THR C 6 20.59 22.40 6.24
C THR C 6 21.74 21.41 6.11
N ILE C 7 22.96 21.93 6.03
CA ILE C 7 24.08 21.09 5.70
C ILE C 7 24.56 20.30 6.91
N ILE C 8 24.76 19.00 6.70
CA ILE C 8 25.28 18.13 7.75
C ILE C 8 26.76 18.40 8.00
N SER C 9 27.11 18.74 9.24
CA SER C 9 28.48 19.07 9.57
C SER C 9 29.27 17.93 10.21
N ASP C 10 28.57 17.04 10.91
CA ASP C 10 29.24 15.89 11.55
C ASP C 10 28.20 14.82 11.88
N ILE C 11 28.67 13.61 12.17
CA ILE C 11 27.80 12.50 12.54
C ILE C 11 28.49 11.75 13.67
N HIS C 12 27.75 11.42 14.72
CA HIS C 12 28.31 10.59 15.77
C HIS C 12 27.43 9.36 15.99
N CYS C 13 28.05 8.29 16.47
CA CYS C 13 27.32 7.11 16.87
C CYS C 13 27.74 6.75 18.28
N ILE C 14 26.81 6.83 19.21
CA ILE C 14 27.12 6.59 20.62
C ILE C 14 26.46 5.29 21.08
N ILE C 15 27.26 4.34 21.53
CA ILE C 15 26.72 3.16 22.21
C ILE C 15 26.82 3.41 23.71
N THR C 16 25.72 3.16 24.41
CA THR C 16 25.66 3.33 25.86
C THR C 16 24.87 2.18 26.50
N LYS C 17 25.32 1.74 27.67
CA LYS C 17 24.68 0.61 28.34
C LYS C 17 24.36 0.98 29.79
N PRO C 18 23.34 1.84 29.97
CA PRO C 18 22.89 2.34 31.28
C PRO C 18 22.35 1.24 32.17
N ASP C 19 21.66 0.27 31.57
CA ASP C 19 21.06 -0.82 32.31
C ASP C 19 21.59 -2.13 31.75
N ARG C 20 20.70 -3.01 31.33
CA ARG C 20 21.12 -4.32 30.84
C ARG C 20 21.54 -4.33 29.38
N HIS C 21 21.16 -3.31 28.63
CA HIS C 21 21.19 -3.38 27.18
C HIS C 21 22.08 -2.33 26.51
N ASN C 22 22.81 -2.75 25.47
CA ASN C 22 23.56 -1.83 24.64
C ASN C 22 22.62 -1.06 23.74
N LEU C 23 22.57 0.26 23.94
CA LEU C 23 21.69 1.15 23.18
C LEU C 23 22.52 2.00 22.24
N ILE C 24 21.98 2.25 21.04
CA ILE C 24 22.75 2.94 20.01
C ILE C 24 22.02 4.16 19.50
N THR C 25 22.68 5.31 19.59
CA THR C 25 22.12 6.58 19.18
C THR C 25 22.99 7.21 18.10
N VAL C 26 22.36 7.72 17.07
CA VAL C 26 23.07 8.49 16.05
C VAL C 26 22.76 9.96 16.27
N VAL C 27 23.79 10.79 16.17
CA VAL C 27 23.64 12.23 16.35
C VAL C 27 24.08 12.89 15.04
N VAL C 28 23.18 13.70 14.47
CA VAL C 28 23.49 14.46 13.25
C VAL C 28 23.63 15.93 13.61
N GLU C 29 24.83 16.45 13.41
CA GLU C 29 25.12 17.85 13.72
C GLU C 29 25.04 18.69 12.45
N THR C 30 24.70 19.97 12.63
CA THR C 30 24.57 20.90 11.51
C THR C 30 25.21 22.22 11.92
N ASN C 31 25.26 23.15 10.97
CA ASN C 31 25.67 24.51 11.24
C ASN C 31 24.47 25.45 11.25
N GLU C 32 23.29 24.93 11.56
CA GLU C 32 22.06 25.74 11.54
C GLU C 32 21.35 25.81 12.89
N GLY C 33 22.09 25.63 13.97
CA GLY C 33 21.53 25.75 15.30
C GLY C 33 20.53 24.65 15.58
N VAL C 34 20.81 23.46 15.07
CA VAL C 34 19.92 22.32 15.28
C VAL C 34 20.70 21.01 15.23
N THR C 35 20.37 20.10 16.13
CA THR C 35 21.02 18.81 16.20
C THR C 35 19.95 17.73 16.24
N GLY C 36 20.17 16.64 15.52
CA GLY C 36 19.20 15.56 15.46
C GLY C 36 19.71 14.31 16.15
N PHE C 37 18.77 13.56 16.75
CA PHE C 37 19.07 12.33 17.45
C PHE C 37 18.17 11.21 16.95
N GLY C 38 18.72 10.01 16.78
CA GLY C 38 17.93 8.90 16.26
C GLY C 38 18.37 7.58 16.86
N CYS C 39 17.51 6.57 16.75
CA CYS C 39 17.80 5.27 17.30
C CYS C 39 18.28 4.31 16.22
N ALA C 40 19.42 3.66 16.50
CA ALA C 40 20.05 2.71 15.62
C ALA C 40 20.24 1.36 16.35
N THR C 41 19.41 1.10 17.34
CA THR C 41 19.69 0.00 18.25
C THR C 41 19.42 -1.41 17.70
N PHE C 42 20.51 -2.07 17.32
CA PHE C 42 20.52 -3.51 17.06
C PHE C 42 21.34 -4.02 18.23
N GLN C 43 20.66 -4.36 19.32
CA GLN C 43 21.36 -4.58 20.58
C GLN C 43 22.42 -5.67 20.55
N GLN C 44 22.18 -6.72 19.77
CA GLN C 44 23.08 -7.86 19.75
C GLN C 44 24.41 -7.65 19.02
N ARG C 45 24.49 -6.64 18.16
CA ARG C 45 25.72 -6.43 17.37
C ARG C 45 26.07 -4.94 17.29
N PRO C 46 26.19 -4.26 18.44
CA PRO C 46 26.24 -2.80 18.41
C PRO C 46 27.50 -2.24 17.73
N LEU C 47 28.64 -2.91 17.88
CA LEU C 47 29.88 -2.42 17.27
C LEU C 47 29.85 -2.51 15.74
N ALA C 48 29.10 -3.47 15.22
CA ALA C 48 28.89 -3.57 13.77
C ALA C 48 28.13 -2.36 13.24
N VAL C 49 27.07 -1.97 13.96
CA VAL C 49 26.28 -0.79 13.63
C VAL C 49 27.14 0.47 13.75
N LYS C 50 27.91 0.60 14.82
CA LYS C 50 28.77 1.77 14.97
C LYS C 50 29.81 1.86 13.85
N THR C 51 30.44 0.75 13.50
CA THR C 51 31.38 0.73 12.40
C THR C 51 30.69 1.22 11.14
N MET C 52 29.48 0.71 10.91
CA MET C 52 28.70 1.08 9.74
C MET C 52 28.48 2.60 9.69
N VAL C 53 28.08 3.20 10.81
CA VAL C 53 27.86 4.66 10.85
C VAL C 53 29.17 5.46 10.70
N ASP C 54 30.16 5.16 11.55
CA ASP C 54 31.40 5.91 11.57
C ASP C 54 32.20 5.81 10.27
N GLU C 55 32.35 4.59 9.75
CA GLU C 55 33.26 4.36 8.62
C GLU C 55 32.59 4.54 7.25
N TYR C 56 31.28 4.37 7.18
CA TYR C 56 30.62 4.30 5.88
C TYR C 56 29.51 5.32 5.66
N LEU C 57 28.60 5.48 6.62
CA LEU C 57 27.56 6.48 6.44
C LEU C 57 28.09 7.89 6.62
N LYS C 58 28.94 8.09 7.62
CA LYS C 58 29.47 9.44 7.87
C LYS C 58 30.08 10.11 6.64
N PRO C 59 30.99 9.41 5.93
CA PRO C 59 31.65 10.10 4.81
C PRO C 59 30.72 10.47 3.67
N ILE C 60 29.62 9.75 3.49
CA ILE C 60 28.69 10.06 2.40
C ILE C 60 27.61 11.06 2.82
N LEU C 61 27.54 11.36 4.12
CA LEU C 61 26.53 12.31 4.60
C LEU C 61 27.05 13.71 4.87
N ILE C 62 28.31 13.84 5.28
CA ILE C 62 28.87 15.15 5.58
C ILE C 62 28.80 16.03 4.33
N GLY C 63 28.25 17.23 4.51
CA GLY C 63 28.13 18.16 3.42
C GLY C 63 26.80 18.10 2.69
N LYS C 64 26.01 17.07 2.98
CA LYS C 64 24.74 16.90 2.30
C LYS C 64 23.64 17.69 3.00
N ASN C 65 22.56 17.95 2.25
CA ASN C 65 21.44 18.73 2.75
C ASN C 65 20.43 17.86 3.49
N ALA C 66 20.43 17.97 4.82
CA ALA C 66 19.55 17.19 5.69
C ALA C 66 18.07 17.38 5.40
N ASN C 67 17.70 18.48 4.76
CA ASN C 67 16.28 18.73 4.50
C ASN C 67 15.62 17.64 3.67
N ASN C 68 16.37 17.08 2.72
CA ASN C 68 15.81 16.09 1.79
C ASN C 68 15.92 14.68 2.35
N ILE C 69 15.10 14.42 3.35
CA ILE C 69 15.18 13.14 4.05
C ILE C 69 14.91 12.00 3.09
N GLU C 70 13.94 12.20 2.18
CA GLU C 70 13.56 11.13 1.28
C GLU C 70 14.69 10.78 0.32
N ASP C 71 15.33 11.79 -0.26
CA ASP C 71 16.47 11.50 -1.13
C ASP C 71 17.58 10.80 -0.37
N LEU C 72 17.90 11.30 0.81
CA LEU C 72 19.00 10.72 1.56
C LEU C 72 18.68 9.28 1.97
N TRP C 73 17.42 9.00 2.28
CA TRP C 73 17.03 7.63 2.61
C TRP C 73 17.18 6.70 1.41
N GLN C 74 16.64 7.12 0.27
CA GLN C 74 16.74 6.31 -0.95
C GLN C 74 18.21 6.10 -1.31
N MET C 75 19.01 7.16 -1.16
CA MET C 75 20.44 7.09 -1.47
C MET C 75 21.17 6.14 -0.49
N MET C 76 20.95 6.31 0.81
CA MET C 76 21.63 5.45 1.78
C MET C 76 21.28 3.98 1.61
N MET C 77 20.02 3.70 1.35
CA MET C 77 19.56 2.30 1.30
C MET C 77 20.28 1.47 0.23
N VAL C 78 20.67 2.12 -0.87
CA VAL C 78 21.36 1.39 -1.93
C VAL C 78 22.86 1.67 -1.99
N ASN C 79 23.38 2.43 -1.04
CA ASN C 79 24.74 2.93 -1.17
C ASN C 79 25.84 1.85 -1.12
N ALA C 80 25.56 0.73 -0.46
CA ALA C 80 26.55 -0.35 -0.41
C ALA C 80 26.33 -1.38 -1.51
N TYR C 81 25.46 -1.05 -2.45
CA TYR C 81 24.97 -1.99 -3.47
C TYR C 81 24.14 -3.11 -2.87
N TRP C 82 24.79 -4.04 -2.19
CA TRP C 82 24.04 -5.00 -1.40
C TRP C 82 23.36 -4.24 -0.29
N ARG C 83 22.21 -4.72 0.13
CA ARG C 83 21.35 -3.90 0.96
C ARG C 83 20.39 -4.71 1.83
N ASN C 84 19.55 -3.99 2.55
CA ASN C 84 18.67 -4.55 3.57
C ASN C 84 19.51 -5.17 4.68
N GLY C 85 18.87 -5.88 5.60
CA GLY C 85 19.60 -6.50 6.68
C GLY C 85 19.64 -5.61 7.90
N PRO C 86 19.89 -6.21 9.06
CA PRO C 86 19.80 -5.46 10.32
C PRO C 86 20.94 -4.46 10.58
N VAL C 87 22.15 -4.75 10.13
CA VAL C 87 23.27 -3.84 10.40
C VAL C 87 23.14 -2.54 9.61
N ILE C 88 22.96 -2.63 8.29
CA ILE C 88 22.77 -1.46 7.45
C ILE C 88 21.51 -0.68 7.82
N ASN C 89 20.39 -1.38 7.97
CA ASN C 89 19.12 -0.69 8.20
C ASN C 89 19.09 0.08 9.50
N ASN C 90 19.64 -0.50 10.56
CA ASN C 90 19.73 0.20 11.83
C ASN C 90 20.62 1.43 11.78
N ALA C 91 21.75 1.32 11.12
CA ALA C 91 22.61 2.48 10.90
C ALA C 91 21.84 3.59 10.16
N ILE C 92 21.14 3.21 9.10
CA ILE C 92 20.33 4.16 8.34
C ILE C 92 19.22 4.75 9.19
N SER C 93 18.57 3.91 10.01
CA SER C 93 17.48 4.36 10.87
C SER C 93 17.94 5.48 11.80
N GLY C 94 19.12 5.32 12.37
CA GLY C 94 19.64 6.33 13.29
C GLY C 94 19.74 7.68 12.59
N VAL C 95 20.29 7.67 11.38
CA VAL C 95 20.37 8.90 10.58
C VAL C 95 18.97 9.39 10.22
N ASP C 96 18.14 8.51 9.68
CA ASP C 96 16.79 8.90 9.26
C ASP C 96 16.01 9.59 10.38
N MET C 97 16.03 8.99 11.57
CA MET C 97 15.28 9.55 12.69
C MET C 97 15.86 10.89 13.08
N ALA C 98 17.19 10.99 13.04
CA ALA C 98 17.87 12.23 13.39
C ALA C 98 17.51 13.35 12.39
N LEU C 99 17.36 13.00 11.12
CA LEU C 99 16.97 13.99 10.11
C LEU C 99 15.53 14.45 10.32
N TRP C 100 14.64 13.51 10.68
CA TRP C 100 13.27 13.86 11.03
C TRP C 100 13.23 14.78 12.26
N ASP C 101 14.08 14.50 13.22
CA ASP C 101 14.19 15.29 14.45
C ASP C 101 14.59 16.72 14.09
N ILE C 102 15.61 16.83 13.24
CA ILE C 102 16.07 18.13 12.76
C ILE C 102 14.93 18.87 12.07
N LYS C 103 14.21 18.17 11.19
CA LYS C 103 13.12 18.82 10.45
C LYS C 103 12.04 19.32 11.40
N ALA C 104 11.65 18.47 12.36
CA ALA C 104 10.62 18.87 13.32
C ALA C 104 11.09 20.06 14.15
N LYS C 105 12.35 20.04 14.55
CA LYS C 105 12.90 21.17 15.29
C LYS C 105 12.88 22.47 14.48
N LEU C 106 13.30 22.39 13.21
CA LEU C 106 13.33 23.59 12.36
C LEU C 106 11.91 24.12 12.15
N ALA C 107 10.95 23.20 12.09
CA ALA C 107 9.54 23.56 11.94
C ALA C 107 8.92 24.11 13.22
N GLY C 108 9.59 23.90 14.35
CA GLY C 108 9.04 24.26 15.65
C GLY C 108 7.82 23.44 16.04
N MET C 109 7.82 22.16 15.66
CA MET C 109 6.67 21.28 15.84
C MET C 109 7.06 19.94 16.43
N PRO C 110 6.16 19.32 17.20
CA PRO C 110 6.40 17.92 17.56
C PRO C 110 6.47 17.07 16.30
N LEU C 111 7.25 16.00 16.32
CA LEU C 111 7.41 15.15 15.14
C LEU C 111 6.09 14.74 14.49
N HIS C 112 5.12 14.27 15.28
CA HIS C 112 3.88 13.77 14.70
C HIS C 112 3.11 14.86 13.97
N GLN C 113 3.37 16.12 14.33
CA GLN C 113 2.68 17.20 13.64
C GLN C 113 3.18 17.38 12.20
N LEU C 114 4.45 17.09 11.94
CA LEU C 114 4.96 17.12 10.56
C LEU C 114 4.20 16.16 9.67
N PHE C 115 3.88 15.01 10.25
CA PHE C 115 3.26 13.92 9.50
C PHE C 115 1.88 14.25 8.97
N GLY C 116 1.21 15.22 9.61
CA GLY C 116 -0.20 15.48 9.38
C GLY C 116 -1.01 15.56 10.66
N GLY C 117 -0.34 15.40 11.81
CA GLY C 117 -0.99 15.57 13.10
C GLY C 117 -1.61 14.30 13.65
N LYS C 118 -2.38 14.45 14.72
CA LYS C 118 -2.96 13.31 15.42
C LYS C 118 -4.21 12.77 14.71
N SER C 119 -4.40 11.46 14.78
CA SER C 119 -5.69 10.84 14.43
C SER C 119 -6.26 10.07 15.62
N ARG C 120 -5.60 10.20 16.78
CA ARG C 120 -6.13 9.73 18.06
C ARG C 120 -5.55 10.62 19.16
N ASP C 121 -6.09 10.56 20.36
CA ASP C 121 -5.59 11.42 21.44
C ASP C 121 -4.33 10.89 22.12
N ALA C 122 -4.22 9.56 22.16
CA ALA C 122 -3.08 8.89 22.78
C ALA C 122 -3.14 7.45 22.32
N ILE C 123 -2.05 6.71 22.51
CA ILE C 123 -2.03 5.32 22.08
C ILE C 123 -2.15 4.37 23.28
N PRO C 124 -3.04 3.38 23.20
CA PRO C 124 -3.08 2.40 24.29
C PRO C 124 -1.76 1.66 24.43
N VAL C 125 -1.52 1.14 25.62
CA VAL C 125 -0.27 0.46 25.92
C VAL C 125 -0.53 -0.94 26.45
N TYR C 126 0.27 -1.91 26.04
CA TYR C 126 0.26 -3.20 26.71
C TYR C 126 1.56 -3.47 27.44
N THR C 127 1.44 -4.13 28.58
CA THR C 127 2.58 -4.42 29.41
C THR C 127 2.81 -5.94 29.44
N HIS C 128 3.77 -6.39 30.23
CA HIS C 128 4.17 -7.80 30.24
C HIS C 128 4.08 -8.43 31.62
N ALA C 129 3.43 -9.58 31.69
CA ALA C 129 3.40 -10.36 32.92
C ALA C 129 3.88 -11.79 32.65
N THR C 130 5.07 -12.12 33.13
CA THR C 130 5.65 -13.44 32.94
C THR C 130 6.10 -13.97 34.29
N SER C 131 5.68 -15.19 34.61
CA SER C 131 6.01 -15.80 35.89
C SER C 131 5.93 -17.32 35.77
N ASP C 132 6.54 -18.02 36.73
CA ASP C 132 6.53 -19.47 36.69
C ASP C 132 5.27 -20.06 37.35
N THR C 133 4.45 -19.20 37.95
CA THR C 133 3.16 -19.63 38.50
C THR C 133 2.02 -18.71 38.08
N MET C 134 0.81 -19.25 38.04
CA MET C 134 -0.35 -18.43 37.79
C MET C 134 -0.45 -17.33 38.84
N GLU C 135 -0.22 -17.67 40.10
CA GLU C 135 -0.28 -16.68 41.16
C GLU C 135 0.71 -15.52 40.95
N GLY C 136 1.88 -15.85 40.39
CA GLY C 136 2.89 -14.84 40.09
C GLY C 136 2.40 -13.92 38.98
N ILE C 137 1.76 -14.50 37.97
CA ILE C 137 1.13 -13.71 36.92
C ILE C 137 0.05 -12.81 37.49
N TYR C 138 -0.76 -13.35 38.39
CA TYR C 138 -1.86 -12.60 38.99
C TYR C 138 -1.32 -11.38 39.74
N ASP C 139 -0.23 -11.56 40.48
CA ASP C 139 0.36 -10.45 41.22
C ASP C 139 0.76 -9.32 40.28
N LEU C 140 1.37 -9.68 39.15
CA LEU C 140 1.79 -8.69 38.16
C LEU C 140 0.60 -8.05 37.48
N VAL C 141 -0.32 -8.89 37.00
CA VAL C 141 -1.54 -8.42 36.37
C VAL C 141 -2.27 -7.40 37.25
N GLU C 142 -2.42 -7.73 38.53
CA GLU C 142 -3.18 -6.87 39.42
C GLU C 142 -2.51 -5.50 39.66
N GLY C 143 -1.18 -5.47 39.65
CA GLY C 143 -0.46 -4.21 39.73
C GLY C 143 -0.69 -3.38 38.48
N PHE C 144 -0.64 -4.02 37.33
CA PHE C 144 -0.90 -3.33 36.07
C PHE C 144 -2.32 -2.82 35.99
N LEU C 145 -3.27 -3.63 36.43
CA LEU C 145 -4.67 -3.21 36.37
C LEU C 145 -4.89 -1.95 37.21
N GLU C 146 -4.27 -1.91 38.38
CA GLU C 146 -4.40 -0.74 39.26
C GLU C 146 -3.90 0.54 38.59
N LYS C 147 -2.89 0.39 37.73
CA LYS C 147 -2.30 1.53 37.04
C LYS C 147 -3.09 1.92 35.80
N GLY C 148 -4.09 1.13 35.46
CA GLY C 148 -4.99 1.48 34.37
C GLY C 148 -4.73 0.80 33.05
N TYR C 149 -3.78 -0.13 33.00
CA TYR C 149 -3.57 -0.92 31.78
C TYR C 149 -4.78 -1.80 31.52
N LYS C 150 -5.13 -1.95 30.24
CA LYS C 150 -6.26 -2.74 29.79
C LYS C 150 -5.84 -3.85 28.84
N HIS C 151 -4.53 -3.99 28.66
CA HIS C 151 -3.95 -4.97 27.73
C HIS C 151 -2.67 -5.49 28.37
N ILE C 152 -2.53 -6.80 28.46
CA ILE C 152 -1.36 -7.39 29.10
C ILE C 152 -0.92 -8.64 28.36
N ARG C 153 0.35 -8.66 27.98
CA ARG C 153 0.98 -9.84 27.41
C ARG C 153 1.36 -10.79 28.54
N CYS C 154 0.74 -11.97 28.57
CA CYS C 154 0.93 -12.88 29.69
C CYS C 154 1.66 -14.15 29.28
N GLN C 155 2.55 -14.61 30.13
CA GLN C 155 3.27 -15.85 29.87
C GLN C 155 3.44 -16.65 31.15
N LEU C 156 3.00 -17.91 31.10
CA LEU C 156 3.23 -18.85 32.20
C LEU C 156 4.43 -19.72 31.87
N GLY C 157 5.43 -19.67 32.74
CA GLY C 157 6.62 -20.47 32.59
C GLY C 157 7.76 -19.72 31.94
N PHE C 158 8.98 -20.20 32.18
CA PHE C 158 10.17 -19.68 31.49
C PHE C 158 10.73 -20.79 30.62
N TYR C 159 11.22 -20.42 29.44
CA TYR C 159 11.63 -21.42 28.47
C TYR C 159 13.04 -21.16 27.98
N GLY C 160 13.94 -22.07 28.31
CA GLY C 160 15.32 -21.93 27.91
C GLY C 160 16.22 -22.24 29.08
N GLY C 161 16.54 -23.52 29.26
CA GLY C 161 17.39 -23.93 30.35
C GLY C 161 18.13 -25.22 30.05
N VAL C 162 18.34 -26.01 31.10
CA VAL C 162 19.08 -27.26 31.02
C VAL C 162 18.30 -28.31 30.27
N PRO C 163 18.97 -29.04 29.38
CA PRO C 163 18.33 -30.10 28.59
C PRO C 163 17.93 -31.31 29.44
N THR C 164 18.67 -31.56 30.51
CA THR C 164 18.43 -32.76 31.33
C THR C 164 17.13 -32.70 32.14
N ASP C 165 16.47 -31.54 32.13
CA ASP C 165 15.13 -31.41 32.69
C ASP C 165 14.08 -31.99 31.74
N LEU C 166 14.50 -32.18 30.49
CA LEU C 166 13.60 -32.65 29.46
C LEU C 166 14.05 -34.03 29.05
N HIS C 167 13.30 -34.65 28.15
CA HIS C 167 13.69 -35.95 27.60
C HIS C 167 14.73 -35.74 26.51
N THR C 168 15.99 -35.67 26.91
CA THR C 168 17.06 -35.30 26.01
C THR C 168 18.00 -36.47 25.78
N THR C 169 19.05 -36.24 25.00
CA THR C 169 19.99 -37.30 24.63
C THR C 169 21.05 -37.51 25.70
N GLN C 170 21.95 -38.45 25.46
CA GLN C 170 22.97 -38.81 26.44
C GLN C 170 23.95 -37.67 26.73
N ASN C 171 24.37 -36.98 25.68
CA ASN C 171 25.32 -35.88 25.82
C ASN C 171 24.89 -34.66 25.02
N PRO C 172 23.91 -33.91 25.54
CA PRO C 172 23.33 -32.82 24.74
C PRO C 172 24.33 -31.73 24.41
N THR C 173 24.29 -31.24 23.19
CA THR C 173 25.05 -30.07 22.79
C THR C 173 24.66 -28.85 23.63
N GLU C 174 25.65 -28.05 24.02
CA GLU C 174 25.39 -26.87 24.83
C GLU C 174 24.39 -25.94 24.13
N GLY C 175 23.46 -25.39 24.91
CA GLY C 175 22.47 -24.46 24.39
C GLY C 175 21.37 -24.20 25.39
N SER C 176 20.33 -23.49 24.94
CA SER C 176 19.22 -23.14 25.79
C SER C 176 18.00 -23.95 25.34
N TYR C 177 17.64 -24.96 26.14
CA TYR C 177 16.67 -25.95 25.72
C TYR C 177 15.25 -25.68 26.22
N TYR C 178 14.27 -26.09 25.41
CA TYR C 178 12.89 -26.08 25.84
C TYR C 178 12.13 -27.18 25.11
N ASP C 179 10.93 -27.44 25.59
CA ASP C 179 10.05 -28.45 25.02
C ASP C 179 8.78 -27.79 24.53
N GLN C 180 8.50 -27.94 23.24
CA GLN C 180 7.38 -27.25 22.61
C GLN C 180 6.02 -27.66 23.18
N ASP C 181 5.85 -28.93 23.49
CA ASP C 181 4.56 -29.41 23.97
C ASP C 181 4.27 -28.86 25.36
N GLN C 182 5.29 -28.88 26.20
CA GLN C 182 5.22 -28.33 27.54
C GLN C 182 4.88 -26.83 27.48
N TYR C 183 5.55 -26.12 26.59
CA TYR C 183 5.30 -24.69 26.41
C TYR C 183 3.84 -24.46 25.98
N MET C 184 3.35 -25.21 25.00
CA MET C 184 1.98 -25.05 24.54
C MET C 184 0.96 -25.37 25.63
N ASP C 185 1.19 -26.46 26.37
CA ASP C 185 0.25 -26.86 27.42
C ASP C 185 0.16 -25.79 28.51
N ASN C 186 1.30 -25.29 28.96
CA ASN C 186 1.30 -24.23 29.96
C ASN C 186 0.55 -22.99 29.49
N THR C 187 0.77 -22.64 28.23
CA THR C 187 0.15 -21.45 27.66
C THR C 187 -1.37 -21.57 27.60
N LEU C 188 -1.86 -22.73 27.18
CA LEU C 188 -3.30 -22.92 27.12
C LEU C 188 -3.92 -22.96 28.52
N THR C 189 -3.22 -23.59 29.46
CA THR C 189 -3.68 -23.59 30.85
C THR C 189 -3.74 -22.16 31.39
N MET C 190 -2.74 -21.38 31.03
CA MET C 190 -2.68 -19.98 31.45
C MET C 190 -3.90 -19.17 30.95
N PHE C 191 -4.22 -19.29 29.67
CA PHE C 191 -5.33 -18.54 29.12
C PHE C 191 -6.64 -18.94 29.79
N LYS C 192 -6.82 -20.24 30.02
CA LYS C 192 -8.04 -20.72 30.64
C LYS C 192 -8.15 -20.15 32.06
N SER C 193 -7.05 -20.22 32.79
CA SER C 193 -7.03 -19.72 34.15
C SER C 193 -7.29 -18.22 34.22
N LEU C 194 -6.67 -17.46 33.32
CA LEU C 194 -6.88 -16.01 33.28
C LEU C 194 -8.34 -15.63 32.98
N ARG C 195 -8.97 -16.31 32.03
CA ARG C 195 -10.36 -16.00 31.71
C ARG C 195 -11.29 -16.34 32.87
N GLU C 196 -11.03 -17.45 33.55
CA GLU C 196 -11.83 -17.80 34.72
C GLU C 196 -11.63 -16.79 35.84
N LYS C 197 -10.39 -16.37 36.05
CA LYS C 197 -10.11 -15.41 37.14
C LYS C 197 -10.58 -13.98 36.88
N TYR C 198 -10.36 -13.49 35.66
CA TYR C 198 -10.61 -12.08 35.35
C TYR C 198 -11.71 -11.79 34.35
N GLY C 199 -12.25 -12.82 33.70
CA GLY C 199 -13.20 -12.60 32.64
C GLY C 199 -12.60 -11.70 31.58
N ASN C 200 -13.31 -10.63 31.25
CA ASN C 200 -12.87 -9.70 30.21
C ASN C 200 -12.31 -8.39 30.76
N GLN C 201 -11.80 -8.43 31.99
CA GLN C 201 -11.25 -7.23 32.60
C GLN C 201 -10.14 -6.62 31.76
N PHE C 202 -9.36 -7.47 31.12
CA PHE C 202 -8.31 -6.95 30.28
C PHE C 202 -8.13 -7.84 29.04
N HIS C 203 -7.52 -7.25 28.02
CA HIS C 203 -7.18 -7.98 26.80
C HIS C 203 -5.88 -8.75 27.01
N ILE C 204 -5.87 -10.02 26.61
CA ILE C 204 -4.72 -10.87 26.88
C ILE C 204 -3.93 -11.08 25.59
N LEU C 205 -2.65 -10.73 25.62
CA LEU C 205 -1.74 -11.00 24.51
C LEU C 205 -0.79 -12.14 24.89
N HIS C 206 -0.24 -12.78 23.89
CA HIS C 206 0.78 -13.79 24.14
C HIS C 206 1.73 -13.92 22.96
N ASP C 207 3.01 -14.06 23.26
CA ASP C 207 4.05 -14.09 22.25
C ASP C 207 4.61 -15.49 22.11
N VAL C 208 4.27 -16.15 21.01
CA VAL C 208 4.74 -17.50 20.72
C VAL C 208 6.23 -17.51 20.39
N HIS C 209 6.75 -16.38 19.93
CA HIS C 209 8.20 -16.19 19.78
C HIS C 209 8.83 -17.24 18.87
N GLU C 210 8.15 -17.55 17.77
CA GLU C 210 8.58 -18.56 16.78
C GLU C 210 9.03 -19.91 17.36
N ARG C 211 8.44 -20.31 18.47
CA ARG C 211 8.84 -21.54 19.16
C ARG C 211 8.35 -22.82 18.50
N LEU C 212 7.44 -22.69 17.54
CA LEU C 212 6.71 -23.86 17.04
C LEU C 212 6.99 -24.18 15.59
N PHE C 213 6.78 -25.44 15.23
CA PHE C 213 6.73 -25.84 13.83
C PHE C 213 5.32 -25.55 13.31
N PRO C 214 5.18 -25.46 11.98
CA PRO C 214 3.88 -25.07 11.40
C PRO C 214 2.70 -25.94 11.87
N ASN C 215 2.88 -27.26 11.92
CA ASN C 215 1.76 -28.10 12.32
C ASN C 215 1.32 -27.82 13.76
N GLN C 216 2.29 -27.53 14.63
CA GLN C 216 2.00 -27.15 16.00
C GLN C 216 1.31 -25.81 16.09
N ALA C 217 1.73 -24.88 15.24
CA ALA C 217 1.18 -23.54 15.24
C ALA C 217 -0.31 -23.54 14.89
N ILE C 218 -0.70 -24.35 13.90
CA ILE C 218 -2.09 -24.46 13.48
C ILE C 218 -2.95 -25.07 14.57
N GLN C 219 -2.48 -26.17 15.17
CA GLN C 219 -3.20 -26.78 16.28
C GLN C 219 -3.36 -25.80 17.45
N PHE C 220 -2.28 -25.08 17.77
CA PHE C 220 -2.32 -24.12 18.87
C PHE C 220 -3.31 -22.99 18.61
N ALA C 221 -3.30 -22.47 17.39
CA ALA C 221 -4.22 -21.42 16.98
C ALA C 221 -5.69 -21.81 17.19
N LYS C 222 -6.03 -23.04 16.84
CA LYS C 222 -7.41 -23.49 17.00
C LYS C 222 -7.78 -23.65 18.45
N GLU C 223 -6.84 -24.13 19.26
CA GLU C 223 -7.12 -24.34 20.67
C GLU C 223 -7.21 -23.04 21.46
N VAL C 224 -6.44 -22.03 21.05
CA VAL C 224 -6.39 -20.79 21.81
C VAL C 224 -7.49 -19.80 21.41
N GLU C 225 -8.09 -20.04 20.25
CA GLU C 225 -9.12 -19.17 19.71
C GLU C 225 -10.22 -18.87 20.73
N GLN C 226 -10.66 -19.89 21.44
CA GLN C 226 -11.77 -19.73 22.39
C GLN C 226 -11.49 -18.67 23.45
N TYR C 227 -10.21 -18.43 23.74
CA TYR C 227 -9.84 -17.49 24.80
C TYR C 227 -9.71 -16.05 24.29
N LYS C 228 -9.91 -15.89 22.98
CA LYS C 228 -10.02 -14.55 22.38
C LYS C 228 -8.86 -13.62 22.73
N PRO C 229 -7.63 -14.06 22.44
CA PRO C 229 -6.46 -13.21 22.68
C PRO C 229 -6.54 -11.96 21.83
N TYR C 230 -6.02 -10.84 22.34
CA TYR C 230 -6.01 -9.59 21.57
C TYR C 230 -5.14 -9.77 20.32
N PHE C 231 -3.96 -10.33 20.49
CA PHE C 231 -3.28 -11.03 19.41
C PHE C 231 -2.33 -12.08 19.93
N ILE C 232 -2.13 -13.10 19.09
CA ILE C 232 -1.06 -14.08 19.30
C ILE C 232 0.08 -13.65 18.40
N GLU C 233 1.24 -13.42 19.00
CA GLU C 233 2.38 -12.83 18.30
C GLU C 233 3.37 -13.87 17.83
N ASP C 234 3.91 -13.68 16.62
CA ASP C 234 4.98 -14.52 16.09
C ASP C 234 4.72 -16.02 16.23
N ILE C 235 3.55 -16.44 15.76
CA ILE C 235 3.16 -17.84 15.81
C ILE C 235 3.99 -18.70 14.85
N LEU C 236 4.66 -18.06 13.89
CA LEU C 236 5.56 -18.71 12.95
C LEU C 236 6.80 -17.84 12.73
N PRO C 237 7.91 -18.46 12.32
CA PRO C 237 9.10 -17.69 11.94
C PRO C 237 8.84 -16.97 10.62
N PRO C 238 9.64 -15.94 10.30
CA PRO C 238 9.38 -15.13 9.10
C PRO C 238 9.43 -15.93 7.80
N ASN C 239 10.12 -17.06 7.77
CA ASN C 239 10.25 -17.82 6.53
C ASN C 239 9.14 -18.84 6.31
N GLN C 240 8.17 -18.90 7.22
CA GLN C 240 7.10 -19.89 7.08
C GLN C 240 5.70 -19.27 7.13
N THR C 241 5.59 -17.97 6.86
CA THR C 241 4.31 -17.32 7.01
C THR C 241 3.24 -17.70 5.97
N GLU C 242 3.63 -18.39 4.89
CA GLU C 242 2.62 -18.90 3.96
C GLU C 242 1.72 -19.93 4.66
N TRP C 243 2.23 -20.55 5.71
CA TRP C 243 1.42 -21.47 6.49
C TRP C 243 0.30 -20.74 7.23
N LEU C 244 0.35 -19.42 7.25
CA LEU C 244 -0.73 -18.68 7.90
C LEU C 244 -2.06 -18.90 7.17
N ASP C 245 -1.99 -19.22 5.89
CA ASP C 245 -3.22 -19.45 5.12
C ASP C 245 -4.04 -20.59 5.71
N ASN C 246 -3.36 -21.65 6.15
CA ASN C 246 -4.04 -22.79 6.75
C ASN C 246 -4.77 -22.35 8.04
N ILE C 247 -4.13 -21.47 8.79
CA ILE C 247 -4.72 -20.96 10.02
C ILE C 247 -5.91 -20.05 9.71
N ARG C 248 -5.72 -19.13 8.76
CA ARG C 248 -6.75 -18.16 8.39
C ARG C 248 -8.03 -18.82 7.88
N SER C 249 -7.90 -20.00 7.30
CA SER C 249 -9.04 -20.67 6.71
C SER C 249 -9.92 -21.37 7.76
N GLN C 250 -9.41 -21.57 8.97
CA GLN C 250 -10.20 -22.31 9.95
C GLN C 250 -10.24 -21.75 11.36
N SER C 251 -9.50 -20.67 11.60
CA SER C 251 -9.47 -20.07 12.94
C SER C 251 -9.70 -18.58 12.85
N SER C 252 -10.39 -18.03 13.84
CA SER C 252 -10.62 -16.60 13.89
C SER C 252 -9.58 -15.89 14.78
N VAL C 253 -8.59 -16.65 15.25
CA VAL C 253 -7.58 -16.05 16.13
C VAL C 253 -6.90 -14.84 15.49
N SER C 254 -6.68 -13.80 16.30
CA SER C 254 -6.00 -12.57 15.89
C SER C 254 -4.50 -12.74 15.95
N LEU C 255 -3.81 -12.29 14.91
CA LEU C 255 -2.39 -12.56 14.76
C LEU C 255 -1.56 -11.31 14.59
N GLY C 256 -0.43 -11.24 15.31
CA GLY C 256 0.55 -10.20 15.07
C GLY C 256 1.86 -10.84 14.65
N LEU C 257 2.56 -10.22 13.71
CA LEU C 257 3.84 -10.77 13.29
C LEU C 257 4.71 -9.67 12.71
N GLY C 258 6.03 -9.83 12.81
CA GLY C 258 6.94 -9.04 12.02
C GLY C 258 8.10 -8.35 12.72
N GLU C 259 8.26 -8.55 14.02
CA GLU C 259 9.36 -7.87 14.68
C GLU C 259 10.71 -8.28 14.09
N LEU C 260 10.77 -9.46 13.50
CA LEU C 260 12.02 -9.93 12.92
C LEU C 260 12.33 -9.39 11.52
N PHE C 261 11.38 -8.68 10.90
CA PHE C 261 11.53 -8.30 9.50
C PHE C 261 12.58 -7.21 9.26
N ASN C 262 13.40 -7.41 8.24
CA ASN C 262 14.25 -6.33 7.74
C ASN C 262 14.33 -6.25 6.21
N ASN C 263 13.42 -6.96 5.54
CA ASN C 263 13.41 -6.97 4.08
C ASN C 263 11.98 -6.90 3.62
N PRO C 264 11.65 -5.97 2.71
CA PRO C 264 10.25 -5.81 2.31
C PRO C 264 9.63 -7.10 1.80
N GLU C 265 10.42 -7.99 1.21
CA GLU C 265 9.82 -9.23 0.70
C GLU C 265 9.28 -10.12 1.81
N GLU C 266 9.70 -9.88 3.05
CA GLU C 266 9.15 -10.60 4.20
C GLU C 266 7.73 -10.20 4.58
N TRP C 267 7.31 -8.97 4.22
CA TRP C 267 5.97 -8.52 4.60
C TRP C 267 5.00 -8.28 3.46
N LYS C 268 5.52 -8.13 2.24
CA LYS C 268 4.64 -7.71 1.14
C LYS C 268 3.49 -8.70 0.84
N SER C 269 3.83 -9.96 0.62
CA SER C 269 2.80 -10.95 0.35
C SER C 269 1.97 -11.20 1.59
N LEU C 270 2.63 -11.14 2.76
CA LEU C 270 2.00 -11.30 4.06
C LEU C 270 0.79 -10.37 4.21
N ILE C 271 1.01 -9.10 3.93
CA ILE C 271 0.02 -8.06 4.14
C ILE C 271 -1.02 -8.06 3.03
N ALA C 272 -0.56 -8.20 1.79
CA ALA C 272 -1.46 -8.21 0.63
C ALA C 272 -2.47 -9.35 0.73
N ASN C 273 -2.09 -10.43 1.40
CA ASN C 273 -2.96 -11.59 1.53
C ASN C 273 -3.64 -11.66 2.89
N ARG C 274 -3.53 -10.55 3.63
CA ARG C 274 -4.30 -10.37 4.86
C ARG C 274 -3.99 -11.49 5.85
N ARG C 275 -2.73 -11.90 5.89
CA ARG C 275 -2.32 -13.03 6.71
C ARG C 275 -2.16 -12.71 8.18
N ILE C 276 -2.13 -11.41 8.50
CA ILE C 276 -1.99 -10.97 9.88
C ILE C 276 -2.98 -9.85 10.15
N ASP C 277 -3.16 -9.56 11.43
CA ASP C 277 -4.05 -8.48 11.83
C ASP C 277 -3.28 -7.29 12.38
N PHE C 278 -2.05 -7.52 12.84
CA PHE C 278 -1.21 -6.47 13.40
C PHE C 278 0.22 -6.67 12.90
N ILE C 279 0.77 -5.64 12.25
CA ILE C 279 2.18 -5.69 11.85
C ILE C 279 3.04 -5.30 13.06
N ARG C 280 4.15 -6.01 13.24
CA ARG C 280 4.94 -5.89 14.47
C ARG C 280 6.37 -5.41 14.23
N CYS C 281 6.64 -4.81 13.08
CA CYS C 281 8.04 -4.50 12.75
C CYS C 281 8.69 -3.59 13.79
N HIS C 282 9.99 -3.76 13.94
CA HIS C 282 10.81 -2.86 14.72
C HIS C 282 11.25 -1.74 13.78
N VAL C 283 10.91 -0.50 14.12
CA VAL C 283 11.08 0.60 13.17
C VAL C 283 12.54 0.76 12.70
N SER C 284 13.49 0.69 13.61
CA SER C 284 14.88 0.85 13.19
C SER C 284 15.37 -0.31 12.30
N GLN C 285 14.77 -1.49 12.47
CA GLN C 285 15.14 -2.65 11.66
C GLN C 285 14.73 -2.52 10.20
N ILE C 286 13.69 -1.74 9.94
CA ILE C 286 13.24 -1.55 8.56
C ILE C 286 13.79 -0.27 7.95
N GLY C 287 14.60 0.45 8.72
CA GLY C 287 15.28 1.62 8.22
C GLY C 287 14.78 2.99 8.64
N GLY C 288 13.88 3.05 9.63
CA GLY C 288 13.51 4.32 10.22
C GLY C 288 12.09 4.79 9.99
N ILE C 289 11.85 6.06 10.28
CA ILE C 289 10.56 6.71 10.14
C ILE C 289 10.06 6.70 8.71
N THR C 290 10.96 7.02 7.77
CA THR C 290 10.61 7.09 6.36
C THR C 290 9.92 5.79 5.86
N PRO C 291 10.54 4.62 6.06
CA PRO C 291 9.84 3.41 5.59
C PRO C 291 8.68 3.01 6.48
N ALA C 292 8.71 3.41 7.76
CA ALA C 292 7.58 3.11 8.65
C ALA C 292 6.29 3.80 8.19
N LEU C 293 6.38 5.05 7.76
CA LEU C 293 5.19 5.72 7.24
C LEU C 293 4.60 4.95 6.06
N LYS C 294 5.46 4.55 5.13
CA LYS C 294 5.01 3.84 3.93
C LYS C 294 4.36 2.49 4.31
N LEU C 295 5.01 1.77 5.22
CA LEU C 295 4.52 0.45 5.63
C LEU C 295 3.18 0.60 6.36
N GLY C 296 3.11 1.61 7.23
CA GLY C 296 1.86 1.93 7.88
C GLY C 296 0.75 2.16 6.87
N HIS C 297 1.04 2.93 5.84
CA HIS C 297 0.06 3.21 4.80
C HIS C 297 -0.31 1.96 4.00
N LEU C 298 0.68 1.12 3.70
CA LEU C 298 0.41 -0.14 3.00
C LEU C 298 -0.56 -0.98 3.81
N CYS C 299 -0.27 -1.11 5.10
CA CYS C 299 -1.14 -1.87 5.99
C CYS C 299 -2.54 -1.28 6.03
N GLN C 300 -2.64 0.05 6.04
CA GLN C 300 -3.96 0.68 6.08
C GLN C 300 -4.81 0.23 4.89
N ASN C 301 -4.20 0.18 3.72
CA ASN C 301 -4.92 -0.21 2.52
C ASN C 301 -5.54 -1.59 2.66
N PHE C 302 -4.81 -2.48 3.32
CA PHE C 302 -5.22 -3.88 3.44
C PHE C 302 -5.97 -4.19 4.74
N GLY C 303 -6.22 -3.17 5.56
CA GLY C 303 -6.97 -3.38 6.80
C GLY C 303 -6.18 -4.04 7.91
N VAL C 304 -4.86 -3.87 7.89
CA VAL C 304 -3.99 -4.41 8.91
C VAL C 304 -3.63 -3.26 9.84
N ARG C 305 -3.65 -3.51 11.14
N ARG C 305 -3.63 -3.52 11.14
CA ARG C 305 -3.33 -2.49 12.14
CA ARG C 305 -3.33 -2.50 12.13
C ARG C 305 -1.87 -2.54 12.58
C ARG C 305 -1.87 -2.55 12.60
N ILE C 306 -1.41 -1.55 13.34
CA ILE C 306 0.00 -1.44 13.68
C ILE C 306 0.31 -1.61 15.16
N ALA C 307 1.26 -2.48 15.45
CA ALA C 307 1.78 -2.65 16.79
C ALA C 307 3.30 -2.76 16.73
N TRP C 308 3.97 -1.63 16.46
CA TRP C 308 5.43 -1.64 16.30
C TRP C 308 6.06 -2.30 17.52
N HIS C 309 7.08 -3.11 17.30
CA HIS C 309 7.80 -3.74 18.40
C HIS C 309 8.55 -2.69 19.21
N CYS C 310 8.42 -2.75 20.53
CA CYS C 310 9.15 -1.89 21.47
C CYS C 310 9.71 -2.76 22.58
N ALA C 311 10.92 -2.45 23.04
CA ALA C 311 11.54 -3.27 24.08
C ALA C 311 12.59 -2.47 24.80
N PRO C 312 13.07 -2.99 25.94
CA PRO C 312 14.08 -2.26 26.72
C PRO C 312 15.35 -2.01 25.92
N ASP C 313 15.61 -2.80 24.88
CA ASP C 313 16.82 -2.62 24.10
C ASP C 313 16.56 -1.77 22.85
N MET C 314 15.77 -0.72 23.04
CA MET C 314 15.60 0.37 22.08
C MET C 314 15.78 1.61 22.93
N THR C 315 16.35 2.68 22.36
CA THR C 315 16.48 3.91 23.15
C THR C 315 15.12 4.53 23.44
N PRO C 316 15.04 5.35 24.51
CA PRO C 316 13.82 6.14 24.72
C PRO C 316 13.55 7.09 23.56
N ILE C 317 14.58 7.46 22.80
CA ILE C 317 14.39 8.22 21.55
C ILE C 317 13.51 7.39 20.59
N GLY C 318 13.87 6.12 20.43
CA GLY C 318 13.10 5.23 19.59
C GLY C 318 11.67 5.06 20.08
N ALA C 319 11.49 4.96 21.39
CA ALA C 319 10.16 4.81 21.95
C ALA C 319 9.30 6.04 21.67
N ALA C 320 9.89 7.22 21.84
CA ALA C 320 9.19 8.49 21.54
C ALA C 320 8.79 8.59 20.08
N VAL C 321 9.68 8.18 19.18
CA VAL C 321 9.36 8.16 17.76
C VAL C 321 8.16 7.26 17.48
N ASN C 322 8.12 6.10 18.13
CA ASN C 322 6.99 5.21 17.93
C ASN C 322 5.68 5.83 18.40
N THR C 323 5.72 6.56 19.51
CA THR C 323 4.50 7.21 19.99
C THR C 323 4.03 8.29 19.03
N HIS C 324 4.97 9.03 18.44
CA HIS C 324 4.63 9.98 17.38
C HIS C 324 3.94 9.29 16.20
N LEU C 325 4.53 8.20 15.72
CA LEU C 325 3.95 7.42 14.63
C LEU C 325 2.58 6.87 15.03
N ASN C 326 2.46 6.46 16.30
CA ASN C 326 1.22 5.87 16.80
C ASN C 326 0.06 6.82 17.00
N VAL C 327 0.31 8.08 17.36
CA VAL C 327 -0.80 9.01 17.48
C VAL C 327 -1.19 9.55 16.12
N HIS C 328 -0.29 9.45 15.15
CA HIS C 328 -0.56 9.94 13.80
C HIS C 328 -1.23 8.93 12.87
N LEU C 329 -0.62 7.76 12.72
CA LEU C 329 -1.15 6.77 11.79
C LEU C 329 -2.50 6.23 12.25
N HIS C 330 -3.49 6.35 11.39
CA HIS C 330 -4.87 6.07 11.80
C HIS C 330 -5.08 4.59 12.15
N ASN C 331 -4.34 3.72 11.49
CA ASN C 331 -4.43 2.27 11.74
C ASN C 331 -3.51 1.75 12.85
N ALA C 332 -2.86 2.65 13.57
CA ALA C 332 -2.07 2.21 14.74
C ALA C 332 -3.01 1.71 15.83
N ALA C 333 -2.59 0.67 16.55
CA ALA C 333 -3.47 0.03 17.54
C ALA C 333 -2.97 0.13 18.98
N ILE C 334 -1.70 -0.19 19.18
CA ILE C 334 -1.20 -0.35 20.55
C ILE C 334 0.32 -0.23 20.60
N GLN C 335 0.82 0.31 21.72
CA GLN C 335 2.26 0.40 21.95
C GLN C 335 2.69 -0.51 23.08
N GLU C 336 3.69 -1.33 22.79
CA GLU C 336 4.31 -2.21 23.77
C GLU C 336 5.06 -1.37 24.78
N HIS C 337 4.84 -1.67 26.06
CA HIS C 337 5.38 -0.92 27.20
C HIS C 337 6.85 -1.25 27.42
N VAL C 338 7.62 -0.22 27.75
CA VAL C 338 9.02 -0.40 28.06
C VAL C 338 9.36 0.28 29.39
N GLU C 339 9.75 -0.51 30.38
CA GLU C 339 10.14 0.04 31.68
C GLU C 339 11.62 0.39 31.66
N TYR C 340 11.95 1.65 31.89
CA TYR C 340 13.34 2.08 31.89
C TYR C 340 13.83 2.34 33.32
N ASN C 341 15.05 1.92 33.63
CA ASN C 341 15.63 2.13 34.96
C ASN C 341 16.14 3.56 35.16
N GLY C 342 16.58 3.86 36.37
CA GLY C 342 17.05 5.19 36.72
C GLY C 342 18.18 5.67 35.82
N ASN C 343 19.15 4.81 35.55
CA ASN C 343 20.28 5.18 34.70
C ASN C 343 19.85 5.51 33.26
N THR C 344 18.93 4.73 32.72
CA THR C 344 18.45 5.00 31.37
C THR C 344 17.79 6.39 31.30
N HIS C 345 16.95 6.70 32.28
CA HIS C 345 16.29 8.00 32.32
C HIS C 345 17.29 9.13 32.47
N LYS C 346 18.41 8.87 33.16
CA LYS C 346 19.46 9.87 33.28
C LYS C 346 20.09 10.15 31.92
N VAL C 347 20.33 9.10 31.16
CA VAL C 347 21.03 9.24 29.89
C VAL C 347 20.12 9.81 28.80
N PHE C 348 18.83 9.54 28.92
CA PHE C 348 17.85 10.02 27.94
C PHE C 348 16.72 10.73 28.67
N PRO C 349 16.92 12.02 28.97
CA PRO C 349 15.93 12.72 29.81
C PRO C 349 14.56 12.91 29.17
N ASN C 350 13.54 13.01 30.01
CA ASN C 350 12.19 13.36 29.59
C ASN C 350 11.43 12.26 28.87
N ALA C 351 11.82 11.01 29.08
CA ALA C 351 11.10 9.89 28.45
C ALA C 351 9.71 9.75 29.07
N ALA C 352 8.70 9.62 28.23
CA ALA C 352 7.34 9.53 28.74
C ALA C 352 7.06 8.13 29.26
N GLU C 353 6.17 8.06 30.25
CA GLU C 353 5.71 6.79 30.79
C GLU C 353 4.21 6.75 30.61
N PRO C 354 3.62 5.55 30.54
CA PRO C 354 2.17 5.48 30.32
C PRO C 354 1.41 6.10 31.49
N ILE C 355 0.26 6.67 31.18
CA ILE C 355 -0.63 7.26 32.17
C ILE C 355 -1.99 6.66 31.96
N ASN C 356 -2.48 5.92 32.95
CA ASN C 356 -3.75 5.21 32.86
C ASN C 356 -3.86 4.39 31.58
N GLY C 357 -2.78 3.69 31.21
CA GLY C 357 -2.81 2.77 30.09
C GLY C 357 -2.62 3.42 28.73
N TYR C 358 -2.27 4.70 28.72
CA TYR C 358 -2.05 5.43 27.47
C TYR C 358 -0.66 6.07 27.42
N LEU C 359 -0.03 6.03 26.26
CA LEU C 359 1.17 6.84 26.03
C LEU C 359 0.80 8.07 25.21
N TYR C 360 1.22 9.22 25.70
CA TYR C 360 0.99 10.49 25.01
C TYR C 360 2.25 10.95 24.28
N ALA C 361 2.06 11.39 23.05
CA ALA C 361 3.18 11.91 22.27
C ALA C 361 3.77 13.14 22.93
N SER C 362 5.07 13.31 22.74
CA SER C 362 5.75 14.51 23.18
C SER C 362 5.17 15.72 22.44
N GLU C 363 5.18 16.87 23.11
CA GLU C 363 4.52 18.07 22.57
C GLU C 363 5.48 19.26 22.46
N ILE C 364 6.76 19.03 22.68
CA ILE C 364 7.77 20.04 22.36
C ILE C 364 8.24 19.87 20.92
N ALA C 365 9.10 20.76 20.44
CA ALA C 365 9.61 20.63 19.08
C ALA C 365 10.52 19.41 18.97
N GLY C 366 10.48 18.72 17.83
CA GLY C 366 11.36 17.60 17.60
C GLY C 366 10.78 16.28 18.08
N ILE C 367 11.64 15.28 18.17
CA ILE C 367 11.24 14.00 18.76
C ILE C 367 10.84 14.19 20.22
N GLY C 368 11.61 15.01 20.95
CA GLY C 368 11.27 15.31 22.32
C GLY C 368 12.18 14.68 23.34
N VAL C 369 13.07 13.80 22.87
CA VAL C 369 14.02 13.11 23.72
C VAL C 369 15.36 13.13 23.00
N GLU C 370 16.43 13.43 23.74
CA GLU C 370 17.78 13.46 23.20
C GLU C 370 18.66 12.56 24.06
N ILE C 371 19.95 12.47 23.73
CA ILE C 371 20.89 11.77 24.61
C ILE C 371 21.75 12.77 25.33
N ASP C 372 22.04 12.50 26.60
CA ASP C 372 22.97 13.32 27.38
C ASP C 372 24.35 12.73 27.18
N ARG C 373 25.18 13.36 26.34
CA ARG C 373 26.43 12.73 25.94
C ARG C 373 27.35 12.45 27.13
N GLU C 374 27.43 13.39 28.05
CA GLU C 374 28.27 13.21 29.23
C GLU C 374 27.84 12.01 30.06
N ALA C 375 26.54 11.92 30.33
CA ALA C 375 25.99 10.80 31.11
C ALA C 375 26.17 9.48 30.38
N ALA C 376 25.98 9.50 29.07
CA ALA C 376 26.11 8.30 28.26
C ALA C 376 27.52 7.73 28.40
N ALA C 377 28.50 8.63 28.48
CA ALA C 377 29.90 8.23 28.55
C ALA C 377 30.22 7.44 29.82
N GLU C 378 29.36 7.57 30.84
CA GLU C 378 29.53 6.85 32.10
C GLU C 378 29.28 5.35 31.94
N PHE C 379 28.46 5.00 30.94
CA PHE C 379 28.10 3.60 30.72
C PHE C 379 28.49 3.18 29.31
N PRO C 380 29.78 2.85 29.11
CA PRO C 380 30.28 2.41 27.81
C PRO C 380 29.72 1.04 27.40
N VAL C 381 29.86 0.73 26.11
CA VAL C 381 29.44 -0.56 25.59
C VAL C 381 30.09 -1.70 26.38
N MET C 382 29.35 -2.79 26.56
CA MET C 382 29.95 -4.00 27.11
C MET C 382 29.42 -5.18 26.34
N TYR C 383 30.32 -6.05 25.92
CA TYR C 383 29.92 -7.27 25.22
C TYR C 383 28.91 -8.10 26.00
N ARG C 384 27.94 -8.66 25.29
CA ARG C 384 26.97 -9.58 25.89
C ARG C 384 26.85 -10.82 25.01
N PRO C 385 26.84 -12.00 25.63
CA PRO C 385 26.78 -13.22 24.81
C PRO C 385 25.39 -13.54 24.23
N HIS C 386 24.32 -13.13 24.92
CA HIS C 386 22.96 -13.43 24.47
C HIS C 386 22.75 -14.92 24.26
N GLU C 387 23.16 -15.72 25.24
CA GLU C 387 23.11 -17.17 25.17
C GLU C 387 21.73 -17.72 24.76
N TRP C 388 20.66 -17.02 25.15
CA TRP C 388 19.31 -17.46 24.82
C TRP C 388 19.10 -17.68 23.30
N THR C 389 19.93 -17.04 22.46
CA THR C 389 19.72 -17.18 21.01
C THR C 389 20.19 -18.54 20.45
N GLN C 390 20.92 -19.29 21.27
CA GLN C 390 21.28 -20.66 20.94
C GLN C 390 20.19 -21.60 21.44
N SER C 391 19.00 -21.43 20.89
CA SER C 391 17.82 -22.15 21.34
C SER C 391 17.78 -23.53 20.71
N ARG C 392 17.57 -24.55 21.55
CA ARG C 392 17.57 -25.94 21.09
C ARG C 392 16.37 -26.75 21.61
N LEU C 393 15.94 -27.70 20.79
CA LEU C 393 14.90 -28.66 21.17
C LEU C 393 15.57 -29.88 21.81
N PRO C 394 14.80 -30.74 22.50
CA PRO C 394 15.48 -31.77 23.28
C PRO C 394 16.45 -32.68 22.50
N ASP C 395 16.20 -32.88 21.20
CA ASP C 395 17.11 -33.72 20.42
C ASP C 395 18.42 -33.04 20.05
N GLY C 396 18.57 -31.77 20.44
CA GLY C 396 19.81 -31.05 20.21
C GLY C 396 19.81 -30.08 19.04
N ALA C 397 18.71 -30.03 18.30
CA ALA C 397 18.65 -29.17 17.12
C ALA C 397 18.36 -27.71 17.48
N ILE C 398 19.02 -26.80 16.78
CA ILE C 398 18.65 -25.38 16.86
C ILE C 398 17.21 -25.17 16.40
N HIS C 399 16.48 -24.32 17.13
CA HIS C 399 15.20 -23.82 16.63
C HIS C 399 15.27 -22.30 16.63
N THR C 400 14.61 -21.68 15.65
CA THR C 400 14.58 -20.22 15.59
C THR C 400 14.16 -19.65 16.95
N PRO C 401 14.99 -18.75 17.52
CA PRO C 401 14.83 -18.34 18.92
C PRO C 401 13.82 -17.21 19.17
N LEU D 3 -47.95 4.86 -28.67
CA LEU D 3 -47.10 5.78 -27.92
C LEU D 3 -46.42 6.79 -28.83
N LYS D 4 -46.50 8.06 -28.47
CA LYS D 4 -45.77 9.11 -29.17
C LYS D 4 -44.66 9.66 -28.24
N GLU D 5 -43.81 10.55 -28.76
CA GLU D 5 -42.76 11.14 -27.92
C GLU D 5 -43.37 11.82 -26.72
N THR D 6 -42.68 11.74 -25.59
CA THR D 6 -43.14 12.37 -24.35
C THR D 6 -42.11 13.42 -23.92
N ILE D 7 -42.43 14.68 -24.11
CA ILE D 7 -41.43 15.74 -23.93
C ILE D 7 -41.41 16.31 -22.52
N ILE D 8 -40.23 16.27 -21.90
CA ILE D 8 -40.05 16.85 -20.57
C ILE D 8 -40.20 18.36 -20.61
N SER D 9 -41.09 18.88 -19.76
CA SER D 9 -41.41 20.31 -19.74
C SER D 9 -40.87 21.06 -18.51
N ASP D 10 -40.73 20.36 -17.38
CA ASP D 10 -40.18 20.99 -16.17
C ASP D 10 -39.67 19.93 -15.21
N ILE D 11 -38.81 20.35 -14.30
CA ILE D 11 -38.26 19.48 -13.27
C ILE D 11 -38.27 20.22 -11.94
N HIS D 12 -38.77 19.57 -10.88
CA HIS D 12 -38.71 20.13 -9.54
C HIS D 12 -38.00 19.18 -8.60
N CYS D 13 -37.39 19.74 -7.56
CA CYS D 13 -36.83 18.94 -6.49
C CYS D 13 -37.32 19.46 -5.13
N ILE D 14 -38.02 18.61 -4.40
CA ILE D 14 -38.61 18.99 -3.13
C ILE D 14 -37.98 18.25 -1.96
N ILE D 15 -37.50 19.01 -0.98
CA ILE D 15 -37.03 18.41 0.27
C ILE D 15 -38.10 18.62 1.35
N THR D 16 -38.45 17.55 2.07
CA THR D 16 -39.42 17.64 3.15
C THR D 16 -39.04 16.73 4.30
N LYS D 17 -39.37 17.13 5.53
CA LYS D 17 -39.00 16.38 6.72
C LYS D 17 -40.21 16.16 7.64
N PRO D 18 -41.12 15.26 7.24
CA PRO D 18 -42.33 14.96 8.02
C PRO D 18 -42.08 14.16 9.30
N ASP D 19 -41.02 13.35 9.31
CA ASP D 19 -40.65 12.59 10.49
C ASP D 19 -39.29 13.10 10.94
N ARG D 20 -38.31 12.22 11.09
CA ARG D 20 -37.01 12.67 11.57
C ARG D 20 -35.98 12.88 10.47
N HIS D 21 -36.31 12.51 9.24
CA HIS D 21 -35.33 12.53 8.15
C HIS D 21 -35.71 13.43 6.99
N ASN D 22 -34.72 14.16 6.47
CA ASN D 22 -34.91 14.92 5.24
C ASN D 22 -35.13 13.95 4.07
N LEU D 23 -36.27 14.09 3.42
CA LEU D 23 -36.63 13.26 2.28
C LEU D 23 -36.62 14.11 1.02
N ILE D 24 -36.20 13.52 -0.09
CA ILE D 24 -36.05 14.27 -1.32
C ILE D 24 -36.80 13.63 -2.48
N THR D 25 -37.68 14.41 -3.11
CA THR D 25 -38.49 13.95 -4.24
C THR D 25 -38.17 14.75 -5.48
N VAL D 26 -38.11 14.06 -6.63
CA VAL D 26 -37.95 14.73 -7.91
C VAL D 26 -39.25 14.61 -8.68
N VAL D 27 -39.68 15.72 -9.28
CA VAL D 27 -40.92 15.72 -10.05
C VAL D 27 -40.60 16.05 -11.50
N VAL D 28 -41.05 15.20 -12.41
CA VAL D 28 -40.84 15.44 -13.83
C VAL D 28 -42.18 15.70 -14.52
N GLU D 29 -42.33 16.91 -15.06
CA GLU D 29 -43.54 17.25 -15.81
C GLU D 29 -43.32 17.09 -17.32
N THR D 30 -44.40 16.80 -18.04
CA THR D 30 -44.30 16.59 -19.48
C THR D 30 -45.32 17.46 -20.21
N ASN D 31 -45.05 17.76 -21.48
CA ASN D 31 -45.97 18.55 -22.31
C ASN D 31 -47.34 17.88 -22.34
N GLU D 32 -47.31 16.55 -22.27
CA GLU D 32 -48.48 15.70 -22.36
C GLU D 32 -49.30 15.67 -21.07
N GLY D 33 -48.84 16.39 -20.04
CA GLY D 33 -49.56 16.44 -18.78
C GLY D 33 -49.46 15.20 -17.89
N VAL D 34 -48.57 14.29 -18.26
CA VAL D 34 -48.29 13.11 -17.46
C VAL D 34 -47.12 13.42 -16.54
N THR D 35 -47.33 13.32 -15.23
CA THR D 35 -46.30 13.72 -14.25
C THR D 35 -45.69 12.52 -13.53
N GLY D 36 -44.36 12.49 -13.45
CA GLY D 36 -43.66 11.44 -12.73
C GLY D 36 -43.01 11.91 -11.44
N PHE D 37 -42.91 10.99 -10.49
CA PHE D 37 -42.35 11.26 -9.17
C PHE D 37 -41.26 10.24 -8.86
N GLY D 38 -40.17 10.70 -8.25
CA GLY D 38 -39.07 9.80 -7.95
C GLY D 38 -38.38 10.16 -6.65
N CYS D 39 -37.66 9.19 -6.09
CA CYS D 39 -36.92 9.40 -4.85
C CYS D 39 -35.43 9.67 -5.07
N ALA D 40 -34.94 10.74 -4.44
CA ALA D 40 -33.54 11.16 -4.55
C ALA D 40 -32.90 11.29 -3.17
N THR D 41 -33.38 10.50 -2.21
CA THR D 41 -33.05 10.77 -0.81
C THR D 41 -31.66 10.34 -0.36
N PHE D 42 -30.80 11.35 -0.19
CA PHE D 42 -29.50 11.27 0.49
C PHE D 42 -29.72 12.15 1.71
N GLN D 43 -30.16 11.55 2.81
CA GLN D 43 -30.74 12.32 3.90
C GLN D 43 -29.77 13.34 4.51
N GLN D 44 -28.48 13.01 4.48
CA GLN D 44 -27.49 13.82 5.19
C GLN D 44 -27.05 15.08 4.46
N ARG D 45 -27.29 15.13 3.15
CA ARG D 45 -26.82 16.25 2.33
C ARG D 45 -27.88 16.69 1.32
N PRO D 46 -29.11 16.94 1.80
CA PRO D 46 -30.20 17.18 0.85
C PRO D 46 -30.04 18.43 0.00
N LEU D 47 -29.42 19.48 0.52
CA LEU D 47 -29.26 20.70 -0.26
C LEU D 47 -28.30 20.47 -1.42
N ALA D 48 -27.34 19.56 -1.26
CA ALA D 48 -26.42 19.26 -2.34
C ALA D 48 -27.13 18.51 -3.47
N VAL D 49 -27.97 17.56 -3.13
CA VAL D 49 -28.79 16.87 -4.13
C VAL D 49 -29.73 17.84 -4.85
N LYS D 50 -30.35 18.75 -4.11
CA LYS D 50 -31.28 19.70 -4.74
C LYS D 50 -30.54 20.64 -5.71
N THR D 51 -29.36 21.11 -5.30
CA THR D 51 -28.53 21.93 -6.19
C THR D 51 -28.21 21.16 -7.47
N MET D 52 -27.88 19.87 -7.30
CA MET D 52 -27.55 19.01 -8.42
C MET D 52 -28.72 18.92 -9.40
N VAL D 53 -29.94 18.68 -8.89
CA VAL D 53 -31.10 18.59 -9.76
C VAL D 53 -31.41 19.93 -10.42
N ASP D 54 -31.53 20.98 -9.61
CA ASP D 54 -32.00 22.28 -10.07
C ASP D 54 -31.04 22.95 -11.06
N GLU D 55 -29.75 22.94 -10.76
CA GLU D 55 -28.79 23.73 -11.52
C GLU D 55 -28.18 22.94 -12.66
N TYR D 56 -28.17 21.61 -12.54
CA TYR D 56 -27.41 20.79 -13.48
C TYR D 56 -28.22 19.76 -14.26
N LEU D 57 -29.08 19.00 -13.60
CA LEU D 57 -29.87 18.04 -14.37
C LEU D 57 -31.02 18.70 -15.15
N LYS D 58 -31.70 19.65 -14.52
CA LYS D 58 -32.82 20.30 -15.20
C LYS D 58 -32.48 20.81 -16.61
N PRO D 59 -31.42 21.64 -16.72
CA PRO D 59 -31.12 22.20 -18.05
C PRO D 59 -30.85 21.15 -19.13
N ILE D 60 -30.32 19.98 -18.76
CA ILE D 60 -30.00 18.97 -19.75
C ILE D 60 -31.19 18.06 -20.07
N LEU D 61 -32.26 18.18 -19.31
CA LEU D 61 -33.42 17.31 -19.46
C LEU D 61 -34.61 18.00 -20.13
N ILE D 62 -34.78 19.29 -19.87
CA ILE D 62 -35.90 20.02 -20.48
C ILE D 62 -35.87 19.84 -21.99
N GLY D 63 -36.98 19.39 -22.55
CA GLY D 63 -37.07 19.23 -23.99
C GLY D 63 -36.77 17.85 -24.52
N LYS D 64 -36.19 16.98 -23.70
CA LYS D 64 -35.87 15.61 -24.12
C LYS D 64 -37.08 14.67 -24.09
N ASN D 65 -36.97 13.58 -24.83
CA ASN D 65 -38.02 12.56 -24.89
C ASN D 65 -37.91 11.56 -23.73
N ALA D 66 -38.84 11.66 -22.79
CA ALA D 66 -38.87 10.85 -21.57
C ALA D 66 -39.01 9.36 -21.83
N ASN D 67 -39.47 9.00 -23.03
CA ASN D 67 -39.72 7.57 -23.30
C ASN D 67 -38.45 6.74 -23.24
N ASN D 68 -37.33 7.34 -23.65
CA ASN D 68 -36.08 6.60 -23.74
C ASN D 68 -35.31 6.67 -22.44
N ILE D 69 -35.85 5.97 -21.44
CA ILE D 69 -35.26 6.00 -20.09
C ILE D 69 -33.81 5.55 -20.11
N GLU D 70 -33.55 4.45 -20.85
CA GLU D 70 -32.21 3.88 -20.87
C GLU D 70 -31.20 4.88 -21.43
N ASP D 71 -31.53 5.52 -22.54
CA ASP D 71 -30.63 6.51 -23.10
C ASP D 71 -30.39 7.63 -22.10
N LEU D 72 -31.48 8.14 -21.51
CA LEU D 72 -31.33 9.27 -20.61
C LEU D 72 -30.52 8.92 -19.37
N TRP D 73 -30.63 7.68 -18.92
CA TRP D 73 -29.87 7.25 -17.76
C TRP D 73 -28.38 7.20 -18.11
N GLN D 74 -28.05 6.55 -19.23
CA GLN D 74 -26.66 6.46 -19.66
C GLN D 74 -26.05 7.84 -19.85
N MET D 75 -26.81 8.74 -20.48
CA MET D 75 -26.41 10.12 -20.67
C MET D 75 -26.18 10.86 -19.34
N MET D 76 -27.15 10.81 -18.44
CA MET D 76 -27.04 11.50 -17.16
C MET D 76 -25.84 11.02 -16.35
N MET D 77 -25.63 9.71 -16.33
CA MET D 77 -24.61 9.13 -15.47
C MET D 77 -23.21 9.65 -15.80
N VAL D 78 -22.98 10.02 -17.06
CA VAL D 78 -21.63 10.48 -17.46
C VAL D 78 -21.61 11.98 -17.75
N ASN D 79 -22.72 12.64 -17.52
CA ASN D 79 -22.86 14.02 -18.00
C ASN D 79 -21.89 15.03 -17.35
N ALA D 80 -21.46 14.74 -16.13
CA ALA D 80 -20.52 15.62 -15.43
C ALA D 80 -19.07 15.21 -15.66
N TYR D 81 -18.87 14.22 -16.53
CA TYR D 81 -17.58 13.57 -16.75
C TYR D 81 -17.17 12.71 -15.55
N TRP D 82 -16.75 13.36 -14.46
CA TRP D 82 -16.62 12.66 -13.19
C TRP D 82 -18.01 12.15 -12.78
N ARG D 83 -18.06 11.03 -12.06
CA ARG D 83 -19.31 10.30 -11.93
C ARG D 83 -19.27 9.35 -10.74
N ASN D 84 -20.34 8.59 -10.52
CA ASN D 84 -20.39 7.62 -9.41
C ASN D 84 -20.18 8.21 -8.04
N GLY D 85 -21.23 8.74 -7.44
CA GLY D 85 -21.16 9.19 -6.07
C GLY D 85 -22.56 9.42 -5.55
N PRO D 86 -22.68 9.73 -4.25
CA PRO D 86 -23.99 9.83 -3.61
C PRO D 86 -24.80 11.07 -4.04
N VAL D 87 -24.13 12.19 -4.32
CA VAL D 87 -24.88 13.38 -4.72
C VAL D 87 -25.39 13.24 -6.15
N ILE D 88 -24.49 12.93 -7.07
CA ILE D 88 -24.89 12.73 -8.46
C ILE D 88 -25.93 11.62 -8.62
N ASN D 89 -25.65 10.45 -8.04
CA ASN D 89 -26.52 9.30 -8.28
C ASN D 89 -27.92 9.50 -7.71
N ASN D 90 -28.02 10.15 -6.55
CA ASN D 90 -29.34 10.37 -5.97
C ASN D 90 -30.18 11.29 -6.84
N ALA D 91 -29.56 12.35 -7.36
CA ALA D 91 -30.25 13.28 -8.24
C ALA D 91 -30.74 12.52 -9.49
N ILE D 92 -29.86 11.71 -10.07
CA ILE D 92 -30.24 10.91 -11.23
C ILE D 92 -31.36 9.92 -10.89
N SER D 93 -31.28 9.28 -9.73
CA SER D 93 -32.33 8.35 -9.31
C SER D 93 -33.70 9.00 -9.31
N GLY D 94 -33.78 10.23 -8.79
CA GLY D 94 -35.06 10.92 -8.71
C GLY D 94 -35.66 11.07 -10.10
N VAL D 95 -34.82 11.44 -11.05
CA VAL D 95 -35.25 11.56 -12.45
C VAL D 95 -35.60 10.19 -13.02
N ASP D 96 -34.71 9.22 -12.86
CA ASP D 96 -34.96 7.88 -13.42
C ASP D 96 -36.28 7.31 -12.91
N MET D 97 -36.53 7.39 -11.61
CA MET D 97 -37.78 6.86 -11.06
C MET D 97 -39.00 7.60 -11.63
N ALA D 98 -38.90 8.92 -11.75
CA ALA D 98 -40.00 9.70 -12.31
C ALA D 98 -40.28 9.32 -13.77
N LEU D 99 -39.23 9.03 -14.53
CA LEU D 99 -39.42 8.65 -15.92
C LEU D 99 -40.10 7.29 -16.02
N TRP D 100 -39.73 6.37 -15.13
CA TRP D 100 -40.39 5.08 -15.06
C TRP D 100 -41.84 5.26 -14.65
N ASP D 101 -42.07 6.20 -13.74
CA ASP D 101 -43.44 6.52 -13.31
C ASP D 101 -44.26 6.98 -14.53
N ILE D 102 -43.71 7.93 -15.28
CA ILE D 102 -44.37 8.44 -16.48
C ILE D 102 -44.66 7.30 -17.46
N LYS D 103 -43.69 6.43 -17.69
CA LYS D 103 -43.87 5.31 -18.62
C LYS D 103 -45.02 4.39 -18.19
N ALA D 104 -45.05 4.06 -16.90
CA ALA D 104 -46.09 3.19 -16.38
C ALA D 104 -47.47 3.86 -16.50
N LYS D 105 -47.54 5.16 -16.23
CA LYS D 105 -48.78 5.91 -16.39
C LYS D 105 -49.26 5.91 -17.85
N LEU D 106 -48.33 6.11 -18.79
CA LEU D 106 -48.69 6.06 -20.21
C LEU D 106 -49.19 4.67 -20.61
N ALA D 107 -48.59 3.65 -20.02
CA ALA D 107 -48.93 2.26 -20.30
C ALA D 107 -50.21 1.83 -19.61
N GLY D 108 -50.67 2.64 -18.65
CA GLY D 108 -51.83 2.32 -17.85
C GLY D 108 -51.61 1.12 -16.96
N MET D 109 -50.38 0.96 -16.46
CA MET D 109 -49.99 -0.22 -15.71
C MET D 109 -49.24 0.14 -14.44
N PRO D 110 -49.37 -0.72 -13.41
CA PRO D 110 -48.49 -0.61 -12.26
C PRO D 110 -47.04 -0.77 -12.71
N LEU D 111 -46.12 -0.10 -12.04
CA LEU D 111 -44.72 -0.10 -12.43
C LEU D 111 -44.18 -1.52 -12.64
N HIS D 112 -44.46 -2.42 -11.71
CA HIS D 112 -43.86 -3.75 -11.81
C HIS D 112 -44.34 -4.53 -13.04
N GLN D 113 -45.49 -4.14 -13.59
CA GLN D 113 -45.99 -4.82 -14.77
C GLN D 113 -45.14 -4.48 -16.01
N LEU D 114 -44.58 -3.28 -16.06
CA LEU D 114 -43.69 -2.96 -17.19
C LEU D 114 -42.51 -3.92 -17.22
N PHE D 115 -42.03 -4.30 -16.03
CA PHE D 115 -40.81 -5.06 -15.89
C PHE D 115 -40.97 -6.49 -16.40
N GLY D 116 -42.22 -6.95 -16.44
CA GLY D 116 -42.50 -8.33 -16.75
C GLY D 116 -43.44 -8.94 -15.72
N GLY D 117 -43.94 -8.11 -14.81
CA GLY D 117 -44.96 -8.56 -13.88
C GLY D 117 -44.41 -9.25 -12.64
N LYS D 118 -45.31 -9.87 -11.87
CA LYS D 118 -44.94 -10.47 -10.60
C LYS D 118 -44.26 -11.81 -10.77
N SER D 119 -43.34 -12.10 -9.85
CA SER D 119 -42.87 -13.47 -9.66
C SER D 119 -43.10 -13.92 -8.21
N ARG D 120 -43.85 -13.12 -7.45
CA ARG D 120 -44.35 -13.53 -6.14
C ARG D 120 -45.59 -12.69 -5.86
N ASP D 121 -46.36 -13.09 -4.85
CA ASP D 121 -47.64 -12.43 -4.58
C ASP D 121 -47.46 -11.14 -3.78
N ALA D 122 -46.47 -11.15 -2.90
CA ALA D 122 -46.12 -9.99 -2.09
C ALA D 122 -44.75 -10.26 -1.49
N ILE D 123 -44.11 -9.21 -0.97
CA ILE D 123 -42.77 -9.37 -0.40
C ILE D 123 -42.85 -9.38 1.12
N PRO D 124 -42.16 -10.32 1.77
CA PRO D 124 -42.10 -10.30 3.25
C PRO D 124 -41.40 -9.04 3.74
N VAL D 125 -41.69 -8.66 4.98
CA VAL D 125 -41.13 -7.45 5.55
C VAL D 125 -40.42 -7.78 6.87
N TYR D 126 -39.32 -7.08 7.13
CA TYR D 126 -38.77 -7.07 8.50
C TYR D 126 -38.79 -5.66 9.03
N THR D 127 -38.88 -5.54 10.35
CA THR D 127 -38.88 -4.21 10.95
C THR D 127 -37.83 -4.15 12.06
N HIS D 128 -37.80 -3.03 12.79
CA HIS D 128 -36.71 -2.69 13.70
C HIS D 128 -37.16 -2.68 15.15
N ALA D 129 -36.48 -3.47 15.99
CA ALA D 129 -36.67 -3.43 17.43
C ALA D 129 -35.35 -3.08 18.12
N THR D 130 -35.21 -1.84 18.55
CA THR D 130 -33.99 -1.40 19.22
C THR D 130 -34.33 -0.79 20.57
N SER D 131 -33.62 -1.20 21.61
CA SER D 131 -33.85 -0.67 22.95
C SER D 131 -32.62 -0.84 23.83
N ASP D 132 -32.54 -0.06 24.90
CA ASP D 132 -31.42 -0.17 25.82
C ASP D 132 -31.60 -1.33 26.79
N THR D 133 -32.85 -1.79 26.92
CA THR D 133 -33.11 -2.94 27.79
C THR D 133 -33.64 -4.11 26.97
N MET D 134 -33.38 -5.32 27.44
CA MET D 134 -33.96 -6.49 26.81
C MET D 134 -35.49 -6.42 26.84
N GLU D 135 -36.03 -5.86 27.92
CA GLU D 135 -37.48 -5.78 28.05
C GLU D 135 -38.09 -4.78 27.08
N GLY D 136 -37.33 -3.75 26.74
CA GLY D 136 -37.74 -2.83 25.69
C GLY D 136 -37.82 -3.57 24.37
N ILE D 137 -36.82 -4.40 24.09
CA ILE D 137 -36.83 -5.21 22.88
C ILE D 137 -38.01 -6.17 22.87
N TYR D 138 -38.23 -6.85 24.01
CA TYR D 138 -39.35 -7.80 24.11
C TYR D 138 -40.67 -7.10 23.83
N ASP D 139 -40.85 -5.90 24.36
CA ASP D 139 -42.06 -5.14 24.17
C ASP D 139 -42.32 -4.86 22.70
N LEU D 140 -41.27 -4.45 22.00
CA LEU D 140 -41.36 -4.11 20.58
C LEU D 140 -41.62 -5.37 19.77
N VAL D 141 -40.82 -6.39 20.03
CA VAL D 141 -40.96 -7.69 19.38
C VAL D 141 -42.40 -8.23 19.49
N GLU D 142 -42.96 -8.18 20.68
CA GLU D 142 -44.29 -8.76 20.87
C GLU D 142 -45.37 -7.96 20.12
N GLY D 143 -45.21 -6.65 20.05
CA GLY D 143 -46.08 -5.84 19.22
C GLY D 143 -45.99 -6.26 17.76
N PHE D 144 -44.77 -6.43 17.27
CA PHE D 144 -44.57 -6.78 15.86
C PHE D 144 -45.14 -8.16 15.55
N LEU D 145 -44.95 -9.10 16.46
CA LEU D 145 -45.47 -10.46 16.26
C LEU D 145 -46.98 -10.44 16.15
N GLU D 146 -47.62 -9.62 16.98
CA GLU D 146 -49.08 -9.49 16.93
C GLU D 146 -49.55 -8.98 15.57
N LYS D 147 -48.70 -8.21 14.89
CA LYS D 147 -49.05 -7.67 13.59
C LYS D 147 -48.73 -8.64 12.46
N GLY D 148 -48.13 -9.79 12.77
CA GLY D 148 -47.83 -10.79 11.77
C GLY D 148 -46.42 -10.76 11.19
N TYR D 149 -45.54 -9.93 11.75
CA TYR D 149 -44.15 -9.92 11.32
C TYR D 149 -43.50 -11.25 11.70
N LYS D 150 -42.63 -11.74 10.83
CA LYS D 150 -41.93 -13.01 11.08
C LYS D 150 -40.43 -12.82 10.99
N HIS D 151 -40.00 -11.56 10.86
CA HIS D 151 -38.59 -11.20 10.74
C HIS D 151 -38.43 -9.88 11.44
N ILE D 152 -37.47 -9.79 12.35
CA ILE D 152 -37.25 -8.57 13.13
C ILE D 152 -35.77 -8.31 13.35
N ARG D 153 -35.33 -7.09 13.05
CA ARG D 153 -33.95 -6.70 13.29
C ARG D 153 -33.87 -6.18 14.71
N CYS D 154 -33.04 -6.84 15.53
CA CYS D 154 -32.98 -6.55 16.95
C CYS D 154 -31.63 -5.99 17.33
N GLN D 155 -31.66 -4.97 18.18
CA GLN D 155 -30.42 -4.40 18.70
C GLN D 155 -30.59 -4.05 20.18
N LEU D 156 -29.65 -4.52 20.99
CA LEU D 156 -29.63 -4.22 22.42
C LEU D 156 -28.58 -3.17 22.68
N GLY D 157 -29.02 -2.06 23.28
CA GLY D 157 -28.12 -0.98 23.65
C GLY D 157 -28.03 0.06 22.55
N PHE D 158 -27.59 1.24 22.93
CA PHE D 158 -27.31 2.30 21.97
C PHE D 158 -25.82 2.62 22.03
N TYR D 159 -25.19 2.79 20.88
CA TYR D 159 -23.72 2.88 20.81
C TYR D 159 -23.19 4.18 20.22
N GLY D 160 -22.97 5.14 21.12
CA GLY D 160 -22.46 6.44 20.74
C GLY D 160 -22.88 7.50 21.73
N GLY D 161 -21.98 7.84 22.65
CA GLY D 161 -22.25 8.87 23.64
C GLY D 161 -20.99 9.51 24.18
N VAL D 162 -21.05 9.97 25.42
CA VAL D 162 -19.89 10.59 26.05
C VAL D 162 -18.77 9.58 26.30
N PRO D 163 -17.52 10.03 26.17
CA PRO D 163 -16.35 9.16 26.33
C PRO D 163 -16.14 8.79 27.80
N THR D 164 -16.77 9.54 28.70
CA THR D 164 -16.64 9.34 30.14
C THR D 164 -16.99 7.93 30.61
N ASP D 165 -17.91 7.26 29.92
CA ASP D 165 -18.34 5.92 30.30
C ASP D 165 -17.30 4.85 29.96
N LEU D 166 -16.32 5.24 29.17
CA LEU D 166 -15.37 4.28 28.60
C LEU D 166 -13.96 4.52 29.13
N HIS D 167 -13.04 3.60 28.84
CA HIS D 167 -11.65 3.80 29.21
C HIS D 167 -10.98 4.73 28.19
N THR D 168 -11.26 6.02 28.32
CA THR D 168 -10.75 7.01 27.38
C THR D 168 -9.53 7.72 27.93
N THR D 169 -9.01 8.65 27.13
CA THR D 169 -7.83 9.42 27.49
C THR D 169 -8.20 10.62 28.36
N GLN D 170 -7.19 11.41 28.71
CA GLN D 170 -7.33 12.51 29.67
C GLN D 170 -8.26 13.62 29.16
N ASN D 171 -8.16 13.93 27.88
CA ASN D 171 -9.00 14.95 27.27
C ASN D 171 -9.47 14.50 25.89
N PRO D 172 -10.49 13.64 25.85
CA PRO D 172 -10.99 13.03 24.61
C PRO D 172 -11.49 14.07 23.60
N THR D 173 -11.13 13.89 22.34
CA THR D 173 -11.67 14.71 21.28
C THR D 173 -13.19 14.54 21.24
N GLU D 174 -13.91 15.63 21.00
CA GLU D 174 -15.36 15.60 20.91
C GLU D 174 -15.80 14.54 19.90
N GLY D 175 -16.83 13.77 20.25
CA GLY D 175 -17.36 12.77 19.34
C GLY D 175 -18.38 11.84 19.98
N SER D 176 -18.81 10.83 19.22
CA SER D 176 -19.77 9.85 19.70
C SER D 176 -19.03 8.56 19.96
N TYR D 177 -18.76 8.28 21.23
CA TYR D 177 -17.87 7.20 21.62
C TYR D 177 -18.57 5.87 21.84
N TYR D 178 -17.87 4.79 21.52
CA TYR D 178 -18.35 3.45 21.86
C TYR D 178 -17.19 2.50 22.01
N ASP D 179 -17.48 1.33 22.58
CA ASP D 179 -16.48 0.31 22.78
C ASP D 179 -16.90 -0.91 22.00
N GLN D 180 -16.02 -1.37 21.11
CA GLN D 180 -16.36 -2.48 20.22
C GLN D 180 -16.60 -3.77 20.96
N ASP D 181 -15.82 -4.03 22.00
CA ASP D 181 -15.99 -5.27 22.75
C ASP D 181 -17.31 -5.30 23.52
N GLN D 182 -17.65 -4.19 24.16
CA GLN D 182 -18.92 -4.05 24.86
C GLN D 182 -20.07 -4.29 23.90
N TYR D 183 -19.98 -3.66 22.73
CA TYR D 183 -21.01 -3.82 21.71
C TYR D 183 -21.18 -5.28 21.29
N MET D 184 -20.09 -5.96 20.99
CA MET D 184 -20.20 -7.37 20.60
C MET D 184 -20.78 -8.22 21.74
N ASP D 185 -20.30 -8.00 22.97
CA ASP D 185 -20.74 -8.84 24.08
C ASP D 185 -22.24 -8.67 24.31
N ASN D 186 -22.72 -7.43 24.28
CA ASN D 186 -24.15 -7.17 24.45
C ASN D 186 -24.97 -7.84 23.36
N THR D 187 -24.44 -7.82 22.15
CA THR D 187 -25.17 -8.32 21.00
C THR D 187 -25.30 -9.84 21.06
N LEU D 188 -24.23 -10.51 21.45
CA LEU D 188 -24.27 -11.96 21.61
C LEU D 188 -25.24 -12.35 22.75
N THR D 189 -25.20 -11.59 23.85
CA THR D 189 -26.13 -11.84 24.94
C THR D 189 -27.57 -11.67 24.46
N MET D 190 -27.81 -10.60 23.71
CA MET D 190 -29.12 -10.34 23.14
C MET D 190 -29.65 -11.53 22.32
N PHE D 191 -28.82 -12.03 21.41
CA PHE D 191 -29.20 -13.18 20.58
C PHE D 191 -29.54 -14.39 21.44
N LYS D 192 -28.71 -14.68 22.43
CA LYS D 192 -28.92 -15.82 23.30
C LYS D 192 -30.25 -15.70 24.03
N SER D 193 -30.50 -14.51 24.57
CA SER D 193 -31.74 -14.25 25.30
C SER D 193 -32.97 -14.36 24.41
N LEU D 194 -32.86 -13.88 23.18
CA LEU D 194 -33.99 -13.92 22.25
C LEU D 194 -34.35 -15.36 21.87
N ARG D 195 -33.34 -16.18 21.64
CA ARG D 195 -33.60 -17.57 21.26
C ARG D 195 -34.17 -18.38 22.42
N GLU D 196 -33.68 -18.12 23.63
CA GLU D 196 -34.26 -18.76 24.80
C GLU D 196 -35.70 -18.33 25.00
N LYS D 197 -35.99 -17.05 24.77
CA LYS D 197 -37.33 -16.53 25.03
C LYS D 197 -38.35 -16.89 23.94
N TYR D 198 -37.92 -16.85 22.69
CA TYR D 198 -38.86 -16.98 21.56
C TYR D 198 -38.63 -18.20 20.65
N GLY D 199 -37.51 -18.89 20.83
CA GLY D 199 -37.17 -19.99 19.94
C GLY D 199 -37.06 -19.47 18.52
N ASN D 200 -37.81 -20.11 17.63
CA ASN D 200 -37.82 -19.77 16.22
C ASN D 200 -39.09 -19.05 15.79
N GLN D 201 -39.75 -18.37 16.73
CA GLN D 201 -40.98 -17.66 16.42
C GLN D 201 -40.77 -16.64 15.30
N PHE D 202 -39.61 -15.99 15.30
CA PHE D 202 -39.28 -15.06 14.22
C PHE D 202 -37.81 -15.20 13.83
N HIS D 203 -37.51 -14.78 12.62
CA HIS D 203 -36.14 -14.70 12.16
C HIS D 203 -35.55 -13.43 12.73
N ILE D 204 -34.33 -13.53 13.26
CA ILE D 204 -33.67 -12.38 13.88
C ILE D 204 -32.59 -11.82 12.95
N LEU D 205 -32.68 -10.53 12.66
CA LEU D 205 -31.63 -9.87 11.92
C LEU D 205 -30.83 -8.96 12.85
N HIS D 206 -29.61 -8.61 12.48
CA HIS D 206 -28.86 -7.65 13.27
C HIS D 206 -27.88 -6.90 12.39
N ASP D 207 -27.73 -5.60 12.66
CA ASP D 207 -26.92 -4.72 11.83
C ASP D 207 -25.66 -4.30 12.58
N VAL D 208 -24.52 -4.85 12.18
CA VAL D 208 -23.24 -4.54 12.80
C VAL D 208 -22.79 -3.11 12.42
N HIS D 209 -23.33 -2.59 11.32
CA HIS D 209 -23.14 -1.19 10.98
C HIS D 209 -21.68 -0.75 10.93
N GLU D 210 -20.85 -1.61 10.33
CA GLU D 210 -19.41 -1.38 10.16
C GLU D 210 -18.66 -0.95 11.43
N ARG D 211 -19.13 -1.42 12.58
CA ARG D 211 -18.56 -1.02 13.86
C ARG D 211 -17.23 -1.69 14.20
N LEU D 212 -16.85 -2.71 13.45
CA LEU D 212 -15.77 -3.60 13.86
C LEU D 212 -14.54 -3.55 12.95
N PHE D 213 -13.39 -3.91 13.52
CA PHE D 213 -12.21 -4.20 12.71
C PHE D 213 -12.35 -5.59 12.13
N PRO D 214 -11.58 -5.90 11.07
CA PRO D 214 -11.74 -7.22 10.45
C PRO D 214 -11.53 -8.41 11.40
N ASN D 215 -10.54 -8.38 12.28
CA ASN D 215 -10.32 -9.50 13.17
C ASN D 215 -11.49 -9.67 14.14
N GLN D 216 -12.10 -8.56 14.54
CA GLN D 216 -13.30 -8.64 15.37
C GLN D 216 -14.48 -9.20 14.59
N ALA D 217 -14.60 -8.78 13.34
CA ALA D 217 -15.72 -9.23 12.52
C ALA D 217 -15.73 -10.75 12.37
N ILE D 218 -14.56 -11.34 12.16
CA ILE D 218 -14.56 -12.79 11.96
C ILE D 218 -14.84 -13.54 13.25
N GLN D 219 -14.31 -13.02 14.36
CA GLN D 219 -14.60 -13.62 15.67
C GLN D 219 -16.10 -13.53 15.96
N PHE D 220 -16.68 -12.37 15.71
CA PHE D 220 -18.11 -12.18 15.89
C PHE D 220 -18.94 -13.12 15.00
N ALA D 221 -18.54 -13.28 13.74
CA ALA D 221 -19.25 -14.18 12.83
C ALA D 221 -19.29 -15.60 13.39
N LYS D 222 -18.17 -16.06 13.92
CA LYS D 222 -18.12 -17.43 14.42
C LYS D 222 -18.99 -17.60 15.65
N GLU D 223 -18.97 -16.62 16.54
CA GLU D 223 -19.74 -16.70 17.77
C GLU D 223 -21.24 -16.57 17.54
N VAL D 224 -21.64 -15.79 16.53
CA VAL D 224 -23.07 -15.52 16.35
C VAL D 224 -23.73 -16.61 15.52
N GLU D 225 -22.92 -17.38 14.81
CA GLU D 225 -23.42 -18.44 13.93
C GLU D 225 -24.47 -19.34 14.60
N GLN D 226 -24.22 -19.74 15.84
CA GLN D 226 -25.10 -20.68 16.54
C GLN D 226 -26.53 -20.16 16.67
N TYR D 227 -26.70 -18.84 16.62
CA TYR D 227 -28.02 -18.26 16.80
C TYR D 227 -28.79 -18.10 15.48
N LYS D 228 -28.13 -18.45 14.39
CA LYS D 228 -28.79 -18.55 13.08
C LYS D 228 -29.54 -17.29 12.66
N PRO D 229 -28.84 -16.14 12.66
CA PRO D 229 -29.49 -14.91 12.21
C PRO D 229 -29.90 -15.02 10.75
N TYR D 230 -31.00 -14.38 10.40
CA TYR D 230 -31.49 -14.39 9.03
C TYR D 230 -30.45 -13.72 8.13
N PHE D 231 -29.97 -12.56 8.56
CA PHE D 231 -28.65 -12.13 8.12
C PHE D 231 -28.00 -11.20 9.15
N ILE D 232 -26.68 -11.18 9.12
CA ILE D 232 -25.91 -10.16 9.83
C ILE D 232 -25.50 -9.14 8.78
N GLU D 233 -25.80 -7.89 9.05
CA GLU D 233 -25.69 -6.81 8.06
C GLU D 233 -24.45 -5.95 8.30
N ASP D 234 -23.78 -5.56 7.21
CA ASP D 234 -22.61 -4.69 7.24
C ASP D 234 -21.59 -5.05 8.32
N ILE D 235 -21.15 -6.30 8.28
CA ILE D 235 -20.22 -6.82 9.26
C ILE D 235 -18.84 -6.20 9.03
N LEU D 236 -18.64 -5.65 7.83
CA LEU D 236 -17.41 -4.92 7.49
C LEU D 236 -17.77 -3.66 6.70
N PRO D 237 -16.91 -2.64 6.73
CA PRO D 237 -17.10 -1.45 5.88
C PRO D 237 -16.86 -1.79 4.40
N PRO D 238 -17.32 -0.93 3.48
CA PRO D 238 -17.27 -1.31 2.07
C PRO D 238 -15.86 -1.43 1.48
N ASN D 239 -14.86 -0.89 2.17
CA ASN D 239 -13.48 -0.93 1.68
C ASN D 239 -12.66 -2.07 2.27
N GLN D 240 -13.30 -2.98 3.03
N GLN D 240 -13.33 -2.97 3.00
CA GLN D 240 -12.55 -4.12 3.54
CA GLN D 240 -12.64 -4.10 3.62
C GLN D 240 -13.31 -5.44 3.31
C GLN D 240 -13.33 -5.44 3.33
N THR D 241 -14.13 -5.46 2.28
CA THR D 241 -14.93 -6.67 2.00
C THR D 241 -14.10 -7.86 1.50
N GLU D 242 -12.84 -7.60 1.12
CA GLU D 242 -11.95 -8.70 0.77
C GLU D 242 -11.79 -9.65 1.97
N TRP D 243 -11.95 -9.11 3.18
CA TRP D 243 -11.86 -9.91 4.39
C TRP D 243 -13.03 -10.86 4.56
N LEU D 244 -14.06 -10.74 3.73
CA LEU D 244 -15.17 -11.68 3.81
C LEU D 244 -14.74 -13.11 3.47
N ASP D 245 -13.66 -13.23 2.70
CA ASP D 245 -13.23 -14.57 2.30
C ASP D 245 -12.90 -15.44 3.49
N ASN D 246 -12.23 -14.86 4.49
CA ASN D 246 -11.84 -15.65 5.65
C ASN D 246 -13.06 -16.04 6.48
N ILE D 247 -14.07 -15.19 6.46
CA ILE D 247 -15.32 -15.50 7.15
C ILE D 247 -16.03 -16.64 6.42
N ARG D 248 -16.14 -16.53 5.09
CA ARG D 248 -16.85 -17.54 4.29
C ARG D 248 -16.20 -18.91 4.37
N SER D 249 -14.91 -18.94 4.67
CA SER D 249 -14.19 -20.21 4.71
C SER D 249 -14.40 -20.97 6.02
N GLN D 250 -14.99 -20.32 7.01
CA GLN D 250 -15.12 -20.99 8.30
C GLN D 250 -16.40 -20.72 9.07
N SER D 251 -17.27 -19.88 8.53
CA SER D 251 -18.57 -19.64 9.15
C SER D 251 -19.70 -19.80 8.14
N SER D 252 -20.84 -20.28 8.63
CA SER D 252 -22.02 -20.44 7.80
C SER D 252 -23.00 -19.28 8.00
N VAL D 253 -22.56 -18.25 8.71
CA VAL D 253 -23.45 -17.12 8.97
C VAL D 253 -23.90 -16.46 7.68
N SER D 254 -25.18 -16.12 7.62
CA SER D 254 -25.73 -15.39 6.48
C SER D 254 -25.39 -13.90 6.56
N LEU D 255 -24.96 -13.33 5.45
CA LEU D 255 -24.46 -11.95 5.44
C LEU D 255 -25.21 -11.09 4.44
N GLY D 256 -25.57 -9.89 4.88
CA GLY D 256 -26.10 -8.87 3.99
C GLY D 256 -25.13 -7.70 4.01
N LEU D 257 -24.93 -7.05 2.87
CA LEU D 257 -24.04 -5.90 2.83
C LEU D 257 -24.37 -5.04 1.63
N GLY D 258 -24.15 -3.73 1.74
CA GLY D 258 -24.17 -2.89 0.56
C GLY D 258 -24.95 -1.60 0.61
N GLU D 259 -25.60 -1.28 1.73
CA GLU D 259 -26.40 -0.05 1.74
C GLU D 259 -25.52 1.16 1.43
N LEU D 260 -24.23 1.06 1.72
CA LEU D 260 -23.30 2.17 1.47
C LEU D 260 -22.84 2.34 0.02
N PHE D 261 -23.09 1.36 -0.84
CA PHE D 261 -22.47 1.36 -2.17
C PHE D 261 -23.03 2.44 -3.10
N ASN D 262 -22.14 3.15 -3.80
CA ASN D 262 -22.55 4.00 -4.90
C ASN D 262 -21.65 3.87 -6.12
N ASN D 263 -20.82 2.82 -6.12
CA ASN D 263 -19.90 2.58 -7.22
C ASN D 263 -19.90 1.08 -7.57
N PRO D 264 -20.08 0.72 -8.85
CA PRO D 264 -20.20 -0.70 -9.18
C PRO D 264 -18.98 -1.51 -8.75
N GLU D 265 -17.81 -0.87 -8.71
CA GLU D 265 -16.62 -1.60 -8.27
C GLU D 265 -16.71 -2.03 -6.81
N GLU D 266 -17.63 -1.46 -6.04
CA GLU D 266 -17.83 -1.89 -4.66
C GLU D 266 -18.52 -3.25 -4.57
N TRP D 267 -19.35 -3.57 -5.56
CA TRP D 267 -20.14 -4.79 -5.50
C TRP D 267 -19.76 -5.87 -6.50
N LYS D 268 -19.05 -5.52 -7.57
CA LYS D 268 -18.82 -6.51 -8.61
C LYS D 268 -18.05 -7.76 -8.15
N SER D 269 -16.89 -7.56 -7.56
CA SER D 269 -16.10 -8.70 -7.11
C SER D 269 -16.80 -9.40 -5.95
N LEU D 270 -17.43 -8.60 -5.09
CA LEU D 270 -18.18 -9.10 -3.94
C LEU D 270 -19.20 -10.16 -4.35
N ILE D 271 -20.00 -9.83 -5.36
CA ILE D 271 -21.05 -10.72 -5.84
C ILE D 271 -20.51 -11.90 -6.65
N ALA D 272 -19.59 -11.62 -7.58
CA ALA D 272 -19.04 -12.68 -8.42
C ALA D 272 -18.34 -13.75 -7.60
N ASN D 273 -17.86 -13.35 -6.43
CA ASN D 273 -17.20 -14.31 -5.54
C ASN D 273 -18.07 -14.81 -4.39
N ARG D 274 -19.36 -14.50 -4.46
CA ARG D 274 -20.33 -15.06 -3.53
C ARG D 274 -19.99 -14.69 -2.08
N ARG D 275 -19.51 -13.47 -1.86
CA ARG D 275 -19.04 -13.08 -0.54
C ARG D 275 -20.18 -12.67 0.39
N ILE D 276 -21.36 -12.46 -0.20
CA ILE D 276 -22.57 -12.13 0.57
C ILE D 276 -23.76 -12.94 0.11
N ASP D 277 -24.81 -12.92 0.92
CA ASP D 277 -26.00 -13.70 0.64
C ASP D 277 -27.17 -12.80 0.26
N PHE D 278 -27.11 -11.55 0.74
CA PHE D 278 -28.13 -10.56 0.44
C PHE D 278 -27.48 -9.23 0.09
N ILE D 279 -27.80 -8.71 -1.10
CA ILE D 279 -27.34 -7.38 -1.49
C ILE D 279 -28.27 -6.34 -0.86
N ARG D 280 -27.68 -5.27 -0.34
CA ARG D 280 -28.41 -4.33 0.51
C ARG D 280 -28.42 -2.91 -0.03
N CYS D 281 -28.16 -2.74 -1.32
CA CYS D 281 -27.98 -1.39 -1.83
C CYS D 281 -29.19 -0.55 -1.61
N HIS D 282 -28.95 0.75 -1.48
CA HIS D 282 -29.99 1.73 -1.44
C HIS D 282 -30.21 2.14 -2.90
N VAL D 283 -31.41 1.89 -3.41
CA VAL D 283 -31.66 2.04 -4.83
C VAL D 283 -31.30 3.42 -5.38
N SER D 284 -31.64 4.50 -4.67
CA SER D 284 -31.27 5.81 -5.17
C SER D 284 -29.76 6.10 -5.14
N GLN D 285 -29.02 5.41 -4.28
CA GLN D 285 -27.57 5.56 -4.24
C GLN D 285 -26.86 5.00 -5.46
N ILE D 286 -27.48 4.04 -6.14
CA ILE D 286 -26.86 3.44 -7.33
C ILE D 286 -27.42 4.03 -8.61
N GLY D 287 -28.40 4.92 -8.47
CA GLY D 287 -28.89 5.69 -9.60
C GLY D 287 -30.28 5.36 -10.09
N GLY D 288 -31.01 4.58 -9.31
CA GLY D 288 -32.42 4.38 -9.58
C GLY D 288 -32.85 2.99 -10.01
N ILE D 289 -34.04 2.94 -10.60
CA ILE D 289 -34.63 1.69 -11.07
C ILE D 289 -33.79 1.04 -12.15
N THR D 290 -33.34 1.84 -13.10
CA THR D 290 -32.60 1.31 -14.26
C THR D 290 -31.41 0.44 -13.83
N PRO D 291 -30.51 0.98 -13.00
CA PRO D 291 -29.41 0.13 -12.53
C PRO D 291 -29.85 -0.96 -11.53
N ALA D 292 -30.94 -0.75 -10.81
CA ALA D 292 -31.39 -1.76 -9.84
C ALA D 292 -31.85 -3.06 -10.53
N LEU D 293 -32.53 -2.93 -11.68
CA LEU D 293 -32.89 -4.11 -12.45
C LEU D 293 -31.63 -4.89 -12.85
N LYS D 294 -30.63 -4.19 -13.36
CA LYS D 294 -29.43 -4.88 -13.83
C LYS D 294 -28.70 -5.54 -12.67
N LEU D 295 -28.63 -4.85 -11.54
CA LEU D 295 -27.91 -5.39 -10.39
C LEU D 295 -28.65 -6.59 -9.82
N GLY D 296 -29.98 -6.50 -9.80
CA GLY D 296 -30.81 -7.62 -9.41
C GLY D 296 -30.52 -8.85 -10.27
N HIS D 297 -30.44 -8.63 -11.58
CA HIS D 297 -30.16 -9.73 -12.50
C HIS D 297 -28.74 -10.30 -12.30
N LEU D 298 -27.78 -9.42 -12.03
CA LEU D 298 -26.41 -9.84 -11.75
C LEU D 298 -26.39 -10.75 -10.53
N CYS D 299 -27.06 -10.32 -9.48
CA CYS D 299 -27.17 -11.12 -8.27
C CYS D 299 -27.85 -12.47 -8.54
N GLN D 300 -28.87 -12.47 -9.38
CA GLN D 300 -29.58 -13.71 -9.73
C GLN D 300 -28.63 -14.74 -10.33
N ASN D 301 -27.76 -14.29 -11.23
CA ASN D 301 -26.78 -15.17 -11.87
C ASN D 301 -25.91 -15.89 -10.84
N PHE D 302 -25.54 -15.17 -9.78
CA PHE D 302 -24.58 -15.67 -8.82
C PHE D 302 -25.22 -16.25 -7.56
N GLY D 303 -26.54 -16.29 -7.52
CA GLY D 303 -27.23 -16.89 -6.39
C GLY D 303 -27.31 -16.00 -5.16
N VAL D 304 -27.25 -14.69 -5.38
CA VAL D 304 -27.35 -13.73 -4.29
C VAL D 304 -28.77 -13.17 -4.28
N ARG D 305 -29.37 -13.07 -3.10
CA ARG D 305 -30.72 -12.55 -2.99
C ARG D 305 -30.74 -11.05 -2.67
N ILE D 306 -31.91 -10.44 -2.76
CA ILE D 306 -32.02 -8.98 -2.66
C ILE D 306 -32.75 -8.52 -1.42
N ALA D 307 -32.12 -7.59 -0.70
CA ALA D 307 -32.74 -6.95 0.45
C ALA D 307 -32.42 -5.46 0.41
N TRP D 308 -33.03 -4.74 -0.51
CA TRP D 308 -32.69 -3.33 -0.69
C TRP D 308 -32.84 -2.58 0.62
N HIS D 309 -31.93 -1.66 0.87
CA HIS D 309 -32.03 -0.80 2.05
C HIS D 309 -33.29 0.06 1.98
N CYS D 310 -34.14 -0.04 3.02
CA CYS D 310 -35.42 0.67 3.06
C CYS D 310 -35.72 1.17 4.47
N ALA D 311 -34.77 1.84 5.08
CA ALA D 311 -35.01 2.47 6.38
C ALA D 311 -35.78 3.77 6.18
N PRO D 312 -36.13 4.46 7.28
CA PRO D 312 -36.98 5.67 7.17
C PRO D 312 -36.37 6.81 6.36
N ASP D 313 -35.08 6.75 6.07
CA ASP D 313 -34.48 7.84 5.31
C ASP D 313 -34.66 7.63 3.80
N MET D 314 -35.92 7.63 3.38
CA MET D 314 -36.33 7.38 2.00
C MET D 314 -37.81 7.73 1.92
N THR D 315 -38.25 8.26 0.78
CA THR D 315 -39.66 8.62 0.63
C THR D 315 -40.51 7.36 0.46
N PRO D 316 -41.82 7.48 0.75
CA PRO D 316 -42.73 6.37 0.47
C PRO D 316 -42.82 6.10 -1.02
N ILE D 317 -42.41 7.07 -1.84
CA ILE D 317 -42.33 6.88 -3.27
C ILE D 317 -41.24 5.86 -3.55
N GLY D 318 -40.09 6.06 -2.91
CA GLY D 318 -38.98 5.12 -3.01
C GLY D 318 -39.36 3.75 -2.47
N ALA D 319 -40.11 3.74 -1.37
CA ALA D 319 -40.55 2.47 -0.78
C ALA D 319 -41.45 1.70 -1.73
N ALA D 320 -42.39 2.42 -2.35
CA ALA D 320 -43.28 1.79 -3.33
C ALA D 320 -42.50 1.24 -4.51
N VAL D 321 -41.52 2.01 -4.98
CA VAL D 321 -40.66 1.54 -6.07
C VAL D 321 -39.97 0.24 -5.66
N ASN D 322 -39.43 0.18 -4.45
CA ASN D 322 -38.80 -1.04 -4.01
C ASN D 322 -39.76 -2.23 -3.92
N THR D 323 -41.01 -1.97 -3.52
CA THR D 323 -41.98 -3.05 -3.52
C THR D 323 -42.28 -3.55 -4.94
N HIS D 324 -42.38 -2.63 -5.90
CA HIS D 324 -42.53 -3.05 -7.30
C HIS D 324 -41.34 -3.93 -7.75
N LEU D 325 -40.13 -3.47 -7.45
CA LEU D 325 -38.93 -4.26 -7.75
C LEU D 325 -38.96 -5.59 -7.03
N ASN D 326 -39.47 -5.57 -5.79
CA ASN D 326 -39.48 -6.77 -4.95
C ASN D 326 -40.49 -7.85 -5.37
N VAL D 327 -41.63 -7.44 -5.93
CA VAL D 327 -42.57 -8.45 -6.39
C VAL D 327 -42.21 -8.95 -7.77
N HIS D 328 -41.36 -8.19 -8.47
CA HIS D 328 -40.93 -8.58 -9.82
C HIS D 328 -39.67 -9.45 -9.85
N LEU D 329 -38.58 -8.99 -9.24
CA LEU D 329 -37.33 -9.74 -9.31
C LEU D 329 -37.42 -11.04 -8.54
N HIS D 330 -37.17 -12.15 -9.23
CA HIS D 330 -37.40 -13.46 -8.65
C HIS D 330 -36.54 -13.71 -7.44
N ASN D 331 -35.35 -13.08 -7.39
CA ASN D 331 -34.44 -13.27 -6.28
C ASN D 331 -34.58 -12.25 -5.14
N ALA D 332 -35.65 -11.44 -5.17
CA ALA D 332 -35.90 -10.54 -4.04
C ALA D 332 -36.28 -11.39 -2.82
N ALA D 333 -35.81 -11.00 -1.64
CA ALA D 333 -36.00 -11.80 -0.42
C ALA D 333 -36.93 -11.12 0.58
N ILE D 334 -36.66 -9.86 0.89
CA ILE D 334 -37.38 -9.23 1.98
C ILE D 334 -37.25 -7.72 1.88
N GLN D 335 -38.26 -7.01 2.39
CA GLN D 335 -38.26 -5.55 2.38
C GLN D 335 -38.25 -5.01 3.81
N GLU D 336 -37.20 -4.27 4.13
CA GLU D 336 -37.08 -3.56 5.37
C GLU D 336 -38.20 -2.52 5.48
N HIS D 337 -38.78 -2.36 6.66
CA HIS D 337 -39.84 -1.37 6.82
C HIS D 337 -39.93 -0.82 8.24
N VAL D 338 -40.16 0.48 8.33
CA VAL D 338 -40.56 1.09 9.58
C VAL D 338 -41.86 1.85 9.32
N GLU D 339 -42.86 1.62 10.19
CA GLU D 339 -44.16 2.24 10.06
C GLU D 339 -44.02 3.75 9.84
N TYR D 340 -44.84 4.31 8.96
CA TYR D 340 -44.80 5.74 8.70
C TYR D 340 -45.65 6.48 9.73
N ASN D 341 -45.21 7.67 10.12
CA ASN D 341 -45.99 8.50 11.03
C ASN D 341 -47.08 9.29 10.29
N GLY D 342 -47.94 9.95 11.05
CA GLY D 342 -49.06 10.68 10.45
C GLY D 342 -48.65 11.74 9.44
N ASN D 343 -47.60 12.49 9.75
CA ASN D 343 -47.10 13.53 8.84
C ASN D 343 -46.70 12.98 7.48
N THR D 344 -45.95 11.88 7.49
CA THR D 344 -45.46 11.26 6.27
C THR D 344 -46.62 10.77 5.43
N HIS D 345 -47.58 10.11 6.07
CA HIS D 345 -48.76 9.62 5.36
C HIS D 345 -49.47 10.78 4.68
N LYS D 346 -49.40 11.96 5.28
CA LYS D 346 -50.05 13.13 4.72
C LYS D 346 -49.30 13.76 3.55
N VAL D 347 -47.97 13.74 3.60
CA VAL D 347 -47.17 14.31 2.52
C VAL D 347 -47.17 13.37 1.30
N PHE D 348 -47.29 12.07 1.55
CA PHE D 348 -47.29 11.07 0.49
C PHE D 348 -48.50 10.16 0.61
N PRO D 349 -49.63 10.58 0.02
CA PRO D 349 -50.90 9.84 0.17
C PRO D 349 -50.82 8.44 -0.40
N ASN D 350 -51.56 7.51 0.22
CA ASN D 350 -51.66 6.14 -0.30
C ASN D 350 -50.41 5.31 -0.13
N ALA D 351 -49.55 5.71 0.81
CA ALA D 351 -48.38 4.91 1.12
C ALA D 351 -48.77 3.59 1.79
N ALA D 352 -48.43 2.47 1.16
CA ALA D 352 -48.77 1.15 1.70
C ALA D 352 -48.05 0.83 3.00
N GLU D 353 -48.77 0.20 3.94
CA GLU D 353 -48.16 -0.37 5.14
C GLU D 353 -48.27 -1.89 5.03
N PRO D 354 -47.37 -2.61 5.72
CA PRO D 354 -47.44 -4.08 5.65
C PRO D 354 -48.77 -4.61 6.17
N ILE D 355 -49.18 -5.77 5.67
CA ILE D 355 -50.36 -6.46 6.15
C ILE D 355 -49.95 -7.89 6.46
N ASN D 356 -50.03 -8.28 7.73
CA ASN D 356 -49.64 -9.61 8.16
C ASN D 356 -48.24 -9.99 7.70
N GLY D 357 -47.32 -9.03 7.78
CA GLY D 357 -45.92 -9.30 7.49
C GLY D 357 -45.55 -9.25 6.03
N TYR D 358 -46.43 -8.70 5.21
CA TYR D 358 -46.19 -8.60 3.77
C TYR D 358 -46.51 -7.21 3.24
N LEU D 359 -45.69 -6.74 2.32
CA LEU D 359 -45.98 -5.53 1.58
C LEU D 359 -46.46 -5.90 0.20
N TYR D 360 -47.60 -5.35 -0.18
CA TYR D 360 -48.20 -5.56 -1.49
C TYR D 360 -47.89 -4.39 -2.41
N ALA D 361 -47.52 -4.69 -3.65
CA ALA D 361 -47.25 -3.65 -4.62
C ALA D 361 -48.50 -2.86 -4.91
N SER D 362 -48.31 -1.58 -5.24
CA SER D 362 -49.42 -0.77 -5.71
C SER D 362 -50.00 -1.33 -7.02
N GLU D 363 -51.31 -1.20 -7.21
CA GLU D 363 -51.97 -1.76 -8.38
C GLU D 363 -52.65 -0.73 -9.29
N ILE D 364 -52.48 0.55 -8.99
CA ILE D 364 -52.93 1.59 -9.92
C ILE D 364 -51.84 1.85 -10.96
N ALA D 365 -52.13 2.71 -11.93
CA ALA D 365 -51.14 3.01 -12.95
C ALA D 365 -50.00 3.83 -12.34
N GLY D 366 -48.77 3.54 -12.75
CA GLY D 366 -47.63 4.28 -12.26
C GLY D 366 -47.00 3.66 -11.03
N ILE D 367 -46.22 4.44 -10.31
CA ILE D 367 -45.64 3.97 -9.05
C ILE D 367 -46.72 3.78 -8.00
N GLY D 368 -47.70 4.67 -8.00
CA GLY D 368 -48.83 4.56 -7.09
C GLY D 368 -48.81 5.54 -5.93
N VAL D 369 -47.69 6.22 -5.72
CA VAL D 369 -47.55 7.21 -4.66
C VAL D 369 -46.91 8.46 -5.23
N GLU D 370 -47.48 9.62 -4.90
CA GLU D 370 -46.94 10.88 -5.33
C GLU D 370 -46.64 11.75 -4.11
N ILE D 371 -46.36 13.02 -4.34
CA ILE D 371 -46.14 13.92 -3.21
C ILE D 371 -47.16 15.05 -3.28
N ASP D 372 -47.68 15.43 -2.13
CA ASP D 372 -48.52 16.62 -2.03
C ASP D 372 -47.59 17.80 -1.77
N ARG D 373 -47.34 18.58 -2.80
CA ARG D 373 -46.35 19.65 -2.75
C ARG D 373 -46.69 20.69 -1.68
N GLU D 374 -47.84 21.32 -1.85
CA GLU D 374 -48.28 22.35 -0.93
C GLU D 374 -48.23 21.83 0.51
N ALA D 375 -48.43 20.52 0.66
CA ALA D 375 -48.40 19.88 1.98
C ALA D 375 -46.97 19.55 2.45
N ALA D 376 -46.07 19.30 1.51
CA ALA D 376 -44.67 19.01 1.86
C ALA D 376 -44.01 20.25 2.45
N ALA D 377 -44.50 21.41 2.03
CA ALA D 377 -43.91 22.69 2.44
C ALA D 377 -44.08 22.99 3.93
N GLU D 378 -44.97 22.25 4.60
CA GLU D 378 -45.18 22.43 6.03
C GLU D 378 -44.03 21.87 6.83
N PHE D 379 -43.27 20.97 6.21
CA PHE D 379 -42.16 20.31 6.86
C PHE D 379 -40.88 20.54 6.05
N PRO D 380 -40.33 21.76 6.12
CA PRO D 380 -39.17 22.15 5.32
C PRO D 380 -37.89 21.41 5.70
N VAL D 381 -36.89 21.48 4.82
CA VAL D 381 -35.59 20.90 5.07
C VAL D 381 -35.02 21.40 6.40
N MET D 382 -34.43 20.50 7.18
CA MET D 382 -33.82 20.85 8.46
C MET D 382 -32.34 20.49 8.52
N TYR D 383 -31.49 21.45 8.87
CA TYR D 383 -30.08 21.11 9.10
C TYR D 383 -29.98 20.17 10.29
N ARG D 384 -29.21 19.10 10.13
CA ARG D 384 -28.98 18.16 11.22
C ARG D 384 -27.49 17.86 11.32
N PRO D 385 -26.94 17.90 12.54
CA PRO D 385 -25.51 17.63 12.64
C PRO D 385 -25.16 16.14 12.47
N HIS D 386 -26.13 15.24 12.67
CA HIS D 386 -25.84 13.81 12.60
C HIS D 386 -24.61 13.44 13.42
N GLU D 387 -24.61 13.83 14.69
CA GLU D 387 -23.43 13.66 15.53
C GLU D 387 -22.91 12.22 15.55
N TRP D 388 -23.79 11.27 15.30
CA TRP D 388 -23.40 9.85 15.31
C TRP D 388 -22.37 9.50 14.25
N THR D 389 -22.25 10.33 13.21
CA THR D 389 -21.30 10.03 12.15
C THR D 389 -19.86 10.36 12.56
N GLN D 390 -19.69 11.15 13.63
N GLN D 390 -19.70 11.12 13.64
CA GLN D 390 -18.36 11.37 14.19
CA GLN D 390 -18.38 11.36 14.21
C GLN D 390 -18.14 10.32 15.28
C GLN D 390 -18.13 10.33 15.29
N SER D 391 -18.03 9.07 14.85
CA SER D 391 -17.98 7.94 15.75
C SER D 391 -16.54 7.67 16.15
N ARG D 392 -16.27 7.54 17.44
CA ARG D 392 -14.90 7.39 17.90
C ARG D 392 -14.73 6.25 18.89
N LEU D 393 -13.56 5.63 18.84
CA LEU D 393 -13.18 4.55 19.76
C LEU D 393 -12.55 5.20 20.98
N PRO D 394 -12.36 4.43 22.07
CA PRO D 394 -11.88 5.05 23.32
C PRO D 394 -10.57 5.86 23.17
N ASP D 395 -9.64 5.44 22.32
CA ASP D 395 -8.40 6.22 22.15
C ASP D 395 -8.60 7.53 21.39
N GLY D 396 -9.81 7.75 20.88
CA GLY D 396 -10.14 8.99 20.22
C GLY D 396 -10.16 8.94 18.70
N ALA D 397 -9.84 7.80 18.13
CA ALA D 397 -9.78 7.66 16.67
C ALA D 397 -11.17 7.50 16.05
N ILE D 398 -11.36 8.11 14.90
CA ILE D 398 -12.59 7.95 14.14
C ILE D 398 -12.68 6.49 13.71
N HIS D 399 -13.88 5.92 13.74
CA HIS D 399 -14.14 4.64 13.08
C HIS D 399 -15.30 4.83 12.10
N THR D 400 -15.36 4.03 11.04
CA THR D 400 -16.48 4.09 10.09
C THR D 400 -17.80 3.95 10.85
N PRO D 401 -18.73 4.88 10.66
CA PRO D 401 -19.90 4.96 11.55
C PRO D 401 -21.08 4.07 11.19
MG MG E . -7.02 12.09 -19.66
N1 EPE F . -11.99 19.22 -23.58
C2 EPE F . -11.59 19.25 -24.98
C3 EPE F . -11.08 17.84 -25.29
N4 EPE F . -12.01 16.80 -24.90
C5 EPE F . -12.87 16.99 -23.72
C6 EPE F . -13.23 18.45 -23.44
C7 EPE F . -11.58 15.45 -25.17
C8 EPE F . -12.66 14.42 -24.90
O8 EPE F . -13.73 14.64 -25.81
C9 EPE F . -12.03 20.54 -22.94
C10 EPE F . -13.41 21.18 -23.03
S EPE F . -13.51 22.62 -21.94
O1S EPE F . -14.28 23.66 -22.61
O2S EPE F . -12.15 23.09 -21.68
O3S EPE F . -14.14 22.24 -20.67
OAA D8T G . -6.14 16.17 -19.48
OAB D8T G . -9.08 15.39 -18.12
OAC D8T G . -10.53 16.02 -21.40
CAD D8T G . -6.62 15.03 -19.64
CAE D8T G . -8.04 14.96 -20.23
CAF D8T G . -9.07 15.82 -19.48
CAG D8T G . -10.49 15.64 -20.03
CAH D8T G . -11.50 16.50 -19.27
OAI D8T G . -11.12 17.88 -19.36
OAJ D8T G . -6.02 13.96 -19.35
OAK D8T G . -8.51 13.60 -20.22
MG MG H . 25.25 -8.51 -12.48
MG MG I . 42.28 -9.07 -31.79
OAA D8T J . 29.36 -8.98 -12.38
OAB D8T J . 28.22 -7.52 -9.72
OAC D8T J . 28.98 -4.39 -11.45
CAD D8T J . 28.18 -8.60 -12.41
CAE D8T J . 27.92 -7.12 -12.07
CAF D8T J . 28.66 -6.68 -10.80
CAG D8T J . 28.32 -5.23 -10.48
CAH D8T J . 28.79 -4.83 -9.08
OAI D8T J . 30.21 -4.92 -8.98
OAJ D8T J . 27.19 -9.32 -12.69
OAK D8T J . 26.52 -6.84 -11.87
MG MG K . 7.92 -10.53 20.35
N1 EPE L . 15.72 -12.53 27.03
C2 EPE L . 15.37 -12.18 25.65
C3 EPE L . 14.54 -13.32 25.06
N4 EPE L . 13.54 -13.79 26.01
C5 EPE L . 13.29 -12.97 27.18
C6 EPE L . 14.55 -12.57 27.94
C7 EPE L . 12.45 -14.57 25.47
C8 EPE L . 12.86 -15.46 24.31
O8 EPE L . 13.45 -16.64 24.78
C9 EPE L . 16.86 -11.75 27.55
C10 EPE L . 16.46 -10.62 28.50
S EPE L . 17.94 -9.73 29.06
O1S EPE L . 18.71 -9.34 27.88
O2S EPE L . 18.77 -10.60 29.90
O3S EPE L . 17.56 -8.55 29.84
OAA D8T M . 9.30 -7.90 23.19
OAB D8T M . 11.60 -8.81 21.15
OAC D8T M . 12.45 -11.48 23.52
CAD D8T M . 9.04 -8.87 22.47
CAE D8T M . 10.06 -10.03 22.49
CAF D8T M . 11.51 -9.54 22.39
CAG D8T M . 12.53 -10.68 22.33
CAH D8T M . 13.97 -10.18 22.20
OAI D8T M . 14.27 -9.28 23.27
OAJ D8T M . 8.00 -8.97 21.74
OAK D8T M . 9.84 -10.93 21.38
MG MG N . -27.99 -0.95 7.90
OAA D8T O . -31.54 1.04 8.69
OAB D8T O . -29.76 3.13 7.46
OAC D8T O . -28.11 4.08 10.57
CAD D8T O . -30.38 0.61 8.59
CAE D8T O . -29.27 1.50 9.20
CAF D8T O . -29.46 3.00 8.86
CAG D8T O . -28.25 3.87 9.15
CAH D8T O . -28.39 5.24 8.49
OAI D8T O . -29.68 5.78 8.77
OAJ D8T O . -30.07 -0.48 8.04
OAK D8T O . -27.98 1.07 8.72
#